data_3FGA
#
_entry.id   3FGA
#
_cell.length_a   104.940
_cell.length_b   145.856
_cell.length_c   294.153
_cell.angle_alpha   90.000
_cell.angle_beta   90.000
_cell.angle_gamma   90.000
#
_symmetry.space_group_name_H-M   'C 2 2 21'
#
loop_
_entity.id
_entity.type
_entity.pdbx_description
1 polymer 'Serine/threonine-protein phosphatase 2A 65 kDa regulatory subunit A alpha isoform'
2 polymer 'Serine/threonine-protein phosphatase 2A 56 kDa regulatory subunit gamma isoform'
3 polymer 'Serine/threonine-protein phosphatase 2A catalytic subunit alpha isoform'
4 polymer 'Shugoshin-like 1'
5 polymer MICROCYSTIN-LR
6 non-polymer 'MANGANESE (II) ION'
7 water water
#
loop_
_entity_poly.entity_id
_entity_poly.type
_entity_poly.pdbx_seq_one_letter_code
_entity_poly.pdbx_strand_id
1 'polypeptide(L)'
;AAADGDDSLYPIAVLIDELRNEDVQLRLNSIKKLSTIALALGVERTRSELLPFLTDTIYDEDEVLLALAEQLGTFTTLVG
GPEYVHCLLPPLESLATVEETVVRDKAVESLRAISHEHSPSDLEAHFVPLVKRLAGGDWFTSRTSACGLFSVCYPRVSSA
VKAELRQYFRNLCSDDTPMVRRAAASKLGEFAKVLELDNVKSEIIPMFSNLASDEQDSVRLLAVEACVNIAQLLPQEDLE
ALVMPTLRQAAEDKSWRVRYMVADKFTELQKAVGPEITKTDLVPAFQNLMKDCEAEVRAAASHKVKEFCENLSADCRENV
IMTQILPCIKELVSDANQHVKSALASVIMGLSPILGKDNTIEHLLPLFLAQLKDECPEVRLNIISNLDCVNEVIGIRQLS
QSLLPAIVELAEDAKWRVRLAIIEYMPLLAGQLGVEFFDEKLNSLCMAWLVDHVYAIREAATSNLKKLVEKFGKEWAHAT
IIPKVLAMSGDPNYLHRMTTLFCINVLSEVCGQDITTKHMLPTVLRMAGDPVANVRFNVAKSLQKIGPILDNSTLQSEVK
PILEKLTQDQDVDVKYFAQEALTVLSLA
;
A
2 'polypeptide(L)'
;PPADQEKLFIQKLRQCCVLFDFVSDPLSDLKWKEVKRAALSEMVEYITHNRNVITEPIYPEVVHMFAVNMFRTLPPSSNP
TGAEFDPEEDEPTLEAAWPHLQLVYEFFLRFLESPDFQPNIAKKYIDQKFVLQLLELFDSEDPRERDFLKTTLHRIYGKF
LGLRAYIRKQINNIFYRFIYETEHHNGIAELLEILGSIINGFALPLKEEHKIFLLKVLLPLHKVKSLSVYHPQLAYCVVQ
FLEKDSTLTEPVVMALLKYWPKTHSPKEVMFLNELEEILDVIEPSEFVKIMEPLFRQLAKCVSSPHFQVAERALYYWNNE
YIMSLISDNAAKILPIMFPSLYRNSKTHWNKTIHGLIYNALKLFMEMNQKLFDDCTQQFKAEKLKEKLKMKEREEAWVKI
ENL
;
B
3 'polypeptide(L)'
;MDEKVFTKELDQWIEQLNECKQLSESQVKSLCEKAKEILTKESNVQEVRCPVTVCGDVHGQFHDLMELFRIGGKSPDTNY
LFMGDYVNRGYYSVETVTLLVALKVRYRERITILRGNHESRQITQVYGFYDECLRKYGNANVWKYFTDLFDYLPLTALVD
GQIFCLHGGLSPSIDTLDHIRALDRLQEVPHEGPMCDLLWSDPDDRGGWGISPRGAGYTFGQDISETFNHANGLTLVSRA
HQLVMEGYNWCHDRNVVTIFSAPNYCYRCGNQAAIMELDDTLKYSFLQFDPAPRRGEPHVTRRTPDYFL
;
C
4 'polypeptide(L)' PSTLLKNYQDNNKMLVLALENEKSKVKEAQDIILQLRKECYYLTCQL D
5 'polypeptide(L)' (DAL)L(ACB)R(1ZN)(FGA)(DAM) E
#
loop_
_chem_comp.id
_chem_comp.type
_chem_comp.name
_chem_comp.formula
1ZN peptide-like '(2S,3S,4E,6E,8S,9S)-3-amino-9-methoxy-2,6,8-trimethyl-10-phenyldeca-4,6-dienoic acid' 'C20 H29 N O3'
ACB D-beta-peptide, C-gamma linking '3-METHYL-BETA-D-ASPARTIC ACID' 'C5 H9 N O4'
FGA D-gamma-peptide, C-delta linking 'GAMMA-D-GLUTAMIC ACID' 'C5 H9 N O4'
MN non-polymer 'MANGANESE (II) ION' 'Mn 2'
#
# COMPACT_ATOMS: atom_id res chain seq x y z
N ASP A 6 -38.17 14.87 31.64
CA ASP A 6 -37.00 14.24 32.24
C ASP A 6 -37.15 13.71 33.67
N ASP A 7 -37.02 12.32 33.82
CA ASP A 7 -37.02 11.60 35.09
C ASP A 7 -35.94 10.71 35.09
N SER A 8 -35.95 9.60 35.96
CA SER A 8 -34.99 8.58 36.21
C SER A 8 -34.23 8.02 34.99
N LEU A 9 -34.99 7.50 34.03
CA LEU A 9 -34.38 6.88 32.85
C LEU A 9 -34.36 7.79 31.60
N TYR A 10 -34.55 9.09 31.82
CA TYR A 10 -34.41 10.09 30.76
C TYR A 10 -33.13 9.91 29.91
N PRO A 11 -31.96 9.73 30.56
CA PRO A 11 -30.77 9.60 29.70
C PRO A 11 -30.83 8.42 28.75
N ILE A 12 -31.55 7.36 29.12
CA ILE A 12 -31.70 6.18 28.25
C ILE A 12 -32.63 6.47 27.06
N ALA A 13 -33.71 7.19 27.33
CA ALA A 13 -34.63 7.65 26.29
C ALA A 13 -33.91 8.44 25.20
N VAL A 14 -33.05 9.37 25.60
CA VAL A 14 -32.23 10.15 24.65
C VAL A 14 -31.32 9.23 23.82
N LEU A 15 -30.66 8.28 24.47
CA LEU A 15 -29.84 7.29 23.77
C LEU A 15 -30.67 6.56 22.72
N ILE A 16 -31.83 6.05 23.12
CA ILE A 16 -32.76 5.37 22.20
C ILE A 16 -33.09 6.23 20.97
N ASP A 17 -33.43 7.50 21.21
CA ASP A 17 -33.69 8.46 20.15
C ASP A 17 -32.50 8.52 19.22
N GLU A 18 -31.31 8.67 19.79
CA GLU A 18 -30.09 8.82 19.03
C GLU A 18 -29.72 7.59 18.21
N LEU A 19 -30.08 6.41 18.69
CA LEU A 19 -29.81 5.16 17.98
C LEU A 19 -30.94 4.82 16.99
N ARG A 20 -32.03 5.58 17.09
CA ARG A 20 -33.09 5.51 16.10
C ARG A 20 -32.73 6.39 14.89
N ASN A 21 -31.78 7.29 15.05
CA ASN A 21 -31.30 8.15 13.97
C ASN A 21 -30.84 7.37 12.74
N GLU A 22 -30.81 8.03 11.59
CA GLU A 22 -30.32 7.40 10.34
C GLU A 22 -28.88 7.80 9.96
N ASP A 23 -28.42 8.94 10.45
CA ASP A 23 -27.01 9.31 10.32
C ASP A 23 -26.19 8.44 11.28
N VAL A 24 -25.58 7.41 10.72
CA VAL A 24 -24.66 6.51 11.40
C VAL A 24 -23.69 7.30 12.27
N GLN A 25 -23.19 8.42 11.75
CA GLN A 25 -22.27 9.29 12.49
C GLN A 25 -22.82 9.84 13.80
N LEU A 26 -24.14 10.06 13.84
CA LEU A 26 -24.81 10.61 15.01
C LEU A 26 -24.93 9.54 16.09
N ARG A 27 -25.22 8.31 15.65
CA ARG A 27 -25.25 7.12 16.50
C ARG A 27 -23.89 6.87 17.17
N LEU A 28 -22.81 7.04 16.41
CA LEU A 28 -21.45 6.97 16.93
C LEU A 28 -21.17 7.97 18.05
N ASN A 29 -21.63 9.21 17.86
CA ASN A 29 -21.36 10.24 18.85
C ASN A 29 -22.03 9.93 20.18
N SER A 30 -23.22 9.32 20.11
CA SER A 30 -23.92 8.78 21.28
C SER A 30 -23.04 7.78 22.00
N ILE A 31 -22.56 6.78 21.27
CA ILE A 31 -21.78 5.70 21.86
C ILE A 31 -20.48 6.25 22.45
N LYS A 32 -19.89 7.26 21.81
CA LYS A 32 -18.69 7.91 22.37
C LYS A 32 -18.95 8.63 23.68
N LYS A 33 -20.21 8.99 23.90
CA LYS A 33 -20.62 9.75 25.08
C LYS A 33 -21.42 8.85 26.04
N LEU A 34 -21.16 7.56 25.95
CA LEU A 34 -21.87 6.54 26.70
C LEU A 34 -21.51 6.53 28.21
N SER A 35 -20.34 7.04 28.57
CA SER A 35 -20.00 7.13 29.98
C SER A 35 -20.65 8.34 30.65
N THR A 36 -21.04 9.33 29.85
CA THR A 36 -21.76 10.48 30.37
C THR A 36 -23.20 10.08 30.67
N ILE A 37 -23.79 9.26 29.79
CA ILE A 37 -25.09 8.67 30.06
C ILE A 37 -25.04 7.96 31.41
N ALA A 38 -24.05 7.10 31.59
CA ALA A 38 -23.95 6.25 32.76
C ALA A 38 -23.79 7.06 34.05
N LEU A 39 -22.97 8.10 34.00
CA LEU A 39 -22.80 9.01 35.13
C LEU A 39 -24.08 9.74 35.43
N ALA A 40 -24.81 10.12 34.39
CA ALA A 40 -26.07 10.82 34.57
C ALA A 40 -27.01 9.93 35.37
N LEU A 41 -27.16 8.70 34.89
CA LEU A 41 -27.91 7.64 35.55
C LEU A 41 -27.25 7.27 36.87
N GLY A 42 -27.98 6.59 37.74
CA GLY A 42 -27.30 6.02 38.91
C GLY A 42 -26.09 5.14 38.54
N VAL A 43 -25.39 4.62 39.55
CA VAL A 43 -24.63 3.40 39.36
C VAL A 43 -25.62 2.24 39.19
N GLU A 44 -26.75 2.25 39.91
CA GLU A 44 -27.65 1.10 39.85
C GLU A 44 -28.59 1.09 38.65
N ARG A 45 -28.95 2.27 38.16
CA ARG A 45 -29.67 2.38 36.89
C ARG A 45 -28.76 2.01 35.71
N THR A 46 -27.47 2.30 35.81
CA THR A 46 -26.52 1.81 34.83
C THR A 46 -26.62 0.29 34.77
N ARG A 47 -26.37 -0.39 35.89
CA ARG A 47 -26.48 -1.84 36.01
C ARG A 47 -27.82 -2.41 35.53
N SER A 48 -28.90 -2.00 36.17
CA SER A 48 -30.12 -2.75 35.99
C SER A 48 -31.00 -2.24 34.84
N GLU A 49 -30.52 -1.20 34.14
CA GLU A 49 -31.28 -0.70 33.01
C GLU A 49 -30.49 -0.41 31.75
N LEU A 50 -29.41 0.35 31.85
CA LEU A 50 -28.62 0.69 30.67
C LEU A 50 -27.94 -0.56 30.13
N LEU A 51 -27.33 -1.32 31.03
CA LEU A 51 -26.61 -2.51 30.61
C LEU A 51 -27.48 -3.50 29.86
N PRO A 52 -28.62 -3.94 30.45
CA PRO A 52 -29.58 -4.76 29.69
C PRO A 52 -30.03 -4.13 28.38
N PHE A 53 -30.22 -2.81 28.37
CA PHE A 53 -30.57 -2.16 27.11
C PHE A 53 -29.51 -2.42 26.04
N LEU A 54 -28.25 -2.21 26.38
CA LEU A 54 -27.15 -2.43 25.44
C LEU A 54 -26.95 -3.90 25.09
N THR A 55 -27.56 -4.81 25.83
CA THR A 55 -27.38 -6.23 25.57
C THR A 55 -28.42 -6.69 24.57
N ASP A 56 -29.69 -6.66 24.98
CA ASP A 56 -30.81 -7.07 24.13
C ASP A 56 -31.06 -6.05 23.03
N THR A 57 -31.44 -4.84 23.45
CA THR A 57 -31.97 -3.81 22.56
C THR A 57 -30.88 -3.02 21.84
N ILE A 58 -30.08 -3.70 21.01
CA ILE A 58 -29.10 -3.02 20.17
C ILE A 58 -28.76 -3.89 18.96
N TYR A 59 -29.27 -3.47 17.81
CA TYR A 59 -28.92 -4.10 16.54
C TYR A 59 -28.40 -2.97 15.68
N ASP A 60 -27.21 -3.13 15.12
CA ASP A 60 -26.59 -2.03 14.38
C ASP A 60 -25.37 -2.42 13.54
N GLU A 61 -24.87 -1.43 12.80
CA GLU A 61 -23.72 -1.57 11.92
C GLU A 61 -22.43 -1.92 12.67
N ASP A 62 -21.51 -2.58 11.98
CA ASP A 62 -20.26 -3.04 12.58
C ASP A 62 -19.47 -1.91 13.22
N GLU A 63 -19.53 -0.71 12.64
CA GLU A 63 -18.80 0.42 13.20
C GLU A 63 -19.31 0.82 14.59
N VAL A 64 -20.62 0.74 14.79
CA VAL A 64 -21.21 1.08 16.09
C VAL A 64 -20.90 0.01 17.14
N LEU A 65 -21.03 -1.26 16.74
CA LEU A 65 -20.73 -2.39 17.59
C LEU A 65 -19.27 -2.32 18.04
N LEU A 66 -18.43 -1.78 17.16
CA LEU A 66 -17.00 -1.62 17.41
C LEU A 66 -16.76 -0.58 18.50
N ALA A 67 -17.54 0.48 18.46
CA ALA A 67 -17.42 1.52 19.46
C ALA A 67 -17.93 1.01 20.81
N LEU A 68 -19.07 0.30 20.79
CA LEU A 68 -19.69 -0.20 22.00
C LEU A 68 -18.74 -1.14 22.73
N ALA A 69 -18.09 -2.01 21.97
CA ALA A 69 -17.03 -2.88 22.48
C ALA A 69 -15.99 -2.07 23.24
N GLU A 70 -15.47 -1.01 22.63
CA GLU A 70 -14.47 -0.18 23.26
C GLU A 70 -15.01 0.44 24.54
N GLN A 71 -16.20 1.03 24.50
CA GLN A 71 -16.76 1.69 25.68
C GLN A 71 -16.85 0.73 26.86
N LEU A 72 -17.44 -0.44 26.63
CA LEU A 72 -17.70 -1.41 27.67
C LEU A 72 -16.45 -1.90 28.39
N GLY A 73 -15.28 -1.72 27.76
CA GLY A 73 -14.03 -2.13 28.36
C GLY A 73 -13.54 -1.22 29.47
N THR A 74 -14.28 -0.14 29.73
CA THR A 74 -13.84 0.91 30.62
C THR A 74 -14.92 1.30 31.63
N PHE A 75 -15.96 0.46 31.75
CA PHE A 75 -17.16 0.76 32.52
C PHE A 75 -17.23 0.26 33.97
N THR A 76 -16.15 -0.38 34.44
CA THR A 76 -16.15 -1.04 35.75
C THR A 76 -16.64 -0.15 36.90
N THR A 77 -16.09 1.06 36.99
CA THR A 77 -16.53 2.00 38.02
C THR A 77 -17.97 2.40 37.81
N LEU A 78 -18.37 2.56 36.56
CA LEU A 78 -19.69 3.10 36.23
C LEU A 78 -20.82 2.16 36.61
N VAL A 79 -20.47 0.89 36.70
CA VAL A 79 -21.39 -0.20 36.97
C VAL A 79 -21.33 -0.60 38.46
N GLY A 80 -20.39 0.00 39.19
CA GLY A 80 -20.29 -0.15 40.64
C GLY A 80 -19.00 -0.76 41.15
N GLY A 81 -18.01 -0.90 40.27
CA GLY A 81 -16.72 -1.47 40.61
C GLY A 81 -16.67 -2.99 40.57
N PRO A 82 -15.50 -3.56 40.93
CA PRO A 82 -15.23 -5.00 40.91
C PRO A 82 -16.32 -5.89 41.49
N GLU A 83 -17.07 -5.42 42.47
CA GLU A 83 -18.17 -6.22 43.01
C GLU A 83 -19.17 -6.57 41.92
N TYR A 84 -19.07 -5.86 40.81
CA TYR A 84 -20.12 -5.85 39.80
C TYR A 84 -19.68 -5.96 38.34
N VAL A 85 -18.38 -6.08 38.05
CA VAL A 85 -17.91 -6.26 36.66
C VAL A 85 -18.62 -7.29 35.82
N HIS A 86 -19.16 -8.33 36.44
CA HIS A 86 -19.78 -9.39 35.67
C HIS A 86 -20.99 -8.90 34.87
N CYS A 87 -21.58 -7.78 35.29
CA CYS A 87 -22.63 -7.09 34.52
C CYS A 87 -22.21 -6.80 33.08
N LEU A 88 -20.94 -6.52 32.88
CA LEU A 88 -20.46 -6.16 31.56
C LEU A 88 -20.38 -7.36 30.61
N LEU A 89 -20.39 -8.58 31.15
CA LEU A 89 -20.12 -9.74 30.34
C LEU A 89 -21.18 -10.06 29.28
N PRO A 90 -22.49 -9.99 29.65
CA PRO A 90 -23.45 -10.32 28.59
C PRO A 90 -23.23 -9.52 27.30
N PRO A 91 -23.21 -8.16 27.36
CA PRO A 91 -22.94 -7.40 26.16
C PRO A 91 -21.73 -7.92 25.40
N LEU A 92 -20.62 -8.08 26.12
CA LEU A 92 -19.36 -8.48 25.50
C LEU A 92 -19.35 -9.90 24.91
N GLU A 93 -20.18 -10.79 25.44
CA GLU A 93 -20.26 -12.12 24.87
C GLU A 93 -20.86 -12.07 23.47
N SER A 94 -21.89 -11.25 23.31
CA SER A 94 -22.53 -11.06 22.02
C SER A 94 -21.54 -10.51 21.01
N LEU A 95 -20.85 -9.45 21.39
CA LEU A 95 -19.92 -8.79 20.50
C LEU A 95 -18.78 -9.70 20.11
N ALA A 96 -18.49 -10.68 20.94
CA ALA A 96 -17.40 -11.62 20.69
C ALA A 96 -17.81 -12.63 19.61
N THR A 97 -19.11 -12.71 19.36
CA THR A 97 -19.69 -13.65 18.41
C THR A 97 -19.85 -13.02 17.01
N VAL A 98 -19.91 -11.70 16.96
CA VAL A 98 -20.07 -10.92 15.73
C VAL A 98 -19.11 -11.33 14.60
N GLU A 99 -19.63 -11.45 13.39
CA GLU A 99 -18.83 -11.93 12.24
C GLU A 99 -17.58 -11.10 12.00
N GLU A 100 -17.70 -9.78 11.97
CA GLU A 100 -16.58 -8.93 11.57
C GLU A 100 -15.40 -9.02 12.56
N THR A 101 -14.25 -9.42 12.01
CA THR A 101 -13.02 -9.69 12.75
C THR A 101 -12.63 -8.59 13.74
N VAL A 102 -12.80 -7.35 13.34
CA VAL A 102 -12.26 -6.23 14.06
C VAL A 102 -13.12 -5.92 15.30
N VAL A 103 -14.40 -6.27 15.21
CA VAL A 103 -15.36 -5.97 16.27
C VAL A 103 -15.16 -6.96 17.37
N ARG A 104 -15.07 -8.24 17.00
CA ARG A 104 -14.93 -9.32 17.99
C ARG A 104 -13.55 -9.25 18.66
N ASP A 105 -12.55 -8.76 17.93
CA ASP A 105 -11.22 -8.54 18.48
C ASP A 105 -11.20 -7.48 19.58
N LYS A 106 -11.89 -6.36 19.38
CA LYS A 106 -12.05 -5.36 20.44
C LYS A 106 -12.76 -5.98 21.64
N ALA A 107 -13.80 -6.75 21.35
CA ALA A 107 -14.58 -7.44 22.38
C ALA A 107 -13.67 -8.28 23.27
N VAL A 108 -12.80 -9.06 22.65
CA VAL A 108 -11.84 -9.88 23.37
C VAL A 108 -10.91 -9.01 24.21
N GLU A 109 -10.35 -7.98 23.58
CA GLU A 109 -9.46 -7.04 24.26
C GLU A 109 -10.11 -6.47 25.51
N SER A 110 -11.39 -6.09 25.39
CA SER A 110 -12.15 -5.56 26.49
C SER A 110 -12.43 -6.60 27.56
N LEU A 111 -12.65 -7.84 27.13
CA LEU A 111 -12.92 -8.93 28.06
C LEU A 111 -11.68 -9.24 28.88
N ARG A 112 -10.55 -9.38 28.21
CA ARG A 112 -9.27 -9.58 28.88
C ARG A 112 -9.03 -8.49 29.93
N ALA A 113 -9.14 -7.22 29.51
CA ALA A 113 -8.96 -6.11 30.45
C ALA A 113 -9.78 -6.29 31.72
N ILE A 114 -11.09 -6.44 31.60
CA ILE A 114 -11.94 -6.45 32.79
C ILE A 114 -11.82 -7.71 33.63
N SER A 115 -11.22 -8.76 33.07
CA SER A 115 -11.12 -10.01 33.81
C SER A 115 -10.35 -9.76 35.11
N HIS A 116 -9.28 -8.97 35.03
CA HIS A 116 -8.47 -8.64 36.19
C HIS A 116 -9.26 -8.02 37.31
N GLU A 117 -10.41 -7.43 37.01
CA GLU A 117 -11.30 -6.86 38.03
C GLU A 117 -12.22 -7.92 38.68
N HIS A 118 -12.21 -9.13 38.14
CA HIS A 118 -13.05 -10.18 38.67
C HIS A 118 -12.37 -10.86 39.87
N SER A 119 -13.07 -10.95 40.99
CA SER A 119 -12.69 -11.85 42.06
C SER A 119 -12.66 -13.27 41.49
N PRO A 120 -11.77 -14.13 42.02
CA PRO A 120 -11.79 -15.55 41.66
C PRO A 120 -13.18 -16.18 41.71
N SER A 121 -14.04 -15.76 42.63
CA SER A 121 -15.38 -16.34 42.67
C SER A 121 -16.08 -15.96 41.38
N ASP A 122 -16.01 -14.69 41.01
CA ASP A 122 -16.70 -14.15 39.84
C ASP A 122 -16.15 -14.74 38.53
N LEU A 123 -14.83 -14.87 38.48
CA LEU A 123 -14.17 -15.58 37.40
C LEU A 123 -14.73 -16.99 37.25
N GLU A 124 -15.04 -17.63 38.37
CA GLU A 124 -15.57 -18.98 38.34
C GLU A 124 -17.07 -19.03 38.01
N ALA A 125 -17.84 -18.06 38.48
CA ALA A 125 -19.30 -18.09 38.35
C ALA A 125 -19.82 -17.40 37.09
N HIS A 126 -18.98 -16.60 36.46
CA HIS A 126 -19.41 -15.74 35.37
C HIS A 126 -18.46 -15.77 34.20
N PHE A 127 -17.21 -15.39 34.41
CA PHE A 127 -16.22 -15.37 33.35
C PHE A 127 -15.93 -16.74 32.70
N VAL A 128 -15.57 -17.75 33.49
CA VAL A 128 -15.27 -19.08 32.90
C VAL A 128 -16.45 -19.65 32.10
N PRO A 129 -17.69 -19.61 32.67
CA PRO A 129 -18.84 -20.04 31.86
C PRO A 129 -18.90 -19.34 30.48
N LEU A 130 -18.64 -18.04 30.46
CA LEU A 130 -18.53 -17.25 29.23
C LEU A 130 -17.53 -17.87 28.25
N VAL A 131 -16.35 -18.23 28.73
CA VAL A 131 -15.35 -18.88 27.89
C VAL A 131 -15.84 -20.23 27.34
N LYS A 132 -16.53 -21.02 28.18
CA LYS A 132 -17.14 -22.28 27.72
C LYS A 132 -18.15 -22.07 26.59
N ARG A 133 -19.09 -21.14 26.80
CA ARG A 133 -20.13 -20.90 25.81
C ARG A 133 -19.48 -20.49 24.50
N LEU A 134 -18.58 -19.50 24.57
CA LEU A 134 -17.87 -19.06 23.40
C LEU A 134 -17.11 -20.18 22.74
N ALA A 135 -16.40 -20.99 23.52
CA ALA A 135 -15.56 -22.02 22.93
C ALA A 135 -16.37 -23.16 22.31
N GLY A 136 -17.60 -23.33 22.78
CA GLY A 136 -18.47 -24.38 22.28
C GLY A 136 -19.61 -23.88 21.40
N GLY A 137 -19.53 -22.63 20.98
CA GLY A 137 -20.54 -22.00 20.14
C GLY A 137 -20.64 -22.60 18.75
N ASP A 138 -21.77 -22.34 18.08
CA ASP A 138 -22.05 -22.89 16.75
C ASP A 138 -21.09 -22.44 15.66
N TRP A 139 -20.62 -21.19 15.76
CA TRP A 139 -19.82 -20.57 14.72
C TRP A 139 -18.35 -20.35 15.08
N PHE A 140 -17.49 -20.37 14.07
CA PHE A 140 -16.06 -20.28 14.24
C PHE A 140 -15.57 -18.94 14.83
N THR A 141 -16.41 -17.92 14.74
CA THR A 141 -16.11 -16.59 15.24
C THR A 141 -16.10 -16.60 16.78
N SER A 142 -17.13 -17.19 17.37
CA SER A 142 -17.23 -17.36 18.81
C SER A 142 -16.04 -18.13 19.33
N ARG A 143 -15.72 -19.21 18.63
CA ARG A 143 -14.64 -20.09 19.01
C ARG A 143 -13.26 -19.41 18.92
N THR A 144 -13.00 -18.66 17.85
CA THR A 144 -11.72 -17.96 17.72
C THR A 144 -11.58 -16.92 18.81
N SER A 145 -12.68 -16.28 19.17
CA SER A 145 -12.68 -15.29 20.23
C SER A 145 -12.26 -15.95 21.55
N ALA A 146 -12.77 -17.15 21.82
CA ALA A 146 -12.46 -17.88 23.05
C ALA A 146 -10.96 -18.10 23.27
N CYS A 147 -10.23 -18.39 22.19
CA CYS A 147 -8.80 -18.65 22.31
C CYS A 147 -8.02 -17.54 23.01
N GLY A 148 -8.55 -16.32 22.95
CA GLY A 148 -7.87 -15.18 23.52
C GLY A 148 -8.08 -15.00 25.01
N LEU A 149 -8.91 -15.84 25.61
CA LEU A 149 -9.43 -15.58 26.95
C LEU A 149 -8.92 -16.51 28.05
N PHE A 150 -8.30 -17.62 27.66
CA PHE A 150 -7.89 -18.65 28.62
C PHE A 150 -6.84 -18.18 29.61
N SER A 151 -5.81 -17.51 29.11
CA SER A 151 -4.65 -17.17 29.94
C SER A 151 -4.84 -16.00 30.90
N VAL A 152 -6.04 -15.42 30.95
CA VAL A 152 -6.30 -14.36 31.92
C VAL A 152 -7.12 -14.85 33.09
N CYS A 153 -7.86 -15.93 32.91
CA CYS A 153 -8.64 -16.49 34.02
C CYS A 153 -7.93 -17.65 34.74
N TYR A 154 -7.16 -18.43 33.98
CA TYR A 154 -6.55 -19.67 34.45
C TYR A 154 -5.76 -19.55 35.76
N PRO A 155 -4.79 -18.62 35.85
CA PRO A 155 -3.93 -18.61 37.03
C PRO A 155 -4.67 -18.33 38.33
N ARG A 156 -5.90 -17.83 38.23
CA ARG A 156 -6.64 -17.35 39.38
C ARG A 156 -7.89 -18.15 39.76
N VAL A 157 -8.08 -19.32 39.14
CA VAL A 157 -9.23 -20.18 39.47
C VAL A 157 -8.81 -21.51 40.11
N SER A 158 -9.79 -22.22 40.66
CA SER A 158 -9.54 -23.49 41.36
C SER A 158 -9.11 -24.57 40.40
N SER A 159 -8.45 -25.60 40.92
CA SER A 159 -7.86 -26.62 40.08
C SER A 159 -8.88 -27.39 39.24
N ALA A 160 -10.06 -27.63 39.80
CA ALA A 160 -11.14 -28.29 39.05
C ALA A 160 -11.52 -27.45 37.82
N VAL A 161 -11.72 -26.15 38.02
CA VAL A 161 -11.94 -25.25 36.90
C VAL A 161 -10.74 -25.24 35.92
N LYS A 162 -9.52 -25.29 36.46
CA LYS A 162 -8.31 -25.37 35.62
C LYS A 162 -8.30 -26.62 34.75
N ALA A 163 -8.86 -27.71 35.25
CA ALA A 163 -8.92 -28.96 34.49
C ALA A 163 -9.89 -28.82 33.34
N GLU A 164 -10.90 -27.97 33.54
CA GLU A 164 -11.92 -27.74 32.54
C GLU A 164 -11.39 -26.85 31.42
N LEU A 165 -10.72 -25.76 31.80
CA LEU A 165 -10.11 -24.85 30.84
C LEU A 165 -9.13 -25.59 29.95
N ARG A 166 -8.43 -26.58 30.52
CA ARG A 166 -7.46 -27.32 29.76
C ARG A 166 -8.18 -28.18 28.72
N GLN A 167 -9.32 -28.78 29.12
CA GLN A 167 -10.09 -29.61 28.20
C GLN A 167 -10.60 -28.76 27.03
N TYR A 168 -11.25 -27.65 27.34
CA TYR A 168 -11.73 -26.78 26.30
C TYR A 168 -10.61 -26.32 25.39
N PHE A 169 -9.47 -25.91 25.95
CA PHE A 169 -8.39 -25.47 25.09
C PHE A 169 -8.00 -26.59 24.15
N ARG A 170 -8.06 -27.81 24.67
CA ARG A 170 -7.70 -28.99 23.90
C ARG A 170 -8.67 -29.23 22.75
N ASN A 171 -9.95 -28.94 22.97
CA ASN A 171 -10.99 -29.14 21.96
C ASN A 171 -10.86 -28.16 20.83
N LEU A 172 -10.48 -26.93 21.16
CA LEU A 172 -10.23 -25.89 20.18
C LEU A 172 -9.07 -26.29 19.29
N CYS A 173 -7.98 -26.79 19.88
CA CYS A 173 -6.82 -27.26 19.13
C CYS A 173 -7.17 -28.36 18.13
N SER A 174 -8.31 -29.02 18.33
CA SER A 174 -8.74 -30.09 17.45
C SER A 174 -10.10 -29.79 16.80
N ASP A 175 -10.32 -28.51 16.46
CA ASP A 175 -11.52 -28.06 15.76
C ASP A 175 -11.57 -28.67 14.38
N ASP A 176 -12.77 -28.78 13.82
CA ASP A 176 -12.91 -29.25 12.44
C ASP A 176 -12.41 -28.21 11.46
N THR A 177 -12.50 -26.93 11.84
CA THR A 177 -12.11 -25.82 10.96
C THR A 177 -10.68 -25.37 11.22
N PRO A 178 -9.90 -25.14 10.16
CA PRO A 178 -8.58 -24.52 10.35
C PRO A 178 -8.62 -23.09 10.90
N MET A 179 -9.77 -22.41 10.80
CA MET A 179 -9.82 -21.05 11.34
C MET A 179 -9.56 -21.09 12.83
N VAL A 180 -10.20 -22.02 13.52
CA VAL A 180 -10.06 -22.09 14.96
C VAL A 180 -8.70 -22.70 15.34
N ARG A 181 -8.31 -23.74 14.62
CA ARG A 181 -7.02 -24.35 14.87
C ARG A 181 -5.90 -23.30 14.72
N ARG A 182 -5.94 -22.49 13.68
CA ARG A 182 -5.00 -21.37 13.56
C ARG A 182 -4.96 -20.48 14.82
N ALA A 183 -6.13 -20.10 15.31
CA ALA A 183 -6.25 -19.12 16.38
C ALA A 183 -5.82 -19.74 17.69
N ALA A 184 -6.04 -21.05 17.80
CA ALA A 184 -5.57 -21.82 18.94
C ALA A 184 -4.03 -21.82 18.94
N ALA A 185 -3.42 -22.36 17.89
CA ALA A 185 -1.96 -22.42 17.84
C ALA A 185 -1.32 -21.05 18.15
N SER A 186 -2.07 -19.99 17.87
CA SER A 186 -1.65 -18.63 18.11
C SER A 186 -1.47 -18.33 19.58
N LYS A 187 -2.31 -18.95 20.39
CA LYS A 187 -2.38 -18.62 21.79
C LYS A 187 -1.81 -19.75 22.63
N LEU A 188 -1.09 -20.67 22.01
CA LEU A 188 -0.57 -21.81 22.74
C LEU A 188 0.57 -21.41 23.70
N GLY A 189 1.53 -20.63 23.21
CA GLY A 189 2.64 -20.14 24.04
C GLY A 189 2.14 -19.27 25.18
N GLU A 190 1.32 -18.28 24.83
CA GLU A 190 0.66 -17.44 25.82
C GLU A 190 0.08 -18.28 26.94
N PHE A 191 -0.63 -19.33 26.58
CA PHE A 191 -1.29 -20.23 27.52
C PHE A 191 -0.25 -21.01 28.32
N ALA A 192 0.67 -21.65 27.62
CA ALA A 192 1.73 -22.39 28.30
C ALA A 192 2.34 -21.57 29.45
N LYS A 193 2.73 -20.32 29.17
CA LYS A 193 3.37 -19.41 30.14
C LYS A 193 2.55 -19.22 31.40
N VAL A 194 1.37 -19.80 31.45
CA VAL A 194 0.48 -19.54 32.57
C VAL A 194 0.13 -20.83 33.32
N LEU A 195 0.54 -21.96 32.76
CA LEU A 195 0.25 -23.27 33.31
C LEU A 195 1.28 -23.68 34.38
N GLU A 196 0.88 -24.59 35.25
CA GLU A 196 1.86 -25.18 36.12
C GLU A 196 2.73 -26.11 35.26
N LEU A 197 4.01 -26.18 35.58
CA LEU A 197 4.98 -26.79 34.69
C LEU A 197 4.77 -28.23 34.31
N ASP A 198 4.31 -29.08 35.21
CA ASP A 198 4.15 -30.45 34.78
C ASP A 198 2.87 -30.69 33.97
N ASN A 199 2.01 -29.68 33.94
CA ASN A 199 0.94 -29.60 32.94
C ASN A 199 1.47 -29.15 31.57
N VAL A 200 2.49 -28.30 31.57
CA VAL A 200 3.15 -27.97 30.33
C VAL A 200 3.64 -29.26 29.67
N LYS A 201 4.34 -30.10 30.45
CA LYS A 201 4.89 -31.38 29.98
C LYS A 201 3.82 -32.35 29.51
N SER A 202 2.78 -32.52 30.32
CA SER A 202 1.82 -33.58 30.08
C SER A 202 0.67 -33.24 29.15
N GLU A 203 0.34 -31.96 29.00
CA GLU A 203 -0.83 -31.58 28.20
C GLU A 203 -0.55 -30.60 27.05
N ILE A 204 0.39 -29.69 27.23
CA ILE A 204 0.76 -28.76 26.16
C ILE A 204 1.60 -29.44 25.08
N ILE A 205 2.59 -30.24 25.46
CA ILE A 205 3.40 -30.96 24.47
C ILE A 205 2.53 -31.73 23.46
N PRO A 206 1.63 -32.60 23.94
CA PRO A 206 0.69 -33.25 23.03
C PRO A 206 -0.09 -32.28 22.11
N MET A 207 -0.69 -31.22 22.66
CA MET A 207 -1.33 -30.20 21.83
C MET A 207 -0.38 -29.63 20.77
N PHE A 208 0.84 -29.33 21.19
CA PHE A 208 1.80 -28.72 20.31
C PHE A 208 2.23 -29.70 19.23
N SER A 209 2.42 -30.96 19.60
CA SER A 209 2.84 -31.97 18.65
C SER A 209 1.80 -32.19 17.54
N ASN A 210 0.53 -32.23 17.93
CA ASN A 210 -0.56 -32.37 16.99
C ASN A 210 -0.69 -31.18 16.01
N LEU A 211 -0.57 -29.96 16.52
CA LEU A 211 -0.66 -28.79 15.65
C LEU A 211 0.53 -28.75 14.72
N ALA A 212 1.68 -29.25 15.17
CA ALA A 212 2.92 -29.16 14.41
C ALA A 212 2.93 -30.12 13.25
N SER A 213 2.03 -31.09 13.30
CA SER A 213 1.82 -32.03 12.19
C SER A 213 0.42 -31.92 11.58
N ASP A 214 -0.20 -30.74 11.67
CA ASP A 214 -1.54 -30.49 11.11
C ASP A 214 -1.51 -30.62 9.58
N GLU A 215 -2.63 -30.94 8.95
CA GLU A 215 -2.64 -31.01 7.50
C GLU A 215 -2.36 -29.65 6.83
N GLN A 216 -2.96 -28.59 7.37
CA GLN A 216 -2.72 -27.23 6.87
C GLN A 216 -1.38 -26.71 7.35
N ASP A 217 -0.57 -26.20 6.44
CA ASP A 217 0.73 -25.69 6.82
C ASP A 217 0.63 -24.33 7.50
N SER A 218 -0.54 -23.71 7.39
CA SER A 218 -0.76 -22.40 8.00
C SER A 218 -0.91 -22.56 9.50
N VAL A 219 -1.42 -23.71 9.93
CA VAL A 219 -1.44 -24.11 11.33
C VAL A 219 -0.05 -24.55 11.77
N ARG A 220 0.59 -25.42 11.00
CA ARG A 220 1.88 -25.97 11.35
C ARG A 220 2.92 -24.91 11.68
N LEU A 221 2.98 -23.84 10.89
CA LEU A 221 3.99 -22.82 11.08
C LEU A 221 3.78 -21.99 12.36
N LEU A 222 2.52 -21.94 12.82
CA LEU A 222 2.19 -21.31 14.10
C LEU A 222 2.66 -22.14 15.29
N ALA A 223 2.79 -23.45 15.09
CA ALA A 223 3.27 -24.34 16.15
C ALA A 223 4.77 -24.12 16.42
N VAL A 224 5.51 -23.72 15.39
CA VAL A 224 6.90 -23.33 15.58
C VAL A 224 7.06 -22.16 16.56
N GLU A 225 6.31 -21.08 16.36
CA GLU A 225 6.33 -19.97 17.33
C GLU A 225 6.13 -20.52 18.73
N ALA A 226 5.15 -21.41 18.88
CA ALA A 226 4.81 -21.96 20.19
C ALA A 226 5.95 -22.75 20.79
N CYS A 227 6.64 -23.53 19.96
CA CYS A 227 7.80 -24.31 20.38
C CYS A 227 8.85 -23.48 21.14
N VAL A 228 8.98 -22.21 20.78
CA VAL A 228 9.95 -21.31 21.44
C VAL A 228 9.49 -21.04 22.87
N ASN A 229 8.25 -20.61 23.02
CA ASN A 229 7.69 -20.38 24.34
C ASN A 229 7.75 -21.65 25.19
N ILE A 230 7.59 -22.80 24.53
CA ILE A 230 7.54 -24.07 25.22
C ILE A 230 8.92 -24.48 25.69
N ALA A 231 9.92 -24.35 24.81
CA ALA A 231 11.29 -24.70 25.17
C ALA A 231 11.85 -23.80 26.27
N GLN A 232 11.37 -22.57 26.36
CA GLN A 232 11.90 -21.61 27.32
C GLN A 232 11.40 -21.88 28.72
N LEU A 233 10.38 -22.72 28.83
CA LEU A 233 9.75 -23.00 30.12
C LEU A 233 10.32 -24.27 30.75
N LEU A 234 11.34 -24.83 30.12
CA LEU A 234 11.67 -26.25 30.30
C LEU A 234 13.17 -26.47 30.21
N PRO A 235 13.65 -27.48 30.94
CA PRO A 235 15.09 -27.64 31.16
C PRO A 235 15.69 -28.72 30.26
N GLN A 236 17.01 -28.82 30.24
CA GLN A 236 17.71 -29.50 29.15
C GLN A 236 17.03 -30.82 28.80
N GLU A 237 16.65 -31.57 29.83
CA GLU A 237 16.34 -33.01 29.66
C GLU A 237 14.99 -33.35 29.05
N ASP A 238 13.99 -32.53 29.36
CA ASP A 238 12.65 -32.74 28.83
C ASP A 238 12.55 -32.41 27.35
N LEU A 239 13.42 -31.52 26.89
CA LEU A 239 13.43 -31.09 25.50
C LEU A 239 13.67 -32.27 24.57
N GLU A 240 14.62 -33.12 24.94
CA GLU A 240 15.06 -34.22 24.11
C GLU A 240 13.96 -35.25 23.80
N ALA A 241 13.14 -35.58 24.79
CA ALA A 241 12.07 -36.56 24.59
C ALA A 241 10.94 -35.98 23.76
N LEU A 242 10.61 -34.73 24.09
CA LEU A 242 9.31 -34.15 23.77
C LEU A 242 9.31 -33.22 22.54
N VAL A 243 9.82 -32.01 22.72
CA VAL A 243 9.71 -30.98 21.70
C VAL A 243 10.69 -31.17 20.56
N MET A 244 11.79 -31.87 20.84
CA MET A 244 12.87 -31.97 19.88
C MET A 244 12.58 -32.81 18.64
N PRO A 245 12.01 -34.02 18.81
CA PRO A 245 11.66 -34.76 17.59
C PRO A 245 10.63 -34.02 16.72
N THR A 246 9.77 -33.20 17.34
CA THR A 246 8.83 -32.35 16.61
C THR A 246 9.53 -31.17 15.92
N LEU A 247 10.54 -30.63 16.58
CA LEU A 247 11.26 -29.48 16.07
C LEU A 247 12.09 -29.85 14.86
N ARG A 248 12.78 -30.98 14.95
CA ARG A 248 13.59 -31.52 13.88
C ARG A 248 12.76 -31.81 12.62
N GLN A 249 11.45 -32.02 12.80
CA GLN A 249 10.54 -32.24 11.67
C GLN A 249 10.23 -30.96 10.93
N ALA A 250 9.90 -29.92 11.69
CA ALA A 250 9.55 -28.63 11.11
C ALA A 250 10.65 -28.12 10.21
N ALA A 251 11.90 -28.37 10.60
CA ALA A 251 13.06 -27.96 9.82
C ALA A 251 13.17 -28.70 8.48
N GLU A 252 12.44 -29.80 8.35
CA GLU A 252 12.40 -30.57 7.13
C GLU A 252 11.01 -30.62 6.55
N ASP A 253 10.14 -29.72 7.00
CA ASP A 253 8.74 -29.70 6.57
C ASP A 253 8.67 -29.55 5.05
N LYS A 254 7.65 -30.17 4.46
CA LYS A 254 7.43 -30.05 3.02
C LYS A 254 7.07 -28.62 2.63
N SER A 255 6.72 -27.79 3.61
CA SER A 255 6.33 -26.43 3.33
C SER A 255 7.42 -25.44 3.69
N TRP A 256 7.92 -24.71 2.70
CA TRP A 256 8.92 -23.68 2.94
C TRP A 256 8.44 -22.65 3.96
N ARG A 257 7.13 -22.49 4.08
CA ARG A 257 6.56 -21.55 5.04
C ARG A 257 6.89 -21.99 6.45
N VAL A 258 6.91 -23.30 6.65
CA VAL A 258 7.21 -23.84 7.96
C VAL A 258 8.70 -23.77 8.22
N ARG A 259 9.49 -24.19 7.23
CA ARG A 259 10.93 -24.16 7.34
C ARG A 259 11.43 -22.73 7.59
N TYR A 260 10.66 -21.75 7.12
CA TYR A 260 11.01 -20.33 7.24
C TYR A 260 10.91 -19.82 8.67
N MET A 261 9.82 -20.18 9.36
CA MET A 261 9.65 -19.87 10.77
C MET A 261 10.83 -20.39 11.59
N VAL A 262 11.14 -21.67 11.42
CA VAL A 262 12.29 -22.26 12.09
C VAL A 262 13.52 -21.39 11.88
N ALA A 263 13.79 -21.04 10.63
CA ALA A 263 14.96 -20.24 10.31
C ALA A 263 14.86 -18.87 10.96
N ASP A 264 13.69 -18.24 10.85
CA ASP A 264 13.45 -16.93 11.43
C ASP A 264 13.54 -16.89 12.96
N LYS A 265 13.16 -18.01 13.59
CA LYS A 265 13.15 -18.09 15.05
C LYS A 265 14.40 -18.79 15.58
N PHE A 266 15.43 -18.86 14.76
CA PHE A 266 16.51 -19.81 15.00
C PHE A 266 17.39 -19.58 16.22
N THR A 267 17.80 -18.33 16.45
CA THR A 267 18.63 -18.04 17.61
C THR A 267 17.79 -18.13 18.85
N GLU A 268 16.55 -17.66 18.77
CA GLU A 268 15.64 -17.77 19.90
C GLU A 268 15.47 -19.23 20.30
N LEU A 269 15.39 -20.11 19.30
CA LEU A 269 15.42 -21.55 19.52
C LEU A 269 16.74 -22.03 20.14
N GLN A 270 17.86 -21.44 19.73
CA GLN A 270 19.20 -21.84 20.19
C GLN A 270 19.37 -21.57 21.69
N LYS A 271 18.94 -20.38 22.12
CA LYS A 271 18.90 -20.02 23.53
C LYS A 271 18.06 -21.03 24.28
N ALA A 272 16.75 -20.97 24.02
CA ALA A 272 15.76 -21.81 24.64
C ALA A 272 16.22 -23.25 24.87
N VAL A 273 16.82 -23.84 23.85
CA VAL A 273 17.26 -25.23 23.89
C VAL A 273 18.53 -25.40 24.71
N GLY A 274 19.42 -24.41 24.62
CA GLY A 274 20.71 -24.45 25.31
C GLY A 274 21.78 -25.15 24.50
N PRO A 275 23.06 -24.84 24.78
CA PRO A 275 24.25 -25.24 24.01
C PRO A 275 24.41 -26.73 23.72
N GLU A 276 23.89 -27.59 24.59
CA GLU A 276 24.08 -29.03 24.42
C GLU A 276 23.30 -29.56 23.22
N ILE A 277 21.98 -29.33 23.21
CA ILE A 277 21.14 -29.75 22.10
C ILE A 277 21.42 -28.96 20.82
N THR A 278 21.81 -27.70 20.96
CA THR A 278 22.18 -26.88 19.82
C THR A 278 23.26 -27.60 19.01
N LYS A 279 24.30 -28.04 19.72
CA LYS A 279 25.43 -28.75 19.13
C LYS A 279 24.97 -29.99 18.39
N THR A 280 24.21 -30.84 19.08
CA THR A 280 23.77 -32.09 18.47
C THR A 280 22.69 -31.93 17.41
N ASP A 281 21.65 -31.15 17.71
CA ASP A 281 20.50 -31.02 16.80
C ASP A 281 20.46 -29.80 15.86
N LEU A 282 20.80 -28.62 16.38
CA LEU A 282 20.61 -27.38 15.63
C LEU A 282 21.73 -27.07 14.66
N VAL A 283 22.85 -27.74 14.78
CA VAL A 283 23.92 -27.50 13.84
C VAL A 283 23.61 -28.08 12.46
N PRO A 284 23.26 -29.38 12.38
CA PRO A 284 22.94 -29.93 11.06
C PRO A 284 21.77 -29.23 10.38
N ALA A 285 20.70 -29.00 11.15
CA ALA A 285 19.51 -28.28 10.70
C ALA A 285 19.81 -26.95 9.99
N PHE A 286 20.65 -26.14 10.63
CA PHE A 286 21.01 -24.81 10.13
C PHE A 286 21.73 -24.91 8.80
N GLN A 287 22.64 -25.86 8.70
CA GLN A 287 23.36 -26.13 7.45
C GLN A 287 22.38 -26.41 6.33
N ASN A 288 21.43 -27.30 6.58
CA ASN A 288 20.36 -27.62 5.63
C ASN A 288 19.47 -26.42 5.28
N LEU A 289 19.33 -25.51 6.23
CA LEU A 289 18.50 -24.34 6.03
C LEU A 289 19.22 -23.31 5.20
N MET A 290 20.55 -23.26 5.34
CA MET A 290 21.38 -22.40 4.51
C MET A 290 21.50 -22.95 3.10
N LYS A 291 21.08 -24.20 2.93
CA LYS A 291 21.09 -24.87 1.63
C LYS A 291 19.69 -25.12 1.08
N ASP A 292 18.67 -24.48 1.66
CA ASP A 292 17.30 -24.72 1.25
C ASP A 292 17.10 -24.45 -0.24
N CYS A 293 16.20 -25.21 -0.84
CA CYS A 293 15.83 -24.95 -2.22
C CYS A 293 15.11 -23.60 -2.34
N GLU A 294 14.51 -23.15 -1.25
CA GLU A 294 13.76 -21.88 -1.25
C GLU A 294 14.58 -20.68 -0.73
N ALA A 295 14.73 -19.67 -1.58
CA ALA A 295 15.61 -18.53 -1.29
C ALA A 295 15.23 -17.73 -0.06
N GLU A 296 13.94 -17.49 0.14
CA GLU A 296 13.49 -16.77 1.33
C GLU A 296 13.97 -17.49 2.60
N VAL A 297 13.98 -18.82 2.55
CA VAL A 297 14.50 -19.61 3.64
C VAL A 297 16.01 -19.36 3.80
N ARG A 298 16.75 -19.48 2.70
CA ARG A 298 18.19 -19.22 2.72
C ARG A 298 18.51 -17.81 3.21
N ALA A 299 17.77 -16.82 2.73
CA ALA A 299 17.91 -15.44 3.21
C ALA A 299 17.68 -15.33 4.72
N ALA A 300 16.55 -15.88 5.18
CA ALA A 300 16.17 -15.87 6.57
C ALA A 300 17.31 -16.40 7.40
N ALA A 301 17.81 -17.58 7.00
CA ALA A 301 18.86 -18.28 7.74
C ALA A 301 20.17 -17.47 7.76
N SER A 302 20.46 -16.83 6.63
CA SER A 302 21.63 -16.02 6.49
C SER A 302 21.68 -14.92 7.53
N HIS A 303 20.54 -14.27 7.77
CA HIS A 303 20.44 -13.21 8.76
C HIS A 303 20.95 -13.64 10.13
N LYS A 304 20.94 -14.95 10.40
CA LYS A 304 21.26 -15.48 11.73
C LYS A 304 22.68 -16.00 11.86
N VAL A 305 23.45 -15.91 10.79
CA VAL A 305 24.76 -16.55 10.77
C VAL A 305 25.68 -16.10 11.91
N LYS A 306 25.73 -14.81 12.18
CA LYS A 306 26.67 -14.34 13.20
C LYS A 306 26.16 -14.59 14.62
N GLU A 307 24.85 -14.39 14.83
CA GLU A 307 24.19 -14.65 16.11
C GLU A 307 24.42 -16.08 16.53
N PHE A 308 24.09 -17.00 15.64
CA PHE A 308 24.19 -18.41 15.93
C PHE A 308 25.60 -18.74 16.41
N CYS A 309 26.58 -18.41 15.58
CA CYS A 309 28.00 -18.59 15.90
C CYS A 309 28.46 -17.96 17.22
N GLU A 310 27.98 -16.76 17.50
CA GLU A 310 28.33 -16.01 18.69
C GLU A 310 27.78 -16.67 19.97
N ASN A 311 26.86 -17.61 19.81
CA ASN A 311 26.22 -18.23 20.96
C ASN A 311 26.53 -19.71 21.11
N LEU A 312 27.39 -20.23 20.24
CA LEU A 312 27.87 -21.60 20.38
C LEU A 312 28.72 -21.74 21.65
N SER A 313 28.61 -22.91 22.29
CA SER A 313 29.35 -23.22 23.52
C SER A 313 30.84 -22.91 23.41
N ALA A 314 31.44 -22.52 24.52
CA ALA A 314 32.85 -22.11 24.56
C ALA A 314 33.87 -23.14 24.03
N ASP A 315 33.58 -24.44 24.17
CA ASP A 315 34.55 -25.45 23.75
C ASP A 315 34.58 -25.72 22.24
N CYS A 316 33.50 -26.26 21.68
CA CYS A 316 33.50 -26.68 20.26
C CYS A 316 33.39 -25.53 19.25
N ARG A 317 33.09 -24.33 19.74
CA ARG A 317 33.03 -23.11 18.93
C ARG A 317 33.91 -22.97 17.69
N GLU A 318 35.21 -23.22 17.84
CA GLU A 318 36.11 -23.29 16.69
C GLU A 318 35.89 -24.41 15.69
N ASN A 319 35.85 -25.65 16.17
CA ASN A 319 35.64 -26.80 15.28
C ASN A 319 34.40 -26.62 14.41
N VAL A 320 33.27 -26.33 15.03
CA VAL A 320 31.98 -26.27 14.32
C VAL A 320 31.94 -25.11 13.31
N ILE A 321 32.37 -23.93 13.72
CA ILE A 321 32.38 -22.78 12.84
C ILE A 321 33.30 -23.00 11.66
N MET A 322 34.51 -23.47 11.94
CA MET A 322 35.53 -23.62 10.90
C MET A 322 35.28 -24.79 9.97
N THR A 323 34.55 -25.79 10.45
CA THR A 323 34.36 -27.02 9.69
C THR A 323 32.94 -27.22 9.17
N GLN A 324 31.95 -26.70 9.90
CA GLN A 324 30.54 -26.88 9.53
C GLN A 324 29.96 -25.66 8.84
N ILE A 325 30.19 -24.49 9.41
CA ILE A 325 29.48 -23.29 9.00
C ILE A 325 30.20 -22.48 7.93
N LEU A 326 31.49 -22.27 8.11
CA LEU A 326 32.30 -21.50 7.14
C LEU A 326 32.10 -21.89 5.68
N PRO A 327 32.12 -23.21 5.35
CA PRO A 327 31.95 -23.53 3.93
C PRO A 327 30.56 -23.21 3.37
N CYS A 328 29.56 -23.16 4.24
CA CYS A 328 28.22 -22.75 3.84
C CYS A 328 28.19 -21.29 3.49
N ILE A 329 28.83 -20.49 4.34
CA ILE A 329 28.97 -19.05 4.17
C ILE A 329 29.62 -18.74 2.81
N LYS A 330 30.72 -19.43 2.50
CA LYS A 330 31.42 -19.27 1.22
C LYS A 330 30.52 -19.56 0.03
N GLU A 331 29.69 -20.60 0.17
CA GLU A 331 28.73 -20.97 -0.85
C GLU A 331 27.66 -19.87 -1.03
N LEU A 332 27.15 -19.37 0.11
CA LEU A 332 26.14 -18.31 0.15
C LEU A 332 26.61 -16.99 -0.44
N VAL A 333 27.90 -16.71 -0.35
CA VAL A 333 28.46 -15.49 -0.92
C VAL A 333 28.21 -15.38 -2.43
N SER A 334 28.16 -16.51 -3.12
CA SER A 334 27.93 -16.51 -4.55
C SER A 334 26.57 -17.09 -4.92
N ASP A 335 25.62 -16.96 -4.01
CA ASP A 335 24.25 -17.39 -4.27
C ASP A 335 23.68 -16.59 -5.43
N ALA A 336 22.77 -17.22 -6.17
CA ALA A 336 22.14 -16.58 -7.31
C ALA A 336 21.24 -15.42 -6.88
N ASN A 337 20.61 -15.53 -5.72
CA ASN A 337 19.61 -14.57 -5.28
C ASN A 337 20.19 -13.33 -4.58
N GLN A 338 19.85 -12.16 -5.12
CA GLN A 338 20.30 -10.87 -4.61
C GLN A 338 20.09 -10.74 -3.10
N HIS A 339 18.91 -11.16 -2.65
CA HIS A 339 18.46 -10.93 -1.27
C HIS A 339 19.12 -11.84 -0.23
N VAL A 340 19.46 -13.08 -0.59
CA VAL A 340 20.14 -13.94 0.38
C VAL A 340 21.57 -13.48 0.52
N LYS A 341 22.16 -13.05 -0.59
CA LYS A 341 23.47 -12.44 -0.57
C LYS A 341 23.44 -11.14 0.21
N SER A 342 22.31 -10.47 0.20
CA SER A 342 22.15 -9.16 0.82
C SER A 342 22.15 -9.32 2.33
N ALA A 343 21.44 -10.36 2.79
CA ALA A 343 21.30 -10.65 4.19
C ALA A 343 22.67 -10.97 4.77
N LEU A 344 23.39 -11.86 4.10
CA LEU A 344 24.71 -12.28 4.56
C LEU A 344 25.66 -11.10 4.69
N ALA A 345 25.73 -10.27 3.65
CA ALA A 345 26.62 -9.12 3.62
C ALA A 345 26.43 -8.22 4.83
N SER A 346 25.25 -8.26 5.44
CA SER A 346 24.92 -7.35 6.55
C SER A 346 25.27 -7.87 7.94
N VAL A 347 25.89 -9.05 8.01
CA VAL A 347 26.23 -9.69 9.29
C VAL A 347 27.57 -10.44 9.27
N ILE A 348 28.08 -10.73 8.09
CA ILE A 348 29.25 -11.55 7.95
C ILE A 348 30.48 -10.93 8.65
N MET A 349 30.62 -9.60 8.59
CA MET A 349 31.81 -8.98 9.16
C MET A 349 31.89 -9.11 10.67
N GLY A 350 30.74 -9.24 11.32
CA GLY A 350 30.66 -9.49 12.75
C GLY A 350 31.23 -10.84 13.17
N LEU A 351 31.58 -11.65 12.19
CA LEU A 351 32.27 -12.92 12.41
C LEU A 351 33.74 -12.74 12.79
N SER A 352 34.31 -11.61 12.40
CA SER A 352 35.76 -11.37 12.57
C SER A 352 36.29 -11.49 14.00
N PRO A 353 35.68 -10.76 14.97
CA PRO A 353 36.12 -10.87 16.35
C PRO A 353 35.99 -12.29 16.89
N ILE A 354 35.27 -13.14 16.15
CA ILE A 354 35.01 -14.50 16.58
C ILE A 354 36.07 -15.47 16.05
N LEU A 355 36.56 -15.23 14.85
CA LEU A 355 37.62 -16.10 14.30
C LEU A 355 39.02 -15.57 14.63
N GLY A 356 39.09 -14.30 15.03
CA GLY A 356 40.37 -13.67 15.37
C GLY A 356 41.20 -13.28 14.15
N LYS A 357 42.29 -12.57 14.41
CA LYS A 357 43.09 -11.92 13.37
C LYS A 357 43.45 -12.79 12.15
N ASP A 358 44.16 -13.90 12.39
CA ASP A 358 44.72 -14.72 11.32
C ASP A 358 43.66 -15.43 10.46
N ASN A 359 42.63 -15.93 11.13
CA ASN A 359 41.52 -16.63 10.48
C ASN A 359 40.73 -15.72 9.56
N THR A 360 40.46 -14.50 10.06
CA THR A 360 39.78 -13.47 9.31
C THR A 360 40.55 -13.15 8.02
N ILE A 361 41.86 -12.91 8.16
CA ILE A 361 42.71 -12.56 7.01
C ILE A 361 42.75 -13.68 5.97
N GLU A 362 42.70 -14.91 6.46
CA GLU A 362 42.82 -16.10 5.63
C GLU A 362 41.52 -16.38 4.91
N HIS A 363 40.41 -16.35 5.64
CA HIS A 363 39.14 -16.90 5.14
C HIS A 363 38.04 -15.87 4.89
N LEU A 364 37.92 -14.91 5.81
CA LEU A 364 36.87 -13.92 5.77
C LEU A 364 37.17 -12.83 4.75
N LEU A 365 38.43 -12.52 4.59
CA LEU A 365 38.80 -11.38 3.79
C LEU A 365 38.42 -11.49 2.32
N PRO A 366 38.81 -12.59 1.64
CA PRO A 366 38.39 -12.73 0.24
C PRO A 366 36.87 -12.57 0.06
N LEU A 367 36.12 -13.07 1.03
CA LEU A 367 34.67 -12.96 0.99
C LEU A 367 34.27 -11.50 0.98
N PHE A 368 34.67 -10.75 2.00
CA PHE A 368 34.42 -9.30 2.07
C PHE A 368 34.70 -8.62 0.72
N LEU A 369 35.86 -8.91 0.14
CA LEU A 369 36.26 -8.39 -1.18
C LEU A 369 35.32 -8.77 -2.32
N ALA A 370 34.76 -9.98 -2.29
CA ALA A 370 33.83 -10.39 -3.36
C ALA A 370 32.49 -9.68 -3.19
N GLN A 371 32.20 -9.33 -1.95
CA GLN A 371 30.96 -8.63 -1.63
C GLN A 371 31.13 -7.12 -1.82
N LEU A 372 32.33 -6.60 -1.53
CA LEU A 372 32.68 -5.22 -1.85
C LEU A 372 32.57 -4.91 -3.34
N LYS A 373 32.65 -5.94 -4.18
CA LYS A 373 32.52 -5.73 -5.61
C LYS A 373 31.27 -6.37 -6.21
N ASP A 374 30.30 -6.71 -5.38
CA ASP A 374 29.06 -7.29 -5.88
C ASP A 374 28.29 -6.37 -6.84
N GLU A 375 27.57 -6.98 -7.75
CA GLU A 375 26.86 -6.25 -8.80
C GLU A 375 25.61 -5.56 -8.24
N CYS A 376 25.03 -6.18 -7.22
CA CYS A 376 23.89 -5.66 -6.51
C CYS A 376 24.31 -4.59 -5.50
N PRO A 377 23.83 -3.35 -5.69
CA PRO A 377 24.19 -2.23 -4.82
C PRO A 377 23.84 -2.49 -3.35
N GLU A 378 22.76 -3.21 -3.11
CA GLU A 378 22.34 -3.51 -1.74
C GLU A 378 23.33 -4.39 -1.00
N VAL A 379 23.96 -5.31 -1.71
CA VAL A 379 25.00 -6.15 -1.15
C VAL A 379 26.10 -5.24 -0.70
N ARG A 380 26.63 -4.43 -1.62
CA ARG A 380 27.77 -3.61 -1.27
C ARG A 380 27.48 -2.51 -0.25
N LEU A 381 26.25 -2.07 -0.18
CA LEU A 381 25.85 -1.12 0.83
C LEU A 381 25.90 -1.78 2.20
N ASN A 382 25.33 -2.98 2.29
CA ASN A 382 25.25 -3.72 3.54
C ASN A 382 26.58 -4.19 4.09
N ILE A 383 27.61 -4.18 3.24
CA ILE A 383 28.90 -4.70 3.61
C ILE A 383 29.86 -3.58 3.99
N ILE A 384 29.51 -2.33 3.65
CA ILE A 384 30.27 -1.18 4.12
C ILE A 384 29.96 -0.98 5.59
N SER A 385 28.67 -1.12 5.91
CA SER A 385 28.13 -0.82 7.24
C SER A 385 29.04 -1.09 8.43
N ASN A 386 29.65 -2.26 8.43
CA ASN A 386 30.27 -2.79 9.64
C ASN A 386 31.77 -3.01 9.48
N LEU A 387 32.43 -2.10 8.78
CA LEU A 387 33.86 -2.25 8.52
C LEU A 387 34.74 -2.05 9.73
N ASP A 388 34.34 -1.15 10.64
CA ASP A 388 35.21 -0.82 11.78
C ASP A 388 35.52 -2.02 12.67
N CYS A 389 34.49 -2.84 12.88
CA CYS A 389 34.58 -4.09 13.63
C CYS A 389 35.68 -4.99 13.06
N VAL A 390 35.91 -4.91 11.76
CA VAL A 390 37.00 -5.64 11.12
C VAL A 390 38.33 -4.93 11.39
N ASN A 391 38.33 -3.61 11.36
CA ASN A 391 39.55 -2.86 11.67
C ASN A 391 40.05 -3.12 13.10
N GLU A 392 39.13 -3.52 13.98
CA GLU A 392 39.48 -3.79 15.36
C GLU A 392 40.18 -5.13 15.53
N VAL A 393 39.80 -6.10 14.71
CA VAL A 393 40.39 -7.42 14.75
C VAL A 393 41.71 -7.46 13.97
N ILE A 394 41.69 -7.12 12.69
CA ILE A 394 42.94 -7.03 11.92
C ILE A 394 43.56 -5.65 12.17
N GLY A 395 44.77 -5.43 11.70
CA GLY A 395 45.37 -4.10 11.88
C GLY A 395 44.72 -3.02 11.01
N ILE A 396 44.89 -1.76 11.40
CA ILE A 396 44.71 -0.66 10.47
C ILE A 396 45.76 -0.73 9.34
N ARG A 397 46.96 -1.19 9.69
CA ARG A 397 48.01 -1.45 8.70
C ARG A 397 47.46 -2.43 7.68
N GLN A 398 46.94 -3.56 8.17
CA GLN A 398 46.38 -4.59 7.30
C GLN A 398 45.17 -4.13 6.48
N LEU A 399 44.29 -3.34 7.13
CA LEU A 399 43.09 -2.78 6.50
C LEU A 399 43.48 -2.05 5.23
N SER A 400 44.39 -1.09 5.36
CA SER A 400 44.75 -0.23 4.22
C SER A 400 45.46 -0.97 3.10
N GLN A 401 45.89 -2.19 3.38
CA GLN A 401 46.58 -2.98 2.39
C GLN A 401 45.55 -3.81 1.65
N SER A 402 44.69 -4.48 2.42
CA SER A 402 43.70 -5.38 1.85
C SER A 402 42.42 -4.71 1.32
N LEU A 403 41.84 -3.79 2.09
CA LEU A 403 40.52 -3.26 1.78
C LEU A 403 40.47 -1.81 1.29
N LEU A 404 41.43 -0.99 1.73
CA LEU A 404 41.39 0.42 1.35
C LEU A 404 41.21 0.61 -0.16
N PRO A 405 42.00 -0.11 -0.99
CA PRO A 405 41.85 0.03 -2.47
C PRO A 405 40.41 -0.19 -2.97
N ALA A 406 39.70 -1.17 -2.41
CA ALA A 406 38.30 -1.39 -2.74
C ALA A 406 37.40 -0.28 -2.20
N ILE A 407 37.78 0.34 -1.08
CA ILE A 407 36.96 1.39 -0.48
C ILE A 407 37.04 2.64 -1.35
N VAL A 408 38.26 2.96 -1.79
CA VAL A 408 38.53 4.07 -2.68
C VAL A 408 37.72 3.92 -3.95
N GLU A 409 37.56 2.68 -4.41
CA GLU A 409 36.82 2.43 -5.63
C GLU A 409 35.35 2.76 -5.41
N LEU A 410 34.85 2.45 -4.22
CA LEU A 410 33.45 2.65 -3.90
C LEU A 410 33.13 4.10 -3.58
N ALA A 411 34.14 4.93 -3.37
CA ALA A 411 33.95 6.36 -3.15
C ALA A 411 33.40 7.02 -4.42
N GLU A 412 33.68 6.38 -5.56
CA GLU A 412 33.17 6.80 -6.86
C GLU A 412 32.21 5.77 -7.46
N ASP A 413 31.46 5.06 -6.61
CA ASP A 413 30.44 4.11 -7.04
C ASP A 413 29.34 4.81 -7.84
N ALA A 414 28.62 4.04 -8.64
CA ALA A 414 27.54 4.59 -9.48
C ALA A 414 26.31 5.04 -8.69
N LYS A 415 25.95 4.30 -7.65
CA LYS A 415 24.79 4.58 -6.82
C LYS A 415 25.18 5.42 -5.61
N TRP A 416 24.52 6.56 -5.45
CA TRP A 416 24.91 7.54 -4.44
C TRP A 416 24.80 7.07 -3.00
N ARG A 417 23.89 6.15 -2.74
CA ARG A 417 23.77 5.64 -1.38
C ARG A 417 25.02 4.86 -0.97
N VAL A 418 25.65 4.21 -1.96
CA VAL A 418 26.93 3.57 -1.74
C VAL A 418 27.98 4.64 -1.51
N ARG A 419 28.00 5.65 -2.36
CA ARG A 419 28.93 6.74 -2.16
C ARG A 419 28.81 7.28 -0.72
N LEU A 420 27.57 7.54 -0.28
CA LEU A 420 27.29 8.07 1.08
C LEU A 420 27.79 7.17 2.20
N ALA A 421 27.63 5.86 2.04
CA ALA A 421 28.09 4.90 3.04
C ALA A 421 29.57 5.11 3.33
N ILE A 422 30.35 5.30 2.27
CA ILE A 422 31.79 5.55 2.35
C ILE A 422 32.08 6.90 3.00
N ILE A 423 31.28 7.91 2.67
CA ILE A 423 31.49 9.25 3.21
C ILE A 423 31.33 9.24 4.73
N GLU A 424 30.27 8.61 5.19
CA GLU A 424 29.98 8.56 6.62
C GLU A 424 30.99 7.75 7.43
N TYR A 425 31.87 7.06 6.72
CA TYR A 425 32.86 6.20 7.33
C TYR A 425 34.23 6.83 7.25
N MET A 426 34.38 7.78 6.33
CA MET A 426 35.64 8.50 6.16
C MET A 426 36.25 9.10 7.44
N PRO A 427 35.46 9.87 8.23
CA PRO A 427 36.04 10.53 9.40
C PRO A 427 36.74 9.57 10.35
N LEU A 428 36.05 8.48 10.70
CA LEU A 428 36.62 7.46 11.54
C LEU A 428 37.87 6.86 10.91
N LEU A 429 37.75 6.43 9.66
CA LEU A 429 38.87 5.82 8.94
C LEU A 429 40.09 6.73 8.86
N ALA A 430 39.87 8.00 8.55
CA ALA A 430 40.96 8.98 8.43
C ALA A 430 41.71 9.14 9.75
N GLY A 431 40.97 9.30 10.84
CA GLY A 431 41.55 9.30 12.18
C GLY A 431 42.54 8.17 12.40
N GLN A 432 42.20 6.98 11.91
CA GLN A 432 43.05 5.80 12.13
C GLN A 432 44.26 5.74 11.23
N LEU A 433 44.16 6.31 10.03
CA LEU A 433 45.31 6.34 9.13
C LEU A 433 46.28 7.46 9.48
N GLY A 434 45.74 8.59 9.94
CA GLY A 434 46.55 9.77 10.26
C GLY A 434 46.66 10.77 9.11
N VAL A 435 46.96 12.02 9.46
CA VAL A 435 46.92 13.14 8.51
C VAL A 435 47.86 13.01 7.33
N GLU A 436 49.11 12.62 7.60
CA GLU A 436 50.07 12.55 6.51
C GLU A 436 49.68 11.50 5.47
N PHE A 437 49.03 10.43 5.92
CA PHE A 437 48.51 9.42 5.02
C PHE A 437 47.25 9.92 4.34
N PHE A 438 46.26 10.30 5.15
CA PHE A 438 45.03 10.84 4.62
C PHE A 438 45.27 11.86 3.51
N ASP A 439 45.95 12.96 3.81
CA ASP A 439 45.99 13.99 2.79
C ASP A 439 47.07 13.78 1.73
N GLU A 440 47.64 12.59 1.70
CA GLU A 440 48.42 12.17 0.54
C GLU A 440 47.58 11.27 -0.34
N LYS A 441 46.81 10.38 0.27
CA LYS A 441 46.05 9.38 -0.47
C LYS A 441 44.52 9.58 -0.56
N LEU A 442 43.96 10.40 0.32
CA LEU A 442 42.50 10.50 0.46
C LEU A 442 41.89 11.91 0.42
N ASN A 443 42.74 12.94 0.38
CA ASN A 443 42.24 14.30 0.41
C ASN A 443 41.37 14.64 -0.80
N SER A 444 41.96 14.53 -1.99
CA SER A 444 41.27 14.81 -3.24
C SER A 444 39.93 14.09 -3.36
N LEU A 445 39.90 12.84 -2.93
CA LEU A 445 38.71 12.02 -2.95
C LEU A 445 37.58 12.67 -2.16
N CYS A 446 37.91 13.25 -1.02
CA CYS A 446 36.91 13.91 -0.20
C CYS A 446 36.49 15.23 -0.80
N MET A 447 37.44 15.95 -1.38
CA MET A 447 37.17 17.20 -2.06
C MET A 447 36.23 17.01 -3.26
N ALA A 448 36.50 15.99 -4.07
CA ALA A 448 35.64 15.63 -5.20
C ALA A 448 34.17 15.46 -4.80
N TRP A 449 33.93 14.84 -3.64
CA TRP A 449 32.58 14.67 -3.13
C TRP A 449 31.82 15.98 -3.07
N LEU A 450 32.49 17.05 -2.68
CA LEU A 450 31.85 18.34 -2.56
C LEU A 450 31.30 18.83 -3.90
N VAL A 451 31.83 18.28 -4.98
CA VAL A 451 31.48 18.76 -6.29
C VAL A 451 30.61 17.74 -7.08
N ASP A 452 30.03 16.82 -6.35
CA ASP A 452 29.28 15.66 -6.86
C ASP A 452 27.90 16.05 -7.38
N HIS A 453 27.40 15.33 -8.39
CA HIS A 453 26.11 15.71 -8.95
C HIS A 453 24.91 15.66 -7.97
N VAL A 454 24.89 14.73 -7.02
CA VAL A 454 23.74 14.70 -6.09
C VAL A 454 23.91 15.56 -4.82
N TYR A 455 22.85 16.29 -4.44
CA TYR A 455 22.97 17.20 -3.32
C TYR A 455 23.36 16.46 -2.04
N ALA A 456 22.63 15.40 -1.74
CA ALA A 456 22.85 14.61 -0.53
C ALA A 456 24.32 14.27 -0.32
N ILE A 457 25.01 13.91 -1.40
CA ILE A 457 26.43 13.63 -1.35
C ILE A 457 27.22 14.89 -1.00
N ARG A 458 26.91 15.99 -1.66
CA ARG A 458 27.50 17.28 -1.34
C ARG A 458 27.30 17.58 0.15
N GLU A 459 26.05 17.49 0.58
CA GLU A 459 25.65 17.72 1.97
C GLU A 459 26.51 16.92 2.93
N ALA A 460 26.56 15.60 2.74
CA ALA A 460 27.27 14.72 3.63
C ALA A 460 28.75 15.09 3.68
N ALA A 461 29.33 15.39 2.52
CA ALA A 461 30.76 15.69 2.43
C ALA A 461 31.10 16.98 3.16
N THR A 462 30.08 17.80 3.36
CA THR A 462 30.20 19.08 4.02
C THR A 462 30.34 18.93 5.52
N SER A 463 29.46 18.16 6.16
CA SER A 463 29.61 17.95 7.60
C SER A 463 30.82 17.08 7.89
N ASN A 464 31.09 16.14 6.99
CA ASN A 464 32.35 15.41 7.00
C ASN A 464 33.57 16.30 7.22
N LEU A 465 33.53 17.50 6.66
CA LEU A 465 34.61 18.48 6.81
C LEU A 465 34.81 18.85 8.25
N LYS A 466 33.70 19.05 8.96
CA LYS A 466 33.73 19.48 10.34
C LYS A 466 34.34 18.38 11.21
N LYS A 467 34.03 17.13 10.88
CA LYS A 467 34.54 15.99 11.62
C LYS A 467 36.05 15.84 11.40
N LEU A 468 36.49 16.13 10.19
CA LEU A 468 37.90 16.05 9.86
C LEU A 468 38.71 17.07 10.64
N VAL A 469 38.30 18.33 10.56
CA VAL A 469 38.95 19.41 11.29
C VAL A 469 38.99 19.14 12.81
N GLU A 470 38.04 18.37 13.33
CA GLU A 470 38.02 18.02 14.74
C GLU A 470 39.12 17.00 15.12
N LYS A 471 39.59 16.23 14.16
CA LYS A 471 40.75 15.38 14.47
C LYS A 471 42.08 15.86 13.92
N PHE A 472 42.05 16.73 12.92
CA PHE A 472 43.29 17.26 12.37
C PHE A 472 43.59 18.71 12.81
N GLY A 473 42.60 19.38 13.40
CA GLY A 473 42.80 20.73 13.91
C GLY A 473 42.76 21.83 12.85
N LYS A 474 42.62 23.07 13.33
CA LYS A 474 42.30 24.21 12.48
C LYS A 474 43.37 24.66 11.46
N GLU A 475 44.64 24.33 11.68
CA GLU A 475 45.67 24.79 10.75
C GLU A 475 45.90 23.84 9.56
N TRP A 476 45.58 22.56 9.75
CA TRP A 476 45.46 21.66 8.62
C TRP A 476 44.30 22.12 7.74
N ALA A 477 43.21 22.57 8.37
CA ALA A 477 42.09 23.13 7.65
C ALA A 477 42.52 24.35 6.82
N HIS A 478 43.22 25.28 7.44
CA HIS A 478 43.60 26.52 6.75
C HIS A 478 44.43 26.27 5.48
N ALA A 479 45.19 25.18 5.49
CA ALA A 479 46.17 24.92 4.44
C ALA A 479 45.69 23.91 3.42
N THR A 480 44.65 23.15 3.77
CA THR A 480 44.27 21.97 3.03
C THR A 480 42.85 22.07 2.55
N ILE A 481 41.93 22.46 3.44
CA ILE A 481 40.52 22.53 3.10
C ILE A 481 40.12 23.90 2.60
N ILE A 482 40.19 24.91 3.46
CA ILE A 482 39.72 26.26 3.17
C ILE A 482 39.92 26.73 1.72
N PRO A 483 41.18 26.77 1.22
CA PRO A 483 41.31 27.43 -0.08
C PRO A 483 40.54 26.73 -1.22
N LYS A 484 40.47 25.41 -1.24
CA LYS A 484 39.66 24.70 -2.24
C LYS A 484 38.17 25.02 -2.07
N VAL A 485 37.73 25.07 -0.82
CA VAL A 485 36.36 25.43 -0.51
C VAL A 485 36.04 26.82 -1.07
N LEU A 486 36.92 27.80 -0.89
CA LEU A 486 36.64 29.14 -1.35
C LEU A 486 36.75 29.24 -2.86
N ALA A 487 37.60 28.38 -3.44
CA ALA A 487 37.78 28.33 -4.89
C ALA A 487 36.43 28.14 -5.58
N MET A 488 35.53 27.46 -4.86
CA MET A 488 34.22 27.16 -5.34
C MET A 488 33.31 28.36 -5.47
N SER A 489 33.74 29.52 -4.96
CA SER A 489 32.84 30.68 -5.02
C SER A 489 32.80 31.31 -6.41
N GLY A 490 33.64 30.80 -7.31
CA GLY A 490 33.67 31.24 -8.70
C GLY A 490 33.21 30.19 -9.70
N ASP A 491 32.61 29.09 -9.19
CA ASP A 491 32.00 28.10 -10.06
C ASP A 491 30.84 28.72 -10.84
N PRO A 492 30.82 28.52 -12.17
CA PRO A 492 29.75 29.08 -13.03
C PRO A 492 28.33 28.71 -12.58
N ASN A 493 28.20 27.62 -11.83
CA ASN A 493 26.93 27.07 -11.36
C ASN A 493 26.56 27.50 -9.92
N TYR A 494 25.40 28.13 -9.75
CA TYR A 494 24.98 28.60 -8.43
C TYR A 494 24.88 27.47 -7.40
N LEU A 495 24.69 26.26 -7.90
CA LEU A 495 24.45 25.09 -7.05
C LEU A 495 25.74 24.73 -6.29
N HIS A 496 26.89 24.91 -6.95
CA HIS A 496 28.20 24.64 -6.39
C HIS A 496 28.73 25.83 -5.61
N ARG A 497 28.32 27.03 -6.03
CA ARG A 497 28.62 28.24 -5.27
C ARG A 497 28.04 28.23 -3.86
N MET A 498 26.82 27.72 -3.70
CA MET A 498 26.19 27.64 -2.38
C MET A 498 26.92 26.65 -1.46
N THR A 499 27.56 25.68 -2.08
CA THR A 499 28.37 24.72 -1.36
C THR A 499 29.43 25.45 -0.55
N THR A 500 30.07 26.45 -1.18
CA THR A 500 31.03 27.28 -0.47
C THR A 500 30.42 27.88 0.81
N LEU A 501 29.16 28.26 0.77
CA LEU A 501 28.57 28.86 1.94
C LEU A 501 28.23 27.78 2.94
N PHE A 502 27.77 26.63 2.45
CA PHE A 502 27.37 25.57 3.35
C PHE A 502 28.58 25.03 4.09
N CYS A 503 29.73 25.05 3.42
CA CYS A 503 30.98 24.62 4.00
C CYS A 503 31.47 25.59 5.08
N ILE A 504 31.41 26.88 4.78
CA ILE A 504 31.79 27.89 5.75
C ILE A 504 30.90 27.80 6.97
N ASN A 505 29.60 27.64 6.76
CA ASN A 505 28.67 27.45 7.89
C ASN A 505 29.17 26.45 8.92
N VAL A 506 29.72 25.35 8.41
CA VAL A 506 30.14 24.22 9.18
C VAL A 506 31.55 24.43 9.76
N LEU A 507 32.45 24.94 8.94
CA LEU A 507 33.85 25.06 9.32
C LEU A 507 34.11 26.15 10.36
N SER A 508 33.28 27.18 10.34
CA SER A 508 33.43 28.27 11.30
C SER A 508 33.36 27.76 12.74
N GLU A 509 32.47 26.80 12.98
CA GLU A 509 32.18 26.26 14.31
C GLU A 509 33.43 25.78 15.03
N VAL A 510 34.50 25.52 14.29
CA VAL A 510 35.66 24.81 14.83
C VAL A 510 37.02 25.29 14.33
N CYS A 511 37.03 26.31 13.48
CA CYS A 511 38.28 26.91 13.04
C CYS A 511 38.66 28.10 13.89
N GLY A 512 37.69 28.62 14.64
CA GLY A 512 37.92 29.70 15.58
C GLY A 512 37.86 31.06 14.92
N GLN A 513 37.71 32.09 15.75
CA GLN A 513 37.56 33.47 15.33
C GLN A 513 38.55 33.96 14.29
N ASP A 514 39.84 33.71 14.52
CA ASP A 514 40.88 34.22 13.64
C ASP A 514 40.74 33.79 12.19
N ILE A 515 40.72 32.48 11.97
CA ILE A 515 40.66 31.91 10.64
C ILE A 515 39.38 32.35 9.95
N THR A 516 38.28 32.32 10.69
CA THR A 516 36.98 32.68 10.16
C THR A 516 37.00 34.11 9.62
N THR A 517 37.46 35.04 10.45
CA THR A 517 37.49 36.46 10.12
C THR A 517 38.44 36.76 9.00
N LYS A 518 39.61 36.16 9.03
CA LYS A 518 40.64 36.52 8.09
C LYS A 518 40.43 35.83 6.76
N HIS A 519 40.00 34.57 6.79
CA HIS A 519 40.06 33.75 5.58
C HIS A 519 38.71 33.31 5.00
N MET A 520 37.62 33.46 5.75
CA MET A 520 36.33 32.99 5.25
C MET A 520 35.36 34.14 5.06
N LEU A 521 35.15 34.93 6.10
CA LEU A 521 34.26 36.10 6.05
C LEU A 521 34.36 36.96 4.77
N PRO A 522 35.59 37.32 4.32
CA PRO A 522 35.75 38.11 3.11
C PRO A 522 35.07 37.52 1.88
N THR A 523 35.21 36.21 1.69
CA THR A 523 34.52 35.49 0.63
C THR A 523 32.99 35.58 0.79
N VAL A 524 32.48 35.43 2.01
CA VAL A 524 31.04 35.51 2.23
C VAL A 524 30.52 36.90 1.83
N LEU A 525 31.23 37.93 2.25
CA LEU A 525 30.77 39.28 1.99
C LEU A 525 30.80 39.65 0.50
N ARG A 526 31.76 39.12 -0.25
CA ARG A 526 31.79 39.37 -1.70
C ARG A 526 30.61 38.70 -2.40
N MET A 527 30.23 37.53 -1.91
CA MET A 527 29.12 36.79 -2.50
C MET A 527 27.76 37.50 -2.39
N ALA A 528 27.63 38.41 -1.42
CA ALA A 528 26.43 39.20 -1.30
C ALA A 528 26.03 39.87 -2.61
N GLY A 529 26.96 39.97 -3.57
CA GLY A 529 26.65 40.55 -4.88
C GLY A 529 26.51 39.55 -6.01
N ASP A 530 26.14 38.31 -5.69
CA ASP A 530 26.04 37.25 -6.68
C ASP A 530 24.76 37.47 -7.48
N PRO A 531 24.81 37.21 -8.81
CA PRO A 531 23.69 37.53 -9.70
C PRO A 531 22.39 36.80 -9.35
N VAL A 532 22.52 35.68 -8.66
CA VAL A 532 21.40 34.77 -8.40
C VAL A 532 20.93 34.85 -6.94
N ALA A 533 19.64 35.14 -6.78
CA ALA A 533 19.03 35.35 -5.47
C ALA A 533 19.34 34.24 -4.47
N ASN A 534 19.36 33.01 -4.93
CA ASN A 534 19.51 31.88 -4.02
C ASN A 534 20.82 31.97 -3.29
N VAL A 535 21.87 32.39 -4.00
CA VAL A 535 23.14 32.58 -3.39
C VAL A 535 23.05 33.72 -2.39
N ARG A 536 22.36 34.78 -2.79
CA ARG A 536 22.25 35.97 -1.96
C ARG A 536 21.58 35.71 -0.63
N PHE A 537 20.40 35.10 -0.61
CA PHE A 537 19.76 34.84 0.69
C PHE A 537 20.51 33.82 1.58
N ASN A 538 21.34 33.00 0.97
CA ASN A 538 22.18 32.12 1.76
C ASN A 538 23.37 32.86 2.40
N VAL A 539 23.82 33.95 1.79
CA VAL A 539 24.79 34.82 2.41
C VAL A 539 24.21 35.39 3.69
N ALA A 540 22.94 35.79 3.65
CA ALA A 540 22.24 36.20 4.86
C ALA A 540 22.20 35.07 5.90
N LYS A 541 21.69 33.91 5.51
CA LYS A 541 21.60 32.77 6.44
C LYS A 541 22.96 32.45 7.02
N SER A 542 24.00 32.62 6.19
CA SER A 542 25.33 32.23 6.54
C SER A 542 25.96 33.20 7.53
N LEU A 543 25.68 34.49 7.31
CA LEU A 543 26.13 35.54 8.22
C LEU A 543 25.43 35.40 9.57
N GLN A 544 24.14 35.11 9.56
CA GLN A 544 23.46 34.77 10.80
C GLN A 544 24.25 33.70 11.56
N LYS A 545 24.58 32.62 10.88
CA LYS A 545 25.16 31.44 11.51
C LYS A 545 26.55 31.69 12.09
N ILE A 546 27.42 32.34 11.31
CA ILE A 546 28.78 32.60 11.76
C ILE A 546 28.93 33.91 12.55
N GLY A 547 27.87 34.71 12.58
CA GLY A 547 27.84 35.97 13.31
C GLY A 547 28.38 35.92 14.73
N PRO A 548 27.88 34.98 15.56
CA PRO A 548 28.35 34.90 16.95
C PRO A 548 29.85 34.66 17.13
N ILE A 549 30.49 33.99 16.15
CA ILE A 549 31.93 33.67 16.22
C ILE A 549 32.83 34.91 16.13
N LEU A 550 32.29 36.01 15.61
CA LEU A 550 33.08 37.20 15.30
C LEU A 550 33.08 38.27 16.40
N ASP A 551 34.13 39.10 16.43
CA ASP A 551 34.19 40.24 17.35
C ASP A 551 33.16 41.32 16.98
N ASN A 552 32.52 41.91 17.99
CA ASN A 552 31.49 42.93 17.77
C ASN A 552 31.94 44.10 16.88
N SER A 553 33.24 44.39 16.86
CA SER A 553 33.77 45.43 15.97
C SER A 553 33.69 45.02 14.50
N THR A 554 34.05 43.76 14.22
CA THR A 554 33.93 43.18 12.86
C THR A 554 32.46 43.10 12.49
N LEU A 555 31.68 42.52 13.39
CA LEU A 555 30.25 42.42 13.18
C LEU A 555 29.69 43.76 12.75
N GLN A 556 30.17 44.81 13.40
CA GLN A 556 29.58 46.15 13.30
C GLN A 556 30.03 46.96 12.09
N SER A 557 31.29 46.83 11.69
CA SER A 557 31.83 47.64 10.61
C SER A 557 31.72 46.94 9.27
N GLU A 558 31.63 45.61 9.30
CA GLU A 558 31.68 44.80 8.09
C GLU A 558 30.38 44.07 7.79
N VAL A 559 29.89 43.28 8.74
CA VAL A 559 28.68 42.48 8.53
C VAL A 559 27.45 43.34 8.39
N LYS A 560 27.18 44.18 9.39
CA LYS A 560 25.97 45.03 9.41
C LYS A 560 25.67 45.79 8.09
N PRO A 561 26.65 46.52 7.53
CA PRO A 561 26.35 47.23 6.28
C PRO A 561 25.83 46.33 5.17
N ILE A 562 26.52 45.20 4.93
CA ILE A 562 26.14 44.23 3.92
C ILE A 562 24.72 43.64 4.16
N LEU A 563 24.42 43.24 5.39
CA LEU A 563 23.08 42.75 5.68
C LEU A 563 22.04 43.82 5.34
N GLU A 564 22.30 45.07 5.74
CA GLU A 564 21.40 46.18 5.45
C GLU A 564 21.23 46.43 3.97
N LYS A 565 22.34 46.36 3.23
CA LYS A 565 22.30 46.45 1.77
C LYS A 565 21.35 45.39 1.16
N LEU A 566 21.37 44.18 1.71
CA LEU A 566 20.52 43.09 1.23
C LEU A 566 19.05 43.27 1.58
N THR A 567 18.76 43.99 2.67
CA THR A 567 17.35 44.29 3.01
C THR A 567 16.73 45.20 1.95
N GLN A 568 17.58 45.82 1.13
CA GLN A 568 17.13 46.65 0.01
C GLN A 568 17.02 45.86 -1.30
N ASP A 569 17.27 44.55 -1.22
CA ASP A 569 17.28 43.69 -2.39
C ASP A 569 15.92 43.60 -3.09
N GLN A 570 15.96 43.48 -4.41
CA GLN A 570 14.75 43.40 -5.22
C GLN A 570 13.91 42.13 -4.97
N ASP A 571 14.51 41.14 -4.31
CA ASP A 571 13.93 39.80 -4.22
C ASP A 571 13.43 39.47 -2.81
N VAL A 572 12.16 39.09 -2.71
CA VAL A 572 11.49 38.90 -1.43
C VAL A 572 12.22 37.99 -0.43
N ASP A 573 12.83 36.92 -0.92
CA ASP A 573 13.50 35.94 -0.06
C ASP A 573 14.83 36.44 0.47
N VAL A 574 15.53 37.26 -0.31
CA VAL A 574 16.75 37.89 0.17
C VAL A 574 16.43 38.89 1.26
N LYS A 575 15.42 39.72 1.01
CA LYS A 575 14.99 40.74 1.94
C LYS A 575 14.57 40.11 3.26
N TYR A 576 13.88 38.98 3.18
CA TYR A 576 13.39 38.31 4.37
C TYR A 576 14.54 37.77 5.20
N PHE A 577 15.49 37.13 4.55
CA PHE A 577 16.54 36.46 5.29
C PHE A 577 17.60 37.43 5.86
N ALA A 578 17.72 38.60 5.22
CA ALA A 578 18.54 39.68 5.74
C ALA A 578 17.90 40.24 7.01
N GLN A 579 16.65 40.70 6.91
CA GLN A 579 15.89 41.17 8.06
C GLN A 579 15.98 40.19 9.22
N GLU A 580 16.02 38.91 8.90
CA GLU A 580 16.07 37.84 9.90
C GLU A 580 17.42 37.82 10.60
N ALA A 581 18.49 37.90 9.81
CA ALA A 581 19.85 37.87 10.35
C ALA A 581 20.10 39.08 11.27
N LEU A 582 19.59 40.25 10.90
CA LEU A 582 19.71 41.47 11.71
C LEU A 582 19.00 41.36 13.06
N THR A 583 17.83 40.73 13.08
CA THR A 583 17.10 40.51 14.32
C THR A 583 17.93 39.59 15.22
N VAL A 584 18.33 38.45 14.67
CA VAL A 584 18.98 37.40 15.44
C VAL A 584 20.31 37.86 16.02
N LEU A 585 21.08 38.57 15.20
CA LEU A 585 22.37 39.09 15.64
C LEU A 585 22.22 40.36 16.47
N SER A 586 20.99 40.85 16.61
CA SER A 586 20.72 42.12 17.30
C SER A 586 21.51 43.25 16.67
N LEU A 587 21.48 43.31 15.34
CA LEU A 587 22.03 44.44 14.60
C LEU A 587 20.90 45.32 14.09
N ALA A 588 19.68 44.90 14.40
CA ALA A 588 18.50 45.75 14.31
C ALA A 588 18.15 46.22 15.73
N PRO B 1 -0.57 -55.90 -28.09
CA PRO B 1 -1.31 -57.15 -27.88
C PRO B 1 -2.35 -57.02 -26.77
N PRO B 2 -3.01 -58.12 -26.44
CA PRO B 2 -4.29 -58.07 -25.72
C PRO B 2 -4.08 -57.79 -24.18
N ALA B 3 -2.84 -57.90 -23.77
CA ALA B 3 -2.54 -57.82 -22.38
C ALA B 3 -1.31 -57.16 -21.78
N ASP B 4 -0.14 -57.59 -22.22
CA ASP B 4 1.11 -56.96 -21.79
C ASP B 4 0.98 -55.47 -22.06
N GLN B 5 -0.15 -55.07 -22.65
CA GLN B 5 -0.48 -53.65 -22.78
C GLN B 5 -0.71 -53.02 -21.40
N GLU B 6 -1.51 -53.71 -20.57
CA GLU B 6 -1.84 -53.23 -19.22
C GLU B 6 -0.62 -53.12 -18.30
N LYS B 7 0.40 -53.95 -18.52
CA LYS B 7 1.65 -53.86 -17.76
C LYS B 7 2.49 -52.67 -18.21
N LEU B 8 2.53 -52.44 -19.53
CA LEU B 8 3.34 -51.37 -20.13
C LEU B 8 2.83 -49.97 -19.79
N PHE B 9 1.51 -49.87 -19.62
CA PHE B 9 0.84 -48.63 -19.23
C PHE B 9 1.28 -48.22 -17.83
N ILE B 10 1.09 -49.12 -16.87
CA ILE B 10 1.53 -48.92 -15.48
C ILE B 10 3.01 -48.56 -15.41
N GLN B 11 3.83 -49.25 -16.20
CA GLN B 11 5.25 -48.97 -16.28
C GLN B 11 5.55 -47.51 -16.64
N LYS B 12 4.74 -46.95 -17.53
CA LYS B 12 4.93 -45.57 -18.00
C LYS B 12 4.43 -44.52 -17.01
N LEU B 13 3.34 -44.84 -16.32
CA LEU B 13 2.85 -44.04 -15.22
C LEU B 13 3.97 -43.82 -14.20
N ARG B 14 4.61 -44.93 -13.80
CA ARG B 14 5.79 -44.90 -12.93
C ARG B 14 6.83 -43.90 -13.41
N GLN B 15 7.19 -43.98 -14.69
CA GLN B 15 8.26 -43.14 -15.24
C GLN B 15 7.86 -41.66 -15.29
N CYS B 16 6.56 -41.41 -15.25
CA CYS B 16 6.02 -40.05 -15.22
C CYS B 16 5.93 -39.47 -13.80
N CYS B 17 6.33 -40.28 -12.82
CA CYS B 17 6.42 -39.83 -11.44
C CYS B 17 7.74 -39.15 -11.17
N VAL B 18 8.68 -39.26 -12.11
CA VAL B 18 9.96 -38.57 -11.98
C VAL B 18 9.76 -37.07 -12.24
N LEU B 19 9.92 -36.28 -11.18
CA LEU B 19 9.75 -34.84 -11.27
C LEU B 19 11.01 -34.22 -11.84
N PHE B 20 10.84 -33.20 -12.69
CA PHE B 20 11.96 -32.53 -13.32
C PHE B 20 12.02 -31.08 -12.92
N ASP B 21 13.22 -30.52 -12.90
CA ASP B 21 13.45 -29.14 -12.49
C ASP B 21 13.40 -28.19 -13.69
N PHE B 22 12.45 -27.26 -13.64
CA PHE B 22 12.29 -26.24 -14.69
C PHE B 22 12.71 -24.84 -14.24
N VAL B 23 12.76 -24.64 -12.92
CA VAL B 23 13.04 -23.33 -12.32
C VAL B 23 14.52 -23.17 -11.96
N SER B 24 14.95 -23.87 -10.90
CA SER B 24 16.33 -23.80 -10.37
C SER B 24 17.40 -24.00 -11.47
N ASP B 25 17.30 -25.12 -12.18
CA ASP B 25 18.17 -25.38 -13.32
C ASP B 25 17.34 -25.40 -14.61
N PRO B 26 17.25 -24.25 -15.31
CA PRO B 26 16.35 -24.13 -16.47
C PRO B 26 16.91 -24.74 -17.75
N LEU B 27 18.22 -25.06 -17.75
CA LEU B 27 18.90 -25.61 -18.92
C LEU B 27 19.19 -27.10 -18.78
N SER B 28 18.88 -27.66 -17.61
CA SER B 28 19.14 -29.07 -17.31
C SER B 28 18.11 -29.99 -17.97
N ASP B 29 18.55 -31.22 -18.26
CA ASP B 29 17.66 -32.34 -18.59
C ASP B 29 16.73 -32.18 -19.80
N LEU B 30 17.10 -31.31 -20.75
CA LEU B 30 16.25 -31.05 -21.91
C LEU B 30 15.72 -32.35 -22.52
N LYS B 31 16.64 -33.29 -22.75
CA LYS B 31 16.32 -34.56 -23.41
C LYS B 31 15.28 -35.37 -22.66
N TRP B 32 15.48 -35.51 -21.35
CA TRP B 32 14.62 -36.36 -20.52
C TRP B 32 13.26 -35.71 -20.24
N LYS B 33 13.25 -34.38 -20.19
CA LYS B 33 12.02 -33.61 -20.16
C LYS B 33 11.14 -33.99 -21.34
N GLU B 34 11.73 -33.99 -22.54
CA GLU B 34 11.02 -34.41 -23.74
C GLU B 34 10.51 -35.85 -23.63
N VAL B 35 11.35 -36.75 -23.13
CA VAL B 35 10.95 -38.15 -22.94
C VAL B 35 9.67 -38.21 -22.10
N LYS B 36 9.67 -37.51 -20.97
CA LYS B 36 8.48 -37.43 -20.14
C LYS B 36 7.34 -36.78 -20.91
N ARG B 37 7.59 -35.64 -21.53
CA ARG B 37 6.59 -34.92 -22.32
C ARG B 37 5.92 -35.84 -23.34
N ALA B 38 6.72 -36.63 -24.05
CA ALA B 38 6.20 -37.59 -25.02
C ALA B 38 5.44 -38.71 -24.32
N ALA B 39 5.96 -39.14 -23.17
CA ALA B 39 5.43 -40.29 -22.45
C ALA B 39 4.00 -40.09 -21.98
N LEU B 40 3.67 -38.90 -21.48
CA LEU B 40 2.29 -38.68 -21.06
C LEU B 40 1.43 -38.14 -22.19
N SER B 41 2.09 -37.56 -23.19
CA SER B 41 1.41 -37.12 -24.42
C SER B 41 0.69 -38.30 -25.08
N GLU B 42 1.45 -39.38 -25.29
CA GLU B 42 0.90 -40.56 -25.92
C GLU B 42 -0.14 -41.23 -25.02
N MET B 43 -0.01 -41.02 -23.71
CA MET B 43 -0.93 -41.62 -22.74
C MET B 43 -2.30 -40.95 -22.76
N VAL B 44 -2.31 -39.67 -23.12
CA VAL B 44 -3.56 -38.95 -23.39
C VAL B 44 -4.21 -39.57 -24.62
N GLU B 45 -3.56 -39.42 -25.78
CA GLU B 45 -4.00 -40.01 -27.04
C GLU B 45 -4.42 -41.46 -26.82
N TYR B 46 -3.65 -42.18 -26.02
CA TYR B 46 -3.96 -43.56 -25.70
C TYR B 46 -5.35 -43.70 -25.07
N ILE B 47 -5.56 -43.07 -23.92
CA ILE B 47 -6.83 -43.19 -23.19
C ILE B 47 -7.97 -42.42 -23.84
N THR B 48 -7.64 -41.42 -24.65
CA THR B 48 -8.66 -40.59 -25.31
C THR B 48 -9.48 -41.39 -26.33
N HIS B 49 -8.82 -41.81 -27.42
CA HIS B 49 -9.51 -42.45 -28.54
C HIS B 49 -9.92 -43.91 -28.28
N ASN B 50 -9.02 -44.68 -27.66
CA ASN B 50 -9.29 -46.09 -27.29
C ASN B 50 -10.35 -46.23 -26.19
N ARG B 51 -10.79 -47.46 -25.94
CA ARG B 51 -11.80 -47.71 -24.90
C ARG B 51 -11.60 -49.03 -24.15
N ASN B 52 -12.19 -49.11 -22.95
CA ASN B 52 -12.11 -50.28 -22.06
C ASN B 52 -10.71 -50.52 -21.49
N VAL B 53 -10.00 -49.43 -21.19
CA VAL B 53 -8.62 -49.50 -20.69
C VAL B 53 -8.48 -49.05 -19.22
N ILE B 54 -9.47 -48.27 -18.75
CA ILE B 54 -9.59 -47.93 -17.33
C ILE B 54 -9.97 -49.17 -16.51
N THR B 55 -9.00 -50.10 -16.42
CA THR B 55 -9.14 -51.33 -15.66
C THR B 55 -8.88 -51.06 -14.17
N GLU B 56 -9.36 -51.95 -13.30
CA GLU B 56 -9.24 -51.77 -11.85
C GLU B 56 -7.86 -51.41 -11.28
N PRO B 57 -6.77 -52.02 -11.82
CA PRO B 57 -5.47 -51.74 -11.21
C PRO B 57 -4.85 -50.38 -11.54
N ILE B 58 -5.27 -49.76 -12.65
CA ILE B 58 -4.64 -48.51 -13.09
C ILE B 58 -5.14 -47.28 -12.32
N TYR B 59 -6.25 -47.44 -11.61
CA TYR B 59 -6.78 -46.36 -10.80
C TYR B 59 -5.73 -45.79 -9.84
N PRO B 60 -5.31 -46.54 -8.81
CA PRO B 60 -4.27 -46.03 -7.90
C PRO B 60 -3.05 -45.51 -8.62
N GLU B 61 -2.70 -46.11 -9.75
CA GLU B 61 -1.49 -45.75 -10.48
C GLU B 61 -1.59 -44.36 -11.08
N VAL B 62 -2.82 -43.99 -11.45
CA VAL B 62 -3.11 -42.68 -12.04
C VAL B 62 -3.18 -41.58 -10.97
N VAL B 63 -3.98 -41.81 -9.93
CA VAL B 63 -4.15 -40.87 -8.83
C VAL B 63 -2.80 -40.52 -8.19
N HIS B 64 -1.97 -41.55 -8.01
CA HIS B 64 -0.64 -41.35 -7.48
C HIS B 64 0.23 -40.53 -8.45
N MET B 65 0.09 -40.81 -9.75
CA MET B 65 0.85 -40.08 -10.77
C MET B 65 0.52 -38.58 -10.73
N PHE B 66 -0.77 -38.29 -10.57
CA PHE B 66 -1.27 -36.94 -10.46
C PHE B 66 -0.68 -36.22 -9.24
N ALA B 67 -0.90 -36.82 -8.07
CA ALA B 67 -0.50 -36.26 -6.78
C ALA B 67 0.97 -35.91 -6.72
N VAL B 68 1.83 -36.83 -7.15
CA VAL B 68 3.27 -36.60 -7.11
C VAL B 68 3.68 -35.44 -8.04
N ASN B 69 2.92 -35.22 -9.10
CA ASN B 69 3.19 -34.13 -10.05
C ASN B 69 2.54 -32.80 -9.68
N MET B 70 1.31 -32.86 -9.21
CA MET B 70 0.49 -31.68 -8.93
C MET B 70 0.62 -31.11 -7.52
N PHE B 71 0.67 -31.97 -6.51
CA PHE B 71 0.60 -31.51 -5.12
C PHE B 71 1.97 -31.11 -4.56
N ARG B 72 2.37 -29.87 -4.85
CA ARG B 72 3.54 -29.25 -4.22
C ARG B 72 3.09 -28.03 -3.43
N THR B 73 4.00 -27.49 -2.64
CA THR B 73 3.77 -26.22 -2.00
C THR B 73 4.03 -25.14 -3.05
N LEU B 74 3.09 -24.21 -3.13
CA LEU B 74 3.21 -23.05 -4.02
C LEU B 74 4.30 -22.10 -3.52
N PRO B 75 5.04 -21.46 -4.45
CA PRO B 75 6.19 -20.66 -4.03
C PRO B 75 5.74 -19.32 -3.42
N PRO B 76 6.68 -18.54 -2.84
CA PRO B 76 6.30 -17.20 -2.39
C PRO B 76 5.60 -16.41 -3.48
N SER B 77 4.69 -15.53 -3.09
CA SER B 77 4.05 -14.61 -4.01
C SER B 77 5.09 -13.85 -4.83
N SER B 78 4.83 -13.72 -6.13
CA SER B 78 5.74 -12.99 -7.00
C SER B 78 5.34 -11.53 -7.07
N ASN B 79 4.24 -11.20 -6.41
CA ASN B 79 3.70 -9.86 -6.44
C ASN B 79 3.83 -9.20 -5.07
N PRO B 80 4.20 -7.91 -5.05
CA PRO B 80 4.11 -7.13 -3.81
C PRO B 80 2.71 -7.12 -3.19
N THR B 81 2.66 -7.11 -1.86
CA THR B 81 1.41 -6.99 -1.11
C THR B 81 1.36 -5.64 -0.40
N GLY B 82 0.16 -5.19 -0.04
CA GLY B 82 -0.01 -3.90 0.63
C GLY B 82 -1.17 -3.09 0.10
N ALA B 83 -1.51 -2.03 0.83
CA ALA B 83 -2.69 -1.21 0.52
C ALA B 83 -2.58 -0.40 -0.77
N GLU B 84 -1.34 -0.17 -1.22
CA GLU B 84 -1.05 0.64 -2.42
C GLU B 84 -0.98 -0.18 -3.71
N PHE B 85 -1.25 -1.48 -3.62
CA PHE B 85 -1.25 -2.37 -4.79
C PHE B 85 -2.64 -2.88 -5.16
N ASP B 86 -2.96 -2.78 -6.45
CA ASP B 86 -4.17 -3.41 -7.00
C ASP B 86 -3.79 -4.74 -7.66
N PRO B 87 -4.28 -5.86 -7.09
CA PRO B 87 -4.00 -7.21 -7.58
C PRO B 87 -4.38 -7.40 -9.05
N GLU B 88 -5.20 -6.50 -9.56
CA GLU B 88 -5.56 -6.48 -10.98
C GLU B 88 -4.35 -6.13 -11.84
N GLU B 89 -3.43 -5.34 -11.27
CA GLU B 89 -2.27 -4.82 -11.98
C GLU B 89 -1.02 -5.70 -11.77
N ASP B 90 -1.20 -6.86 -11.14
CA ASP B 90 -0.11 -7.83 -10.92
C ASP B 90 0.41 -8.47 -12.21
N GLU B 91 1.73 -8.47 -12.38
CA GLU B 91 2.37 -9.14 -13.53
C GLU B 91 2.02 -10.63 -13.56
N PRO B 92 1.59 -11.12 -14.75
CA PRO B 92 1.27 -12.54 -14.85
C PRO B 92 2.56 -13.36 -14.71
N THR B 93 2.65 -14.11 -13.62
CA THR B 93 3.84 -14.92 -13.35
C THR B 93 3.49 -16.39 -13.55
N LEU B 94 4.10 -16.99 -14.57
CA LEU B 94 3.64 -18.27 -15.08
C LEU B 94 4.40 -19.45 -14.50
N GLU B 95 3.67 -20.57 -14.38
CA GLU B 95 4.21 -21.83 -13.89
C GLU B 95 5.16 -22.43 -14.92
N ALA B 96 6.44 -22.46 -14.57
CA ALA B 96 7.51 -22.78 -15.51
C ALA B 96 7.54 -24.25 -15.95
N ALA B 97 6.88 -25.12 -15.20
CA ALA B 97 6.83 -26.53 -15.52
C ALA B 97 5.56 -26.87 -16.28
N TRP B 98 4.94 -25.87 -16.90
CA TRP B 98 3.67 -26.06 -17.63
C TRP B 98 3.76 -27.08 -18.80
N PRO B 99 4.92 -27.17 -19.48
CA PRO B 99 5.20 -28.27 -20.39
C PRO B 99 4.72 -29.65 -19.91
N HIS B 100 5.05 -30.04 -18.67
CA HIS B 100 4.57 -31.31 -18.11
C HIS B 100 3.21 -31.17 -17.41
N LEU B 101 3.03 -30.09 -16.67
CA LEU B 101 1.84 -29.90 -15.86
C LEU B 101 0.53 -29.92 -16.64
N GLN B 102 0.52 -29.22 -17.78
CA GLN B 102 -0.62 -29.19 -18.67
C GLN B 102 -1.11 -30.59 -19.00
N LEU B 103 -0.18 -31.44 -19.43
CA LEU B 103 -0.48 -32.79 -19.90
C LEU B 103 -0.90 -33.74 -18.78
N VAL B 104 -0.41 -33.51 -17.55
CA VAL B 104 -0.93 -34.23 -16.37
C VAL B 104 -2.38 -33.82 -16.13
N TYR B 105 -2.66 -32.53 -16.25
CA TYR B 105 -4.02 -32.03 -16.11
C TYR B 105 -4.90 -32.57 -17.22
N GLU B 106 -4.47 -32.37 -18.46
CA GLU B 106 -5.20 -32.85 -19.64
C GLU B 106 -5.47 -34.34 -19.55
N PHE B 107 -4.50 -35.09 -19.01
CA PHE B 107 -4.65 -36.53 -18.85
C PHE B 107 -5.69 -36.91 -17.80
N PHE B 108 -5.49 -36.42 -16.57
CA PHE B 108 -6.36 -36.75 -15.45
C PHE B 108 -7.81 -36.37 -15.75
N LEU B 109 -7.99 -35.43 -16.68
CA LEU B 109 -9.31 -35.01 -17.10
C LEU B 109 -10.01 -36.01 -18.02
N ARG B 110 -9.29 -36.47 -19.04
CA ARG B 110 -9.77 -37.53 -19.93
C ARG B 110 -10.02 -38.80 -19.13
N PHE B 111 -9.10 -39.11 -18.21
CA PHE B 111 -9.27 -40.18 -17.23
C PHE B 111 -10.57 -40.04 -16.46
N LEU B 112 -11.02 -38.80 -16.23
CA LEU B 112 -12.27 -38.55 -15.52
C LEU B 112 -13.47 -38.63 -16.43
N GLU B 113 -13.33 -38.07 -17.63
CA GLU B 113 -14.44 -37.91 -18.56
C GLU B 113 -14.82 -39.16 -19.33
N SER B 114 -14.05 -40.24 -19.16
CA SER B 114 -14.35 -41.52 -19.84
C SER B 114 -15.69 -42.07 -19.39
N PRO B 115 -16.49 -42.59 -20.34
CA PRO B 115 -17.78 -43.18 -19.98
C PRO B 115 -17.57 -44.55 -19.36
N ASP B 116 -16.33 -45.04 -19.44
CA ASP B 116 -15.91 -46.28 -18.79
C ASP B 116 -15.31 -46.04 -17.40
N PHE B 117 -15.40 -44.80 -16.91
CA PHE B 117 -14.87 -44.44 -15.61
C PHE B 117 -15.87 -44.84 -14.53
N GLN B 118 -15.40 -45.59 -13.53
CA GLN B 118 -16.24 -46.08 -12.41
C GLN B 118 -16.00 -45.33 -11.10
N PRO B 119 -16.87 -44.37 -10.77
CA PRO B 119 -16.80 -43.61 -9.52
C PRO B 119 -16.55 -44.46 -8.27
N ASN B 120 -17.51 -45.30 -7.88
CA ASN B 120 -17.42 -46.02 -6.61
C ASN B 120 -16.30 -47.07 -6.54
N ILE B 121 -15.48 -47.09 -7.59
CA ILE B 121 -14.25 -47.88 -7.62
C ILE B 121 -13.05 -46.95 -7.43
N ALA B 122 -13.12 -45.75 -8.03
CA ALA B 122 -12.09 -44.72 -7.87
C ALA B 122 -12.11 -44.05 -6.50
N LYS B 123 -13.29 -44.06 -5.87
CA LYS B 123 -13.51 -43.31 -4.64
C LYS B 123 -12.58 -43.70 -3.48
N LYS B 124 -12.02 -44.90 -3.57
CA LYS B 124 -11.01 -45.36 -2.62
C LYS B 124 -9.77 -44.48 -2.67
N TYR B 125 -9.54 -43.88 -3.83
CA TYR B 125 -8.31 -43.13 -4.08
C TYR B 125 -8.51 -41.62 -4.16
N ILE B 126 -9.59 -41.19 -4.81
CA ILE B 126 -10.01 -39.80 -4.74
C ILE B 126 -10.81 -39.63 -3.46
N ASP B 127 -10.11 -39.25 -2.40
CA ASP B 127 -10.71 -39.11 -1.07
C ASP B 127 -10.62 -37.66 -0.61
N GLN B 128 -11.20 -37.39 0.56
CA GLN B 128 -11.13 -36.06 1.16
C GLN B 128 -9.71 -35.47 1.15
N LYS B 129 -8.72 -36.31 1.46
CA LYS B 129 -7.31 -35.91 1.48
C LYS B 129 -6.86 -35.37 0.14
N PHE B 130 -7.23 -36.08 -0.92
CA PHE B 130 -6.91 -35.70 -2.30
C PHE B 130 -7.59 -34.37 -2.63
N VAL B 131 -8.86 -34.24 -2.24
CA VAL B 131 -9.64 -33.04 -2.51
C VAL B 131 -9.02 -31.83 -1.84
N LEU B 132 -8.60 -32.00 -0.60
CA LEU B 132 -8.04 -30.89 0.16
C LEU B 132 -6.79 -30.34 -0.51
N GLN B 133 -5.92 -31.22 -1.00
CA GLN B 133 -4.68 -30.81 -1.64
C GLN B 133 -4.93 -30.25 -3.02
N LEU B 134 -6.03 -30.65 -3.62
CA LEU B 134 -6.48 -30.16 -4.91
C LEU B 134 -7.01 -28.74 -4.69
N LEU B 135 -7.73 -28.55 -3.60
CA LEU B 135 -8.31 -27.27 -3.25
C LEU B 135 -7.24 -26.24 -2.94
N GLU B 136 -6.13 -26.71 -2.36
CA GLU B 136 -5.01 -25.85 -2.01
C GLU B 136 -4.44 -25.23 -3.28
N LEU B 137 -4.47 -26.01 -4.36
CA LEU B 137 -3.86 -25.62 -5.63
C LEU B 137 -4.51 -24.42 -6.31
N PHE B 138 -5.74 -24.08 -5.91
CA PHE B 138 -6.46 -22.96 -6.51
C PHE B 138 -5.80 -21.60 -6.28
N ASP B 139 -4.86 -21.55 -5.36
CA ASP B 139 -4.16 -20.31 -5.10
C ASP B 139 -2.94 -20.15 -5.99
N SER B 140 -2.83 -21.01 -7.01
CA SER B 140 -1.75 -20.96 -7.99
C SER B 140 -1.78 -19.61 -8.73
N GLU B 141 -0.61 -19.05 -9.04
CA GLU B 141 -0.56 -17.75 -9.73
C GLU B 141 -0.94 -17.88 -11.22
N ASP B 142 -0.69 -19.07 -11.77
CA ASP B 142 -0.93 -19.37 -13.18
C ASP B 142 -2.44 -19.57 -13.50
N PRO B 143 -3.02 -18.67 -14.30
CA PRO B 143 -4.44 -18.75 -14.66
C PRO B 143 -4.83 -20.03 -15.40
N ARG B 144 -3.92 -20.57 -16.21
CA ARG B 144 -4.18 -21.83 -16.90
C ARG B 144 -4.33 -22.97 -15.92
N GLU B 145 -3.51 -22.97 -14.86
CA GLU B 145 -3.61 -23.97 -13.82
C GLU B 145 -4.95 -23.87 -13.09
N ARG B 146 -5.29 -22.65 -12.67
CA ARG B 146 -6.58 -22.41 -12.01
C ARG B 146 -7.75 -22.86 -12.88
N ASP B 147 -7.64 -22.57 -14.18
CA ASP B 147 -8.63 -22.99 -15.18
C ASP B 147 -8.88 -24.49 -15.23
N PHE B 148 -7.81 -25.27 -15.33
CA PHE B 148 -7.89 -26.71 -15.27
C PHE B 148 -8.47 -27.20 -13.95
N LEU B 149 -8.01 -26.61 -12.85
CA LEU B 149 -8.45 -27.02 -11.53
C LEU B 149 -9.95 -26.82 -11.41
N LYS B 150 -10.42 -25.67 -11.89
CA LYS B 150 -11.85 -25.35 -11.88
C LYS B 150 -12.63 -26.50 -12.48
N THR B 151 -12.20 -26.93 -13.67
CA THR B 151 -12.91 -27.97 -14.40
C THR B 151 -12.77 -29.31 -13.70
N THR B 152 -11.59 -29.60 -13.19
CA THR B 152 -11.37 -30.86 -12.49
C THR B 152 -12.22 -31.01 -11.25
N LEU B 153 -12.22 -29.99 -10.37
CA LEU B 153 -12.98 -30.07 -9.12
C LEU B 153 -14.47 -30.12 -9.44
N HIS B 154 -14.85 -29.42 -10.50
CA HIS B 154 -16.23 -29.45 -10.99
C HIS B 154 -16.72 -30.85 -11.39
N ARG B 155 -15.85 -31.62 -12.03
CA ARG B 155 -16.14 -33.02 -12.37
C ARG B 155 -16.25 -33.87 -11.11
N ILE B 156 -15.24 -33.78 -10.26
CA ILE B 156 -15.19 -34.53 -9.03
C ILE B 156 -16.46 -34.24 -8.24
N TYR B 157 -16.87 -32.99 -8.15
CA TYR B 157 -18.11 -32.67 -7.46
C TYR B 157 -19.29 -33.43 -8.07
N GLY B 158 -19.35 -33.46 -9.41
CA GLY B 158 -20.43 -34.14 -10.14
C GLY B 158 -20.50 -35.65 -9.94
N LYS B 159 -19.34 -36.31 -9.94
CA LYS B 159 -19.27 -37.77 -9.95
C LYS B 159 -19.13 -38.47 -8.58
N PHE B 160 -18.97 -37.71 -7.50
CA PHE B 160 -18.82 -38.32 -6.17
C PHE B 160 -19.75 -37.69 -5.14
N LEU B 161 -20.93 -38.27 -4.97
CA LEU B 161 -21.89 -37.77 -3.99
C LEU B 161 -21.28 -37.80 -2.59
N GLY B 162 -20.45 -38.79 -2.32
CA GLY B 162 -19.77 -38.90 -1.02
C GLY B 162 -18.98 -37.66 -0.66
N LEU B 163 -18.30 -37.11 -1.65
CA LEU B 163 -17.41 -35.99 -1.43
C LEU B 163 -18.07 -34.61 -1.47
N ARG B 164 -19.35 -34.53 -1.85
CA ARG B 164 -20.00 -33.22 -2.05
C ARG B 164 -20.10 -32.34 -0.82
N ALA B 165 -20.40 -32.95 0.32
CA ALA B 165 -20.52 -32.23 1.58
C ALA B 165 -19.16 -31.66 1.98
N TYR B 166 -18.14 -32.50 1.86
CA TYR B 166 -16.79 -32.13 2.25
C TYR B 166 -16.30 -30.97 1.42
N ILE B 167 -16.46 -31.09 0.10
CA ILE B 167 -16.05 -30.05 -0.83
C ILE B 167 -16.73 -28.70 -0.53
N ARG B 168 -18.01 -28.74 -0.20
CA ARG B 168 -18.73 -27.54 0.19
C ARG B 168 -18.14 -26.90 1.45
N LYS B 169 -17.95 -27.71 2.49
CA LYS B 169 -17.39 -27.25 3.77
C LYS B 169 -15.95 -26.73 3.59
N GLN B 170 -15.17 -27.42 2.78
CA GLN B 170 -13.80 -27.01 2.60
C GLN B 170 -13.66 -25.69 1.86
N ILE B 171 -14.42 -25.46 0.79
CA ILE B 171 -14.27 -24.19 0.08
C ILE B 171 -14.81 -23.04 0.92
N ASN B 172 -15.86 -23.31 1.70
CA ASN B 172 -16.31 -22.36 2.70
C ASN B 172 -15.18 -21.89 3.61
N ASN B 173 -14.39 -22.86 4.10
CA ASN B 173 -13.27 -22.54 4.96
C ASN B 173 -12.32 -21.61 4.23
N ILE B 174 -12.02 -21.92 2.98
CA ILE B 174 -11.14 -21.09 2.17
C ILE B 174 -11.65 -19.64 2.10
N PHE B 175 -12.95 -19.46 1.90
CA PHE B 175 -13.51 -18.11 1.82
C PHE B 175 -13.40 -17.38 3.14
N TYR B 176 -13.94 -17.96 4.22
CA TYR B 176 -13.83 -17.40 5.56
C TYR B 176 -12.41 -16.88 5.85
N ARG B 177 -11.39 -17.69 5.59
CA ARG B 177 -10.03 -17.24 5.78
C ARG B 177 -9.72 -16.06 4.90
N PHE B 178 -10.24 -16.05 3.67
CA PHE B 178 -9.99 -14.96 2.73
C PHE B 178 -10.68 -13.69 3.23
N ILE B 179 -11.95 -13.82 3.60
CA ILE B 179 -12.71 -12.64 3.96
C ILE B 179 -12.31 -12.14 5.35
N TYR B 180 -12.00 -13.03 6.27
CA TYR B 180 -11.82 -12.61 7.66
C TYR B 180 -10.40 -12.62 8.18
N GLU B 181 -9.49 -13.26 7.46
CA GLU B 181 -8.09 -13.31 7.91
C GLU B 181 -7.06 -12.66 6.97
N THR B 182 -6.96 -13.11 5.71
CA THR B 182 -5.85 -12.66 4.84
C THR B 182 -6.18 -11.60 3.77
N GLU B 183 -7.41 -11.56 3.28
CA GLU B 183 -7.82 -10.73 2.11
C GLU B 183 -6.92 -10.91 0.86
N HIS B 184 -6.25 -12.07 0.77
CA HIS B 184 -5.46 -12.45 -0.43
C HIS B 184 -5.69 -13.92 -0.80
N HIS B 185 -6.10 -14.15 -2.04
CA HIS B 185 -6.21 -15.50 -2.61
C HIS B 185 -6.44 -15.36 -4.12
N ASN B 186 -5.66 -16.05 -4.94
CA ASN B 186 -5.74 -15.91 -6.39
C ASN B 186 -6.92 -16.60 -7.10
N GLY B 187 -7.63 -17.47 -6.40
CA GLY B 187 -8.56 -18.34 -7.08
C GLY B 187 -9.99 -18.18 -6.68
N ILE B 188 -10.35 -16.99 -6.19
CA ILE B 188 -11.73 -16.76 -5.73
C ILE B 188 -12.75 -16.87 -6.88
N ALA B 189 -12.46 -16.22 -7.99
CA ALA B 189 -13.30 -16.31 -9.19
C ALA B 189 -13.62 -17.75 -9.56
N GLU B 190 -12.58 -18.55 -9.76
CA GLU B 190 -12.72 -19.92 -10.21
C GLU B 190 -13.57 -20.74 -9.27
N LEU B 191 -13.36 -20.60 -7.96
CA LEU B 191 -14.14 -21.35 -6.99
C LEU B 191 -15.61 -20.95 -7.08
N LEU B 192 -15.86 -19.67 -7.33
CA LEU B 192 -17.23 -19.17 -7.46
C LEU B 192 -17.93 -19.67 -8.75
N GLU B 193 -17.20 -19.74 -9.87
CA GLU B 193 -17.73 -20.36 -11.10
C GLU B 193 -18.25 -21.77 -10.83
N ILE B 194 -17.44 -22.60 -10.17
CA ILE B 194 -17.91 -23.92 -9.75
C ILE B 194 -19.17 -23.75 -8.91
N LEU B 195 -19.14 -22.81 -7.98
CA LEU B 195 -20.26 -22.62 -7.07
C LEU B 195 -21.51 -22.14 -7.79
N GLY B 196 -21.31 -21.33 -8.83
CA GLY B 196 -22.41 -20.85 -9.64
C GLY B 196 -23.16 -22.02 -10.26
N SER B 197 -22.42 -22.91 -10.92
CA SER B 197 -23.02 -24.08 -11.52
C SER B 197 -23.68 -24.94 -10.44
N ILE B 198 -23.04 -25.04 -9.28
CA ILE B 198 -23.61 -25.78 -8.16
C ILE B 198 -24.93 -25.18 -7.67
N ILE B 199 -25.02 -23.85 -7.61
CA ILE B 199 -26.26 -23.19 -7.18
C ILE B 199 -27.44 -23.59 -8.06
N ASN B 200 -27.24 -23.58 -9.38
CA ASN B 200 -28.27 -24.00 -10.34
C ASN B 200 -28.78 -25.41 -10.12
N GLY B 201 -27.88 -26.32 -9.78
CA GLY B 201 -28.22 -27.71 -9.54
C GLY B 201 -29.15 -27.93 -8.36
N PHE B 202 -29.14 -27.00 -7.41
CA PHE B 202 -29.88 -27.13 -6.13
C PHE B 202 -31.35 -27.46 -6.28
N ALA B 203 -31.96 -27.93 -5.18
CA ALA B 203 -33.23 -28.62 -5.26
C ALA B 203 -34.32 -27.69 -4.86
N LEU B 204 -35.61 -28.03 -5.13
CA LEU B 204 -36.72 -27.11 -4.98
C LEU B 204 -36.96 -26.38 -3.69
N PRO B 205 -37.40 -26.94 -2.61
CA PRO B 205 -37.54 -26.18 -1.36
C PRO B 205 -36.16 -26.04 -0.77
N LEU B 206 -35.48 -24.93 -1.22
CA LEU B 206 -34.09 -24.70 -0.78
C LEU B 206 -33.74 -25.13 0.66
N LYS B 207 -32.67 -25.92 0.79
CA LYS B 207 -32.17 -26.44 2.08
C LYS B 207 -31.52 -25.36 2.93
N GLU B 208 -31.73 -25.42 4.25
CA GLU B 208 -31.19 -24.41 5.20
C GLU B 208 -29.69 -24.17 5.08
N GLU B 209 -28.94 -25.24 4.86
CA GLU B 209 -27.48 -25.17 4.73
C GLU B 209 -27.08 -24.11 3.69
N HIS B 210 -27.76 -24.12 2.56
CA HIS B 210 -27.37 -23.29 1.42
C HIS B 210 -27.83 -21.85 1.60
N LYS B 211 -28.98 -21.67 2.26
CA LYS B 211 -29.46 -20.35 2.61
C LYS B 211 -28.42 -19.66 3.48
N ILE B 212 -27.97 -20.38 4.51
CA ILE B 212 -26.90 -19.94 5.39
C ILE B 212 -25.65 -19.61 4.58
N PHE B 213 -25.30 -20.51 3.66
CA PHE B 213 -24.14 -20.28 2.82
C PHE B 213 -24.22 -18.98 2.02
N LEU B 214 -25.41 -18.64 1.49
CA LEU B 214 -25.57 -17.38 0.78
C LEU B 214 -25.37 -16.22 1.73
N LEU B 215 -26.10 -16.24 2.85
CA LEU B 215 -26.11 -15.12 3.79
C LEU B 215 -24.80 -14.94 4.57
N LYS B 216 -24.16 -16.04 4.91
CA LYS B 216 -22.96 -15.98 5.71
C LYS B 216 -21.67 -16.01 4.92
N VAL B 217 -21.65 -16.66 3.75
CA VAL B 217 -20.44 -16.70 2.95
C VAL B 217 -20.48 -15.76 1.77
N LEU B 218 -21.42 -15.96 0.85
CA LEU B 218 -21.44 -15.17 -0.41
C LEU B 218 -21.62 -13.68 -0.23
N LEU B 219 -22.50 -13.26 0.66
CA LEU B 219 -22.67 -11.82 0.88
C LEU B 219 -21.43 -11.14 1.45
N PRO B 220 -20.90 -11.62 2.60
CA PRO B 220 -19.67 -11.00 3.10
C PRO B 220 -18.49 -11.02 2.14
N LEU B 221 -18.46 -11.92 1.15
CA LEU B 221 -17.41 -11.83 0.14
C LEU B 221 -17.37 -10.44 -0.49
N HIS B 222 -18.46 -9.71 -0.31
CA HIS B 222 -18.62 -8.37 -0.86
C HIS B 222 -17.77 -7.32 -0.17
N LYS B 223 -17.37 -7.56 1.08
CA LYS B 223 -16.65 -6.53 1.84
C LYS B 223 -15.14 -6.42 1.57
N VAL B 224 -14.56 -7.36 0.85
CA VAL B 224 -13.11 -7.33 0.65
C VAL B 224 -12.68 -6.41 -0.49
N LYS B 225 -11.52 -5.78 -0.33
CA LYS B 225 -11.07 -4.71 -1.20
C LYS B 225 -10.96 -5.12 -2.67
N SER B 226 -10.55 -6.37 -2.91
CA SER B 226 -10.25 -6.83 -4.26
C SER B 226 -11.46 -7.45 -4.97
N LEU B 227 -12.64 -6.95 -4.65
CA LEU B 227 -13.91 -7.39 -5.23
C LEU B 227 -13.95 -7.40 -6.75
N SER B 228 -13.28 -6.43 -7.38
CA SER B 228 -13.30 -6.35 -8.84
C SER B 228 -12.85 -7.63 -9.53
N VAL B 229 -11.96 -8.38 -8.89
CA VAL B 229 -11.37 -9.57 -9.50
C VAL B 229 -12.42 -10.67 -9.78
N TYR B 230 -13.47 -10.72 -8.96
CA TYR B 230 -14.36 -11.88 -8.97
C TYR B 230 -15.81 -11.49 -8.84
N HIS B 231 -16.05 -10.18 -8.86
CA HIS B 231 -17.39 -9.64 -8.74
C HIS B 231 -18.40 -10.19 -9.74
N PRO B 232 -18.04 -10.27 -11.04
CA PRO B 232 -19.05 -10.79 -11.97
C PRO B 232 -19.57 -12.14 -11.51
N GLN B 233 -18.66 -13.08 -11.26
CA GLN B 233 -19.03 -14.42 -10.85
C GLN B 233 -19.69 -14.43 -9.48
N LEU B 234 -19.33 -13.48 -8.62
CA LEU B 234 -20.02 -13.37 -7.34
C LEU B 234 -21.44 -12.91 -7.56
N ALA B 235 -21.61 -11.82 -8.30
CA ALA B 235 -22.94 -11.31 -8.64
C ALA B 235 -23.85 -12.38 -9.26
N TYR B 236 -23.27 -13.21 -10.12
CA TYR B 236 -23.99 -14.30 -10.73
C TYR B 236 -24.53 -15.27 -9.68
N CYS B 237 -23.64 -15.80 -8.85
CA CYS B 237 -24.04 -16.68 -7.73
C CYS B 237 -25.21 -16.11 -6.94
N VAL B 238 -25.10 -14.83 -6.55
CA VAL B 238 -26.16 -14.18 -5.79
C VAL B 238 -27.49 -14.17 -6.56
N VAL B 239 -27.46 -13.69 -7.80
CA VAL B 239 -28.65 -13.58 -8.66
C VAL B 239 -29.38 -14.92 -8.82
N GLN B 240 -28.62 -15.99 -9.04
CA GLN B 240 -29.17 -17.34 -9.15
C GLN B 240 -29.99 -17.84 -7.95
N PHE B 241 -29.46 -17.62 -6.74
CA PHE B 241 -30.20 -17.89 -5.50
C PHE B 241 -31.54 -17.20 -5.50
N LEU B 242 -31.56 -15.95 -5.95
CA LEU B 242 -32.78 -15.15 -5.92
C LEU B 242 -33.81 -15.64 -6.91
N GLU B 243 -33.31 -16.18 -8.03
CA GLU B 243 -34.13 -16.87 -9.01
C GLU B 243 -34.67 -18.17 -8.39
N LYS B 244 -33.82 -18.88 -7.66
CA LYS B 244 -34.23 -20.16 -7.07
C LYS B 244 -35.24 -20.02 -5.94
N ASP B 245 -35.18 -18.91 -5.20
CA ASP B 245 -36.09 -18.67 -4.09
C ASP B 245 -36.16 -17.17 -3.81
N SER B 246 -37.27 -16.55 -4.21
CA SER B 246 -37.47 -15.11 -4.06
C SER B 246 -37.53 -14.58 -2.62
N THR B 247 -37.81 -15.45 -1.65
CA THR B 247 -37.91 -15.00 -0.25
C THR B 247 -36.56 -14.57 0.34
N LEU B 248 -35.49 -14.88 -0.38
CA LEU B 248 -34.15 -14.48 0.02
C LEU B 248 -33.80 -13.02 -0.26
N THR B 249 -34.63 -12.28 -1.00
CA THR B 249 -34.18 -10.96 -1.48
C THR B 249 -34.05 -9.86 -0.43
N GLU B 250 -34.92 -9.82 0.57
CA GLU B 250 -34.77 -8.82 1.64
C GLU B 250 -33.41 -8.93 2.37
N PRO B 251 -33.09 -10.13 2.89
CA PRO B 251 -31.80 -10.23 3.56
C PRO B 251 -30.62 -9.85 2.67
N VAL B 252 -30.60 -10.32 1.42
CA VAL B 252 -29.47 -9.99 0.52
C VAL B 252 -29.37 -8.50 0.20
N VAL B 253 -30.50 -7.85 -0.04
CA VAL B 253 -30.48 -6.44 -0.36
C VAL B 253 -30.12 -5.65 0.89
N MET B 254 -30.64 -6.10 2.03
CA MET B 254 -30.29 -5.45 3.30
C MET B 254 -28.79 -5.59 3.60
N ALA B 255 -28.22 -6.71 3.19
CA ALA B 255 -26.79 -6.95 3.38
C ALA B 255 -25.95 -6.03 2.50
N LEU B 256 -26.29 -5.94 1.22
CA LEU B 256 -25.57 -5.08 0.30
C LEU B 256 -25.62 -3.63 0.76
N LEU B 257 -26.74 -3.25 1.35
CA LEU B 257 -26.88 -1.92 1.94
C LEU B 257 -25.94 -1.77 3.12
N LYS B 258 -25.89 -2.82 3.95
CA LYS B 258 -25.04 -2.86 5.12
C LYS B 258 -23.55 -2.72 4.74
N TYR B 259 -23.15 -3.30 3.62
CA TYR B 259 -21.75 -3.29 3.20
C TYR B 259 -21.38 -2.18 2.23
N TRP B 260 -22.25 -1.18 2.10
CA TRP B 260 -22.03 -0.19 1.06
C TRP B 260 -20.71 0.55 1.25
N PRO B 261 -19.83 0.50 0.24
CA PRO B 261 -18.53 1.17 0.30
C PRO B 261 -18.67 2.66 0.57
N LYS B 262 -17.99 3.14 1.59
CA LYS B 262 -17.97 4.58 1.88
C LYS B 262 -16.72 5.27 1.34
N THR B 263 -15.66 4.50 1.06
CA THR B 263 -14.37 5.08 0.63
C THR B 263 -13.76 4.40 -0.60
N HIS B 264 -14.57 3.61 -1.30
CA HIS B 264 -14.11 2.88 -2.47
C HIS B 264 -15.11 2.99 -3.65
N SER B 265 -14.80 3.90 -4.57
CA SER B 265 -15.71 4.20 -5.67
C SER B 265 -15.94 3.08 -6.71
N PRO B 266 -14.86 2.54 -7.32
CA PRO B 266 -15.11 1.41 -8.20
C PRO B 266 -16.06 0.36 -7.60
N LYS B 267 -15.93 0.07 -6.31
CA LYS B 267 -16.87 -0.82 -5.64
C LYS B 267 -18.28 -0.24 -5.59
N GLU B 268 -18.40 1.08 -5.48
CA GLU B 268 -19.73 1.67 -5.44
C GLU B 268 -20.44 1.40 -6.78
N VAL B 269 -19.72 1.62 -7.88
CA VAL B 269 -20.23 1.30 -9.21
C VAL B 269 -20.54 -0.19 -9.30
N MET B 270 -19.66 -1.03 -8.76
CA MET B 270 -19.86 -2.48 -8.77
C MET B 270 -21.17 -2.89 -8.10
N PHE B 271 -21.45 -2.32 -6.92
CA PHE B 271 -22.68 -2.59 -6.17
C PHE B 271 -23.91 -2.14 -6.95
N LEU B 272 -23.85 -0.91 -7.48
CA LEU B 272 -24.97 -0.35 -8.24
C LEU B 272 -25.33 -1.27 -9.41
N ASN B 273 -24.31 -1.73 -10.12
CA ASN B 273 -24.48 -2.67 -11.20
C ASN B 273 -25.11 -4.00 -10.75
N GLU B 274 -24.69 -4.50 -9.58
CA GLU B 274 -25.18 -5.78 -9.08
C GLU B 274 -26.63 -5.67 -8.61
N LEU B 275 -26.97 -4.52 -8.07
CA LEU B 275 -28.26 -4.32 -7.50
C LEU B 275 -29.31 -4.25 -8.61
N GLU B 276 -28.96 -3.58 -9.72
CA GLU B 276 -29.83 -3.50 -10.88
C GLU B 276 -30.19 -4.90 -11.41
N GLU B 277 -29.17 -5.73 -11.61
CA GLU B 277 -29.40 -7.13 -11.98
C GLU B 277 -30.33 -7.82 -11.00
N ILE B 278 -30.31 -7.39 -9.75
CA ILE B 278 -31.20 -7.94 -8.72
C ILE B 278 -32.62 -7.43 -8.90
N LEU B 279 -32.75 -6.12 -9.09
CA LEU B 279 -34.05 -5.52 -9.40
C LEU B 279 -34.70 -6.09 -10.67
N ASP B 280 -33.88 -6.59 -11.59
CA ASP B 280 -34.36 -7.22 -12.82
C ASP B 280 -35.05 -8.57 -12.56
N VAL B 281 -35.11 -8.98 -11.30
CA VAL B 281 -35.72 -10.25 -10.97
C VAL B 281 -36.66 -10.10 -9.78
N ILE B 282 -36.80 -8.87 -9.31
CA ILE B 282 -37.52 -8.66 -8.06
C ILE B 282 -39.02 -8.86 -8.29
N GLU B 283 -39.60 -9.76 -7.51
CA GLU B 283 -41.05 -9.86 -7.46
C GLU B 283 -41.54 -8.57 -6.79
N PRO B 284 -42.62 -7.96 -7.29
CA PRO B 284 -43.12 -6.72 -6.70
C PRO B 284 -43.28 -6.78 -5.17
N SER B 285 -43.67 -7.94 -4.66
CA SER B 285 -43.94 -8.13 -3.24
C SER B 285 -42.65 -7.95 -2.42
N GLU B 286 -41.56 -8.45 -2.97
CA GLU B 286 -40.26 -8.35 -2.34
C GLU B 286 -39.69 -6.94 -2.55
N PHE B 287 -40.16 -6.24 -3.58
CA PHE B 287 -39.71 -4.88 -3.84
C PHE B 287 -40.24 -3.88 -2.81
N VAL B 288 -41.48 -4.07 -2.35
CA VAL B 288 -42.08 -3.13 -1.40
C VAL B 288 -41.36 -3.15 -0.06
N LYS B 289 -40.73 -4.29 0.24
CA LYS B 289 -40.05 -4.47 1.51
C LYS B 289 -38.75 -3.70 1.62
N ILE B 290 -38.08 -3.48 0.48
CA ILE B 290 -36.76 -2.88 0.50
C ILE B 290 -36.62 -1.53 -0.24
N MET B 291 -37.70 -1.03 -0.83
CA MET B 291 -37.60 0.22 -1.60
C MET B 291 -37.00 1.38 -0.82
N GLU B 292 -37.55 1.65 0.35
CA GLU B 292 -37.14 2.84 1.11
C GLU B 292 -35.67 2.84 1.53
N PRO B 293 -35.18 1.72 2.09
CA PRO B 293 -33.75 1.75 2.41
C PRO B 293 -32.92 1.83 1.14
N LEU B 294 -33.30 1.04 0.13
CA LEU B 294 -32.68 1.08 -1.22
C LEU B 294 -32.53 2.49 -1.80
N PHE B 295 -33.61 3.26 -1.76
CA PHE B 295 -33.60 4.56 -2.40
C PHE B 295 -32.98 5.65 -1.52
N ARG B 296 -32.97 5.45 -0.21
CA ARG B 296 -32.18 6.35 0.61
C ARG B 296 -30.71 6.27 0.19
N GLN B 297 -30.27 5.08 -0.25
CA GLN B 297 -28.94 4.93 -0.83
C GLN B 297 -28.84 5.58 -2.22
N LEU B 298 -29.72 5.20 -3.15
CA LEU B 298 -29.76 5.83 -4.47
C LEU B 298 -29.80 7.36 -4.44
N ALA B 299 -30.50 7.93 -3.46
CA ALA B 299 -30.42 9.36 -3.22
C ALA B 299 -28.97 9.79 -2.97
N LYS B 300 -28.29 9.13 -2.02
CA LYS B 300 -26.89 9.45 -1.74
C LYS B 300 -26.04 9.37 -3.03
N CYS B 301 -26.28 8.34 -3.83
CA CYS B 301 -25.50 8.07 -5.06
C CYS B 301 -25.74 9.09 -6.16
N VAL B 302 -27.01 9.37 -6.42
CA VAL B 302 -27.38 10.36 -7.41
C VAL B 302 -26.72 11.72 -7.09
N SER B 303 -26.69 12.12 -5.83
CA SER B 303 -26.08 13.40 -5.47
C SER B 303 -24.56 13.27 -5.27
N SER B 304 -24.04 12.05 -5.42
CA SER B 304 -22.61 11.85 -5.30
C SER B 304 -21.85 12.74 -6.26
N PRO B 305 -20.75 13.34 -5.78
CA PRO B 305 -19.88 14.16 -6.63
C PRO B 305 -19.02 13.33 -7.57
N HIS B 306 -19.09 12.03 -7.45
CA HIS B 306 -18.26 11.17 -8.25
C HIS B 306 -19.06 10.80 -9.51
N PHE B 307 -18.68 11.36 -10.65
CA PHE B 307 -19.46 11.17 -11.88
C PHE B 307 -19.78 9.71 -12.23
N GLN B 308 -18.85 8.80 -11.97
CA GLN B 308 -19.12 7.39 -12.29
C GLN B 308 -20.12 6.75 -11.33
N VAL B 309 -20.23 7.31 -10.12
CA VAL B 309 -21.19 6.82 -9.13
C VAL B 309 -22.57 7.40 -9.47
N ALA B 310 -22.63 8.71 -9.71
CA ALA B 310 -23.87 9.38 -10.09
C ALA B 310 -24.46 8.73 -11.35
N GLU B 311 -23.64 8.63 -12.39
CA GLU B 311 -24.07 8.11 -13.67
C GLU B 311 -24.72 6.76 -13.52
N ARG B 312 -23.99 5.81 -12.95
CA ARG B 312 -24.47 4.45 -12.85
C ARG B 312 -25.79 4.36 -12.10
N ALA B 313 -25.94 5.23 -11.11
CA ALA B 313 -27.19 5.33 -10.37
C ALA B 313 -28.29 5.84 -11.28
N LEU B 314 -28.05 7.00 -11.90
CA LEU B 314 -29.02 7.63 -12.77
C LEU B 314 -29.44 6.74 -13.96
N TYR B 315 -28.57 5.82 -14.35
CA TYR B 315 -28.83 4.90 -15.45
C TYR B 315 -29.97 3.92 -15.14
N TYR B 316 -30.33 3.83 -13.86
CA TYR B 316 -31.48 3.04 -13.38
C TYR B 316 -32.80 3.49 -14.03
N TRP B 317 -32.87 4.77 -14.39
CA TRP B 317 -34.04 5.36 -15.04
C TRP B 317 -34.29 4.90 -16.47
N ASN B 318 -33.26 4.37 -17.13
CA ASN B 318 -33.41 3.78 -18.45
C ASN B 318 -33.82 2.35 -18.34
N ASN B 319 -34.34 1.94 -17.18
CA ASN B 319 -34.82 0.58 -17.02
C ASN B 319 -36.32 0.60 -16.87
N GLU B 320 -36.99 0.23 -17.97
CA GLU B 320 -38.45 0.21 -18.08
C GLU B 320 -39.12 -0.46 -16.88
N TYR B 321 -38.64 -1.63 -16.50
CA TYR B 321 -39.20 -2.39 -15.39
C TYR B 321 -39.00 -1.72 -14.03
N ILE B 322 -37.78 -1.28 -13.72
CA ILE B 322 -37.53 -0.53 -12.49
C ILE B 322 -38.43 0.69 -12.45
N MET B 323 -38.40 1.42 -13.56
CA MET B 323 -39.16 2.65 -13.72
C MET B 323 -40.67 2.49 -13.43
N SER B 324 -41.24 1.34 -13.78
CA SER B 324 -42.65 1.04 -13.47
C SER B 324 -42.89 0.70 -12.00
N LEU B 325 -41.97 -0.06 -11.39
CA LEU B 325 -42.03 -0.31 -9.95
C LEU B 325 -41.95 0.99 -9.16
N ILE B 326 -41.14 1.94 -9.64
CA ILE B 326 -41.16 3.28 -9.09
C ILE B 326 -42.57 3.84 -9.26
N SER B 327 -43.12 3.72 -10.47
CA SER B 327 -44.43 4.31 -10.83
C SER B 327 -45.57 3.90 -9.90
N ASP B 328 -45.79 2.59 -9.74
CA ASP B 328 -46.87 2.17 -8.89
C ASP B 328 -46.43 1.95 -7.44
N ASN B 329 -45.57 2.86 -6.99
CA ASN B 329 -45.10 2.96 -5.60
C ASN B 329 -44.65 4.37 -5.33
N ALA B 330 -45.02 5.26 -6.25
CA ALA B 330 -44.53 6.62 -6.31
C ALA B 330 -44.79 7.39 -5.03
N ALA B 331 -45.88 7.02 -4.35
CA ALA B 331 -46.22 7.55 -3.02
C ALA B 331 -44.99 7.64 -2.11
N LYS B 332 -44.31 6.51 -1.97
CA LYS B 332 -43.22 6.36 -1.00
C LYS B 332 -41.85 6.80 -1.50
N ILE B 333 -41.54 6.51 -2.76
CA ILE B 333 -40.20 6.73 -3.32
C ILE B 333 -39.84 8.19 -3.60
N LEU B 334 -40.80 8.97 -4.07
CA LEU B 334 -40.51 10.31 -4.59
C LEU B 334 -40.12 11.35 -3.54
N PRO B 335 -40.78 11.36 -2.37
CA PRO B 335 -40.34 12.37 -1.39
C PRO B 335 -38.91 12.12 -0.89
N ILE B 336 -38.38 10.90 -1.05
CA ILE B 336 -37.00 10.63 -0.64
C ILE B 336 -35.97 10.85 -1.76
N MET B 337 -36.36 10.59 -2.99
CA MET B 337 -35.49 10.84 -4.12
C MET B 337 -35.38 12.31 -4.47
N PHE B 338 -36.46 13.06 -4.28
CA PHE B 338 -36.56 14.43 -4.78
C PHE B 338 -35.52 15.41 -4.23
N PRO B 339 -35.37 15.50 -2.90
CA PRO B 339 -34.44 16.52 -2.43
C PRO B 339 -33.06 16.37 -3.07
N SER B 340 -32.62 15.11 -3.20
CA SER B 340 -31.30 14.78 -3.72
C SER B 340 -31.04 15.38 -5.09
N LEU B 341 -31.86 14.99 -6.06
CA LEU B 341 -31.62 15.50 -7.39
C LEU B 341 -32.05 16.96 -7.60
N TYR B 342 -32.83 17.51 -6.66
CA TYR B 342 -33.12 18.93 -6.69
C TYR B 342 -31.91 19.79 -6.30
N ARG B 343 -31.18 19.42 -5.24
CA ARG B 343 -29.99 20.17 -4.78
C ARG B 343 -28.91 20.23 -5.85
N ASN B 344 -28.98 19.30 -6.78
CA ASN B 344 -27.95 19.17 -7.79
C ASN B 344 -28.39 19.64 -9.18
N SER B 345 -29.58 20.24 -9.26
CA SER B 345 -30.11 20.79 -10.50
C SER B 345 -29.65 22.23 -10.75
N LYS B 346 -29.54 23.01 -9.68
CA LYS B 346 -29.11 24.42 -9.79
C LYS B 346 -27.73 24.51 -10.43
N THR B 347 -26.85 23.57 -10.10
CA THR B 347 -25.48 23.61 -10.61
C THR B 347 -24.71 22.28 -10.46
N HIS B 348 -23.75 22.06 -11.35
CA HIS B 348 -22.98 20.81 -11.34
C HIS B 348 -21.68 20.94 -12.14
N TRP B 349 -20.58 20.39 -11.62
CA TRP B 349 -19.28 20.47 -12.29
C TRP B 349 -19.26 19.65 -13.57
N ASN B 350 -20.05 18.60 -13.57
CA ASN B 350 -20.09 17.69 -14.70
C ASN B 350 -21.36 17.84 -15.53
N LYS B 351 -21.20 18.20 -16.80
CA LYS B 351 -22.35 18.56 -17.64
C LYS B 351 -23.24 17.37 -17.99
N THR B 352 -22.63 16.21 -18.20
CA THR B 352 -23.35 14.99 -18.56
C THR B 352 -24.33 14.59 -17.47
N ILE B 353 -23.86 14.58 -16.23
CA ILE B 353 -24.73 14.17 -15.15
C ILE B 353 -25.68 15.32 -14.84
N HIS B 354 -25.28 16.56 -15.11
CA HIS B 354 -26.24 17.66 -15.08
C HIS B 354 -27.43 17.38 -16.02
N GLY B 355 -27.13 16.96 -17.25
CA GLY B 355 -28.14 16.53 -18.21
C GLY B 355 -28.99 15.38 -17.71
N LEU B 356 -28.38 14.46 -16.99
CA LEU B 356 -29.08 13.27 -16.53
C LEU B 356 -29.99 13.55 -15.35
N ILE B 357 -29.63 14.50 -14.51
CA ILE B 357 -30.52 14.84 -13.39
C ILE B 357 -31.73 15.66 -13.81
N TYR B 358 -31.54 16.57 -14.78
CA TYR B 358 -32.67 17.25 -15.40
C TYR B 358 -33.67 16.26 -16.02
N ASN B 359 -33.16 15.25 -16.71
CA ASN B 359 -34.02 14.22 -17.30
C ASN B 359 -34.75 13.42 -16.25
N ALA B 360 -34.05 13.13 -15.15
CA ALA B 360 -34.56 12.28 -14.10
C ALA B 360 -35.69 12.97 -13.35
N LEU B 361 -35.50 14.26 -13.10
CA LEU B 361 -36.52 15.09 -12.47
C LEU B 361 -37.78 15.16 -13.33
N LYS B 362 -37.59 15.19 -14.64
CA LYS B 362 -38.69 15.21 -15.59
C LYS B 362 -39.53 13.95 -15.46
N LEU B 363 -38.88 12.80 -15.41
CA LEU B 363 -39.59 11.51 -15.40
C LEU B 363 -40.36 11.28 -14.11
N PHE B 364 -39.99 12.01 -13.07
CA PHE B 364 -40.63 11.89 -11.77
C PHE B 364 -41.93 12.65 -11.70
N MET B 365 -41.96 13.85 -12.28
CA MET B 365 -43.17 14.64 -12.33
C MET B 365 -44.24 14.05 -13.24
N GLU B 366 -43.79 13.42 -14.32
CA GLU B 366 -44.68 12.70 -15.24
C GLU B 366 -45.38 11.50 -14.58
N MET B 367 -44.84 11.05 -13.45
CA MET B 367 -45.42 9.91 -12.69
C MET B 367 -46.60 10.33 -11.80
N ASN B 368 -46.39 11.42 -11.06
CA ASN B 368 -47.44 12.06 -10.29
C ASN B 368 -47.03 13.51 -10.09
N GLN B 369 -47.78 14.43 -10.73
CA GLN B 369 -47.47 15.86 -10.65
C GLN B 369 -47.31 16.11 -9.13
N LYS B 370 -46.07 16.39 -8.73
CA LYS B 370 -45.74 16.67 -7.33
C LYS B 370 -45.07 18.04 -7.14
N LEU B 371 -45.92 19.06 -7.00
CA LEU B 371 -45.46 20.42 -6.69
C LEU B 371 -45.05 20.50 -5.21
N PHE B 372 -44.75 19.34 -4.63
CA PHE B 372 -44.40 19.19 -3.22
C PHE B 372 -42.96 19.67 -2.92
N ASP B 373 -42.86 20.98 -2.78
CA ASP B 373 -41.63 21.67 -2.39
C ASP B 373 -41.67 22.00 -0.89
N ASP B 374 -42.55 21.31 -0.16
CA ASP B 374 -42.44 21.20 1.28
C ASP B 374 -41.30 20.18 1.26
N CYS B 375 -40.16 20.67 0.78
CA CYS B 375 -38.82 20.14 0.91
C CYS B 375 -38.11 20.94 1.98
N THR B 376 -38.24 22.27 1.92
CA THR B 376 -37.68 23.18 2.93
C THR B 376 -38.48 23.15 4.24
N GLN B 377 -39.70 22.61 4.17
CA GLN B 377 -40.51 22.33 5.36
C GLN B 377 -39.84 21.25 6.21
N GLN B 378 -39.20 20.29 5.55
CA GLN B 378 -38.40 19.27 6.24
C GLN B 378 -37.08 19.86 6.76
N PHE B 379 -36.49 20.78 5.99
CA PHE B 379 -35.23 21.43 6.37
C PHE B 379 -35.36 22.25 7.66
N LYS B 380 -36.60 22.51 8.06
CA LYS B 380 -36.89 23.17 9.33
C LYS B 380 -37.17 22.15 10.42
N ALA B 381 -37.98 21.15 10.10
CA ALA B 381 -38.23 20.03 11.02
C ALA B 381 -36.91 19.45 11.53
N GLU B 382 -35.87 19.58 10.71
CA GLU B 382 -34.51 19.13 11.05
C GLU B 382 -33.73 20.13 11.90
N LYS B 383 -34.01 21.41 11.72
CA LYS B 383 -33.39 22.46 12.54
C LYS B 383 -33.92 22.38 13.98
N LEU B 384 -35.21 22.08 14.11
CA LEU B 384 -35.86 21.91 15.41
C LEU B 384 -35.39 20.64 16.10
N LYS B 385 -35.31 19.55 15.34
CA LYS B 385 -34.81 18.28 15.84
C LYS B 385 -33.38 18.44 16.38
N GLU B 386 -32.62 19.35 15.80
CA GLU B 386 -31.27 19.63 16.27
C GLU B 386 -31.24 20.52 17.51
N LYS B 387 -32.23 21.38 17.66
CA LYS B 387 -32.32 22.23 18.85
C LYS B 387 -32.79 21.40 20.05
N LEU B 388 -33.66 20.42 19.82
CA LEU B 388 -34.10 19.50 20.87
C LEU B 388 -32.95 18.58 21.30
N LYS B 389 -32.15 18.16 20.32
CA LYS B 389 -30.95 17.37 20.56
C LYS B 389 -29.98 18.07 21.50
N MET B 390 -29.52 19.26 21.11
CA MET B 390 -28.51 19.97 21.87
C MET B 390 -29.00 20.37 23.26
N LYS B 391 -30.31 20.57 23.40
CA LYS B 391 -30.91 20.92 24.69
C LYS B 391 -31.13 19.69 25.58
N GLU B 392 -31.14 18.50 24.97
CA GLU B 392 -31.18 17.26 25.74
C GLU B 392 -29.82 16.96 26.37
N ARG B 393 -28.75 17.08 25.57
CA ARG B 393 -27.40 16.84 26.06
C ARG B 393 -27.04 17.76 27.23
N GLU B 394 -27.55 19.01 27.17
CA GLU B 394 -27.36 19.98 28.25
C GLU B 394 -27.82 19.39 29.57
N GLU B 395 -29.04 18.84 29.57
CA GLU B 395 -29.62 18.23 30.75
C GLU B 395 -28.82 17.04 31.27
N ALA B 396 -28.36 16.19 30.34
CA ALA B 396 -27.58 15.01 30.69
C ALA B 396 -26.25 15.38 31.35
N TRP B 397 -25.50 16.28 30.73
CA TRP B 397 -24.19 16.73 31.26
C TRP B 397 -24.34 17.42 32.61
N VAL B 398 -25.40 18.22 32.75
CA VAL B 398 -25.64 18.94 34.00
C VAL B 398 -26.34 17.99 34.98
N LYS B 399 -26.36 16.70 34.65
CA LYS B 399 -26.82 15.68 35.58
C LYS B 399 -25.72 14.67 35.89
N ILE B 400 -24.52 14.95 35.39
CA ILE B 400 -23.30 14.22 35.73
C ILE B 400 -22.94 14.33 37.22
N GLU B 401 -23.28 15.58 37.74
CA GLU B 401 -23.05 15.80 39.16
C GLU B 401 -24.05 14.86 39.65
N ASN B 402 -23.70 13.61 40.07
CA ASN B 402 -24.60 12.48 40.13
C ASN B 402 -24.85 11.65 41.40
N LEU B 403 -25.76 10.67 41.29
CA LEU B 403 -26.20 9.92 42.45
C LEU B 403 -25.82 8.45 42.34
N ASP C 2 3.93 44.84 8.31
CA ASP C 2 5.12 43.98 8.06
C ASP C 2 5.27 42.90 9.14
N GLU C 3 4.29 42.00 9.21
CA GLU C 3 4.31 40.88 10.15
C GLU C 3 4.27 39.49 9.50
N LYS C 4 5.17 38.63 9.98
CA LYS C 4 5.42 37.29 9.46
C LYS C 4 4.84 36.24 10.40
N VAL C 5 3.66 36.54 10.95
CA VAL C 5 2.93 35.57 11.76
C VAL C 5 2.51 34.39 10.88
N PHE C 6 2.19 34.68 9.61
CA PHE C 6 1.76 33.65 8.67
C PHE C 6 2.89 32.78 8.16
N THR C 7 4.08 33.35 7.98
CA THR C 7 5.19 32.54 7.51
C THR C 7 5.72 31.59 8.60
N LYS C 8 5.42 31.89 9.86
CA LYS C 8 5.68 30.92 10.92
C LYS C 8 4.71 29.77 10.76
N GLU C 9 3.45 30.10 10.51
CA GLU C 9 2.40 29.10 10.32
C GLU C 9 2.67 28.19 9.12
N LEU C 10 3.15 28.80 8.04
CA LEU C 10 3.53 28.07 6.83
C LEU C 10 4.72 27.17 7.04
N ASP C 11 5.76 27.71 7.67
CA ASP C 11 6.96 26.93 7.99
C ASP C 11 6.62 25.66 8.78
N GLN C 12 5.68 25.79 9.72
CA GLN C 12 5.15 24.65 10.47
C GLN C 12 4.43 23.65 9.56
N TRP C 13 3.50 24.14 8.74
CA TRP C 13 2.78 23.28 7.79
C TRP C 13 3.75 22.48 6.93
N ILE C 14 4.79 23.15 6.44
CA ILE C 14 5.78 22.52 5.57
C ILE C 14 6.59 21.47 6.33
N GLU C 15 7.03 21.82 7.53
CA GLU C 15 7.76 20.88 8.36
C GLU C 15 6.94 19.62 8.61
N GLN C 16 5.66 19.81 8.92
CA GLN C 16 4.73 18.72 9.15
C GLN C 16 4.66 17.83 7.92
N LEU C 17 4.55 18.46 6.75
CA LEU C 17 4.35 17.74 5.52
C LEU C 17 5.59 16.93 5.14
N ASN C 18 6.77 17.43 5.49
CA ASN C 18 8.01 16.70 5.30
C ASN C 18 8.08 15.41 6.09
N GLU C 19 7.22 15.28 7.10
CA GLU C 19 7.06 14.04 7.84
C GLU C 19 5.83 13.27 7.36
N CYS C 20 5.47 13.47 6.10
CA CYS C 20 4.34 12.78 5.49
C CYS C 20 3.06 12.78 6.33
N LYS C 21 2.75 13.91 6.93
CA LYS C 21 1.52 14.07 7.68
C LYS C 21 0.65 15.12 7.01
N GLN C 22 -0.55 14.71 6.61
CA GLN C 22 -1.51 15.61 5.98
C GLN C 22 -1.85 16.83 6.86
N LEU C 23 -2.23 17.94 6.25
CA LEU C 23 -2.80 19.05 7.02
C LEU C 23 -4.24 18.73 7.28
N SER C 24 -4.93 19.61 7.98
CA SER C 24 -6.32 19.37 8.29
C SER C 24 -7.25 20.05 7.26
N GLU C 25 -8.51 19.64 7.24
CA GLU C 25 -9.49 20.19 6.30
C GLU C 25 -9.43 21.72 6.24
N SER C 26 -9.50 22.35 7.40
CA SER C 26 -9.52 23.81 7.49
C SER C 26 -8.16 24.45 7.15
N GLN C 27 -7.12 23.64 7.13
CA GLN C 27 -5.80 24.13 6.77
C GLN C 27 -5.61 24.06 5.27
N VAL C 28 -6.05 22.96 4.66
CA VAL C 28 -6.03 22.85 3.21
C VAL C 28 -6.89 23.97 2.62
N LYS C 29 -8.08 24.15 3.19
CA LYS C 29 -9.02 25.16 2.67
C LYS C 29 -8.39 26.53 2.69
N SER C 30 -7.70 26.84 3.80
CA SER C 30 -7.01 28.10 3.93
C SER C 30 -5.84 28.17 2.96
N LEU C 31 -5.09 27.06 2.86
CA LEU C 31 -3.94 26.93 1.95
C LEU C 31 -4.35 27.20 0.51
N CYS C 32 -5.35 26.47 0.03
CA CYS C 32 -5.85 26.68 -1.32
C CYS C 32 -6.33 28.11 -1.54
N GLU C 33 -7.04 28.67 -0.55
CA GLU C 33 -7.49 30.06 -0.66
C GLU C 33 -6.30 31.00 -0.89
N LYS C 34 -5.24 30.79 -0.11
CA LYS C 34 -4.00 31.57 -0.27
C LYS C 34 -3.29 31.27 -1.58
N ALA C 35 -3.34 30.01 -2.00
CA ALA C 35 -2.73 29.58 -3.26
C ALA C 35 -3.37 30.22 -4.51
N LYS C 36 -4.70 30.23 -4.55
CA LYS C 36 -5.46 30.83 -5.64
C LYS C 36 -5.04 32.25 -5.95
N GLU C 37 -4.86 33.05 -4.91
CA GLU C 37 -4.59 34.48 -5.07
C GLU C 37 -3.21 34.71 -5.71
N ILE C 38 -2.26 33.82 -5.45
CA ILE C 38 -0.94 33.98 -6.07
C ILE C 38 -0.88 33.43 -7.52
N LEU C 39 -1.60 32.34 -7.76
CA LEU C 39 -1.61 31.69 -9.07
C LEU C 39 -2.35 32.50 -10.11
N THR C 40 -3.46 33.08 -9.68
CA THR C 40 -4.30 33.90 -10.54
C THR C 40 -3.52 35.03 -11.24
N LYS C 41 -2.50 35.56 -10.57
CA LYS C 41 -1.66 36.61 -11.17
C LYS C 41 -0.51 36.07 -12.02
N GLU C 42 -0.47 34.77 -12.24
CA GLU C 42 0.56 34.17 -13.08
C GLU C 42 0.04 33.92 -14.49
N SER C 43 0.89 34.01 -15.49
CA SER C 43 0.48 33.93 -16.88
C SER C 43 0.20 32.50 -17.35
N ASN C 44 -0.58 32.35 -18.43
CA ASN C 44 -0.76 31.09 -19.14
C ASN C 44 0.57 30.51 -19.58
N VAL C 45 1.48 31.39 -19.99
CA VAL C 45 2.87 31.00 -20.18
C VAL C 45 3.79 31.82 -19.27
N GLN C 46 4.06 31.22 -18.11
CA GLN C 46 4.87 31.82 -17.04
C GLN C 46 6.32 31.99 -17.40
N GLU C 47 6.80 33.20 -17.19
CA GLU C 47 8.22 33.51 -17.34
C GLU C 47 9.00 33.00 -16.14
N VAL C 48 9.96 32.12 -16.38
CA VAL C 48 10.72 31.48 -15.32
C VAL C 48 12.20 31.79 -15.46
N ARG C 49 12.79 32.21 -14.35
CA ARG C 49 14.14 32.74 -14.24
C ARG C 49 15.17 31.64 -14.43
N CYS C 50 16.36 32.04 -14.86
CA CYS C 50 17.24 31.13 -15.56
C CYS C 50 17.79 29.92 -14.86
N PRO C 51 18.32 30.03 -13.61
CA PRO C 51 18.76 28.74 -13.01
C PRO C 51 17.60 28.03 -12.33
N VAL C 52 17.15 26.91 -12.92
CA VAL C 52 16.07 26.11 -12.34
C VAL C 52 16.32 24.66 -12.55
N THR C 53 15.65 23.81 -11.77
CA THR C 53 15.64 22.37 -12.00
C THR C 53 14.22 21.97 -12.36
N VAL C 54 14.10 21.25 -13.47
CA VAL C 54 12.81 20.98 -14.13
C VAL C 54 12.42 19.53 -13.93
N CYS C 55 11.17 19.29 -13.54
CA CYS C 55 10.73 17.95 -13.12
C CYS C 55 9.48 17.46 -13.84
N GLY C 56 9.45 16.14 -14.10
CA GLY C 56 8.28 15.47 -14.67
C GLY C 56 7.25 15.07 -13.65
N ASP C 57 6.45 14.05 -13.99
CA ASP C 57 5.34 13.55 -13.16
C ASP C 57 5.79 13.06 -11.80
N VAL C 58 4.90 13.15 -10.81
CA VAL C 58 5.19 12.71 -9.44
C VAL C 58 4.16 11.73 -8.89
N HIS C 59 2.89 11.93 -9.26
CA HIS C 59 1.79 11.01 -8.94
C HIS C 59 1.81 10.41 -7.54
N GLY C 60 1.75 11.26 -6.52
CA GLY C 60 1.57 10.82 -5.14
C GLY C 60 2.63 9.95 -4.49
N GLN C 61 3.79 9.80 -5.14
CA GLN C 61 4.87 8.96 -4.60
C GLN C 61 5.79 9.80 -3.72
N PHE C 62 5.21 10.30 -2.63
CA PHE C 62 5.85 11.22 -1.68
C PHE C 62 7.31 10.89 -1.36
N HIS C 63 7.55 9.62 -1.04
CA HIS C 63 8.88 9.14 -0.65
C HIS C 63 9.89 9.26 -1.77
N ASP C 64 9.40 9.26 -3.00
CA ASP C 64 10.25 9.47 -4.17
C ASP C 64 10.43 10.94 -4.47
N LEU C 65 9.44 11.76 -4.15
CA LEU C 65 9.64 13.21 -4.13
C LEU C 65 10.71 13.60 -3.09
N MET C 66 10.62 13.04 -1.87
CA MET C 66 11.67 13.25 -0.89
C MET C 66 13.00 12.85 -1.53
N GLU C 67 13.01 11.71 -2.22
CA GLU C 67 14.23 11.28 -2.87
C GLU C 67 14.69 12.31 -3.91
N LEU C 68 13.73 12.88 -4.64
CA LEU C 68 14.03 13.90 -5.63
C LEU C 68 14.76 15.05 -4.96
N PHE C 69 14.21 15.54 -3.86
CA PHE C 69 14.88 16.62 -3.15
C PHE C 69 16.27 16.24 -2.67
N ARG C 70 16.48 14.97 -2.31
CA ARG C 70 17.84 14.53 -1.93
C ARG C 70 18.82 14.66 -3.08
N ILE C 71 18.39 14.43 -4.31
CA ILE C 71 19.23 14.60 -5.49
C ILE C 71 19.36 16.07 -5.86
N GLY C 72 18.25 16.78 -5.73
CA GLY C 72 18.15 18.10 -6.33
C GLY C 72 18.63 19.21 -5.44
N GLY C 73 18.31 19.09 -4.15
CA GLY C 73 18.60 20.13 -3.17
C GLY C 73 17.32 20.49 -2.47
N LYS C 74 17.41 21.12 -1.31
CA LYS C 74 16.24 21.48 -0.54
C LYS C 74 15.43 22.62 -1.17
N SER C 75 14.12 22.54 -0.97
CA SER C 75 13.09 23.25 -1.74
C SER C 75 13.04 24.75 -1.70
N PRO C 76 13.75 25.39 -0.75
CA PRO C 76 14.15 26.83 -0.92
C PRO C 76 15.45 27.05 -1.68
N ASP C 77 16.54 26.41 -1.27
CA ASP C 77 17.89 26.68 -1.80
C ASP C 77 18.05 26.50 -3.30
N THR C 78 17.41 25.47 -3.84
CA THR C 78 17.39 25.25 -5.29
C THR C 78 16.01 25.55 -5.85
N ASN C 79 15.98 26.22 -7.01
CA ASN C 79 14.73 26.54 -7.68
C ASN C 79 14.21 25.34 -8.45
N TYR C 80 12.89 25.13 -8.36
CA TYR C 80 12.26 24.02 -9.05
C TYR C 80 11.12 24.49 -9.96
N LEU C 81 10.92 23.75 -11.04
CA LEU C 81 9.75 23.88 -11.89
C LEU C 81 9.15 22.50 -12.09
N PHE C 82 7.91 22.34 -11.65
CA PHE C 82 7.20 21.08 -11.79
C PHE C 82 6.18 21.17 -12.92
N MET C 83 6.22 20.18 -13.81
CA MET C 83 5.36 20.16 -14.98
C MET C 83 4.05 19.38 -14.76
N GLY C 84 3.42 19.53 -13.60
CA GLY C 84 2.12 18.92 -13.33
C GLY C 84 2.10 17.54 -12.69
N ASP C 85 0.94 16.88 -12.79
CA ASP C 85 0.71 15.46 -12.53
C ASP C 85 1.21 15.06 -11.14
N TYR C 86 0.61 15.68 -10.13
CA TYR C 86 1.05 15.50 -8.77
C TYR C 86 0.26 14.45 -8.02
N VAL C 87 -0.87 14.00 -8.59
CA VAL C 87 -1.89 13.38 -7.75
C VAL C 87 -2.37 11.97 -8.00
N ASN C 88 -2.03 11.29 -9.08
CA ASN C 88 -2.82 10.07 -9.14
C ASN C 88 -2.38 8.74 -8.59
N ARG C 89 -1.46 8.02 -9.22
CA ARG C 89 -1.40 6.58 -8.94
C ARG C 89 -0.78 6.23 -7.58
N GLY C 90 0.06 7.12 -7.05
CA GLY C 90 0.72 6.92 -5.76
C GLY C 90 -0.20 6.74 -4.57
N TYR C 91 0.41 6.42 -3.41
CA TYR C 91 -0.34 6.14 -2.20
C TYR C 91 -0.43 7.37 -1.34
N TYR C 92 0.23 8.44 -1.76
CA TYR C 92 0.34 9.66 -0.95
C TYR C 92 0.11 10.93 -1.75
N SER C 93 -1.03 11.00 -2.43
CA SER C 93 -1.33 12.15 -3.27
C SER C 93 -1.67 13.35 -2.42
N VAL C 94 -2.40 13.12 -1.34
CA VAL C 94 -2.76 14.19 -0.43
C VAL C 94 -1.49 14.88 0.07
N GLU C 95 -0.58 14.13 0.69
CA GLU C 95 0.65 14.73 1.21
C GLU C 95 1.49 15.42 0.11
N THR C 96 1.48 14.88 -1.09
CA THR C 96 2.35 15.39 -2.15
C THR C 96 1.86 16.71 -2.74
N VAL C 97 0.59 16.78 -3.09
CA VAL C 97 0.10 17.99 -3.69
C VAL C 97 0.08 19.08 -2.62
N THR C 98 -0.38 18.73 -1.43
CA THR C 98 -0.47 19.77 -0.42
C THR C 98 0.91 20.30 -0.05
N LEU C 99 1.92 19.44 -0.04
CA LEU C 99 3.29 19.91 0.18
C LEU C 99 3.74 20.85 -0.93
N LEU C 100 3.54 20.45 -2.19
CA LEU C 100 3.99 21.25 -3.31
C LEU C 100 3.28 22.59 -3.40
N VAL C 101 1.98 22.59 -3.14
CA VAL C 101 1.25 23.85 -3.06
C VAL C 101 1.85 24.65 -1.91
N ALA C 102 1.95 24.04 -0.72
CA ALA C 102 2.59 24.68 0.43
C ALA C 102 3.87 25.44 0.04
N LEU C 103 4.83 24.73 -0.55
CA LEU C 103 6.08 25.33 -0.98
C LEU C 103 5.90 26.53 -1.90
N LYS C 104 4.84 26.49 -2.71
CA LYS C 104 4.62 27.55 -3.70
C LYS C 104 4.14 28.82 -3.04
N VAL C 105 3.26 28.69 -2.07
CA VAL C 105 2.79 29.85 -1.36
C VAL C 105 3.85 30.45 -0.39
N ARG C 106 4.74 29.62 0.16
CA ARG C 106 5.87 30.13 0.98
C ARG C 106 6.98 30.76 0.12
N TYR C 107 7.15 30.26 -1.09
CA TYR C 107 8.29 30.63 -1.91
C TYR C 107 7.87 30.77 -3.36
N ARG C 108 7.06 31.78 -3.65
CA ARG C 108 6.42 31.88 -4.97
C ARG C 108 7.43 32.09 -6.10
N GLU C 109 8.59 32.58 -5.71
CA GLU C 109 9.63 33.00 -6.60
C GLU C 109 10.59 31.86 -6.87
N ARG C 110 10.57 30.84 -5.99
CA ARG C 110 11.58 29.77 -5.99
C ARG C 110 11.06 28.51 -6.66
N ILE C 111 9.74 28.41 -6.74
CA ILE C 111 9.10 27.23 -7.28
C ILE C 111 8.01 27.65 -8.26
N THR C 112 7.90 26.92 -9.35
CA THR C 112 6.72 27.05 -10.21
C THR C 112 6.06 25.69 -10.46
N ILE C 113 4.74 25.66 -10.41
CA ILE C 113 4.01 24.41 -10.65
C ILE C 113 3.01 24.57 -11.80
N LEU C 114 3.14 23.73 -12.83
CA LEU C 114 2.22 23.81 -13.96
C LEU C 114 1.06 22.82 -13.82
N ARG C 115 0.07 22.92 -14.70
CA ARG C 115 -1.02 21.97 -14.70
C ARG C 115 -0.61 20.80 -15.55
N GLY C 116 -0.92 19.60 -15.07
CA GLY C 116 -0.86 18.39 -15.88
C GLY C 116 -2.26 17.89 -16.14
N ASN C 117 -2.38 16.87 -16.98
CA ASN C 117 -3.67 16.25 -17.27
C ASN C 117 -4.31 15.52 -16.08
N HIS C 118 -3.56 15.28 -15.01
CA HIS C 118 -4.18 14.64 -13.84
C HIS C 118 -4.73 15.66 -12.85
N GLU C 119 -4.42 16.94 -13.07
CA GLU C 119 -5.03 18.01 -12.30
C GLU C 119 -6.41 18.39 -12.84
N SER C 120 -7.37 17.49 -12.67
CA SER C 120 -8.69 17.70 -13.23
C SER C 120 -9.75 16.84 -12.57
N ARG C 121 -10.93 17.39 -12.38
CA ARG C 121 -11.97 16.69 -11.63
C ARG C 121 -12.20 15.28 -12.13
N GLN C 122 -12.26 15.10 -13.43
CA GLN C 122 -12.59 13.78 -13.97
C GLN C 122 -11.49 12.76 -13.74
N ILE C 123 -10.25 13.14 -14.05
CA ILE C 123 -9.11 12.18 -14.00
C ILE C 123 -8.83 11.77 -12.57
N THR C 124 -9.03 12.73 -11.68
CA THR C 124 -8.78 12.60 -10.29
C THR C 124 -9.80 11.67 -9.63
N GLN C 125 -10.93 11.46 -10.31
CA GLN C 125 -11.97 10.53 -9.82
C GLN C 125 -11.77 9.09 -10.30
N VAL C 126 -11.36 8.88 -11.54
CA VAL C 126 -11.20 7.50 -11.98
C VAL C 126 -9.89 6.88 -11.46
N TYR C 127 -8.90 7.73 -11.21
CA TYR C 127 -7.66 7.28 -10.59
C TYR C 127 -7.62 7.67 -9.08
N GLY C 128 -6.57 7.33 -8.37
CA GLY C 128 -6.70 7.36 -6.91
C GLY C 128 -7.28 8.58 -6.17
N PHE C 129 -6.80 9.78 -6.51
CA PHE C 129 -6.92 10.94 -5.61
C PHE C 129 -8.24 11.10 -4.89
N TYR C 130 -9.35 10.90 -5.59
CA TYR C 130 -10.64 11.14 -4.99
C TYR C 130 -10.87 10.21 -3.80
N ASP C 131 -10.59 8.93 -3.98
CA ASP C 131 -10.76 7.95 -2.91
C ASP C 131 -9.72 8.13 -1.81
N GLU C 132 -8.54 8.60 -2.16
CA GLU C 132 -7.54 8.91 -1.15
C GLU C 132 -8.06 10.00 -0.23
N CYS C 133 -8.61 11.05 -0.82
CA CYS C 133 -9.14 12.17 -0.02
C CYS C 133 -10.22 11.67 0.90
N LEU C 134 -11.00 10.72 0.42
CA LEU C 134 -12.15 10.23 1.13
C LEU C 134 -11.70 9.40 2.35
N ARG C 135 -10.72 8.52 2.17
CA ARG C 135 -10.26 7.74 3.31
C ARG C 135 -9.33 8.49 4.28
N LYS C 136 -8.88 9.67 3.91
CA LYS C 136 -7.99 10.45 4.74
C LYS C 136 -8.70 11.60 5.42
N TYR C 137 -9.91 11.92 4.97
CA TYR C 137 -10.60 13.07 5.54
C TYR C 137 -12.04 12.79 5.90
N GLY C 138 -12.62 11.78 5.26
CA GLY C 138 -13.99 11.38 5.56
C GLY C 138 -15.08 12.08 4.75
N ASN C 139 -14.70 13.04 3.90
CA ASN C 139 -15.63 13.72 3.01
C ASN C 139 -14.94 14.21 1.72
N ALA C 140 -15.70 14.85 0.84
CA ALA C 140 -15.14 15.33 -0.44
C ALA C 140 -14.65 16.79 -0.46
N ASN C 141 -14.55 17.40 0.70
CA ASN C 141 -14.17 18.82 0.78
C ASN C 141 -12.75 19.12 0.29
N VAL C 142 -11.76 18.39 0.80
CA VAL C 142 -10.38 18.64 0.42
C VAL C 142 -10.22 18.46 -1.08
N TRP C 143 -10.94 17.50 -1.63
CA TRP C 143 -10.97 17.27 -3.07
C TRP C 143 -11.51 18.50 -3.81
N LYS C 144 -12.67 18.97 -3.38
CA LYS C 144 -13.25 20.20 -3.88
C LYS C 144 -12.27 21.37 -3.84
N TYR C 145 -11.53 21.54 -2.74
CA TYR C 145 -10.58 22.66 -2.62
C TYR C 145 -9.40 22.53 -3.56
N PHE C 146 -8.90 21.32 -3.70
CA PHE C 146 -7.75 21.08 -4.56
C PHE C 146 -8.12 21.15 -6.03
N THR C 147 -9.24 20.53 -6.40
CA THR C 147 -9.67 20.62 -7.78
C THR C 147 -10.03 22.04 -8.15
N ASP C 148 -10.72 22.76 -7.26
CA ASP C 148 -11.00 24.17 -7.55
C ASP C 148 -9.68 24.91 -7.79
N LEU C 149 -8.66 24.54 -7.01
CA LEU C 149 -7.32 25.12 -7.12
C LEU C 149 -6.58 24.74 -8.39
N PHE C 150 -6.78 23.53 -8.90
CA PHE C 150 -6.17 23.12 -10.17
C PHE C 150 -6.55 23.98 -11.37
N ASP C 151 -7.76 24.53 -11.39
CA ASP C 151 -8.17 25.42 -12.50
C ASP C 151 -7.27 26.66 -12.62
N TYR C 152 -6.54 26.98 -11.56
CA TYR C 152 -5.74 28.19 -11.52
C TYR C 152 -4.28 27.99 -11.91
N LEU C 153 -3.87 26.75 -12.14
CA LEU C 153 -2.47 26.44 -12.43
C LEU C 153 -2.10 26.82 -13.84
N PRO C 154 -1.03 27.62 -14.02
CA PRO C 154 -0.56 27.93 -15.37
C PRO C 154 -0.34 26.67 -16.24
N LEU C 155 -0.51 26.82 -17.55
CA LEU C 155 -0.50 25.68 -18.46
C LEU C 155 0.89 25.37 -18.95
N THR C 156 1.75 26.40 -18.97
CA THR C 156 3.05 26.32 -19.63
C THR C 156 4.06 27.29 -19.02
N ALA C 157 5.34 26.99 -19.15
CA ALA C 157 6.36 27.88 -18.63
C ALA C 157 7.37 28.21 -19.73
N LEU C 158 7.98 29.37 -19.65
CA LEU C 158 9.06 29.75 -20.56
C LEU C 158 10.31 30.14 -19.76
N VAL C 159 11.32 29.28 -19.85
CA VAL C 159 12.57 29.54 -19.17
C VAL C 159 13.47 30.33 -20.10
N ASP C 160 13.73 31.58 -19.70
CA ASP C 160 14.69 32.46 -20.39
C ASP C 160 14.42 32.77 -21.84
N GLY C 161 13.15 32.82 -22.23
CA GLY C 161 12.76 33.02 -23.61
C GLY C 161 13.21 31.93 -24.56
N GLN C 162 13.56 30.76 -24.03
CA GLN C 162 14.22 29.74 -24.84
C GLN C 162 13.78 28.28 -24.65
N ILE C 163 13.43 27.90 -23.42
CA ILE C 163 13.03 26.52 -23.17
C ILE C 163 11.57 26.52 -22.79
N PHE C 164 10.76 25.94 -23.66
CA PHE C 164 9.32 25.91 -23.49
C PHE C 164 9.01 24.68 -22.67
N CYS C 165 8.24 24.87 -21.60
CA CYS C 165 7.93 23.80 -20.65
C CYS C 165 6.43 23.61 -20.51
N LEU C 166 5.98 22.37 -20.62
CA LEU C 166 4.55 22.07 -20.53
C LEU C 166 4.39 20.58 -20.29
N HIS C 167 3.21 20.17 -19.78
CA HIS C 167 2.99 18.78 -19.44
C HIS C 167 2.87 17.86 -20.64
N GLY C 168 2.03 18.23 -21.61
CA GLY C 168 1.65 17.33 -22.70
C GLY C 168 2.53 17.37 -23.93
N GLY C 169 2.40 18.43 -24.71
CA GLY C 169 2.99 18.53 -26.02
C GLY C 169 2.20 19.53 -26.83
N LEU C 170 2.40 19.53 -28.14
CA LEU C 170 1.91 20.60 -28.99
C LEU C 170 0.47 20.42 -29.48
N SER C 171 -0.10 21.50 -30.03
CA SER C 171 -1.49 21.55 -30.47
C SER C 171 -1.64 22.07 -31.90
N PRO C 172 -2.51 21.43 -32.69
CA PRO C 172 -2.77 21.92 -34.06
C PRO C 172 -3.38 23.33 -34.07
N SER C 173 -4.20 23.64 -33.06
CA SER C 173 -4.77 24.99 -32.87
C SER C 173 -3.79 26.00 -32.33
N ILE C 174 -2.56 25.55 -32.00
CA ILE C 174 -1.49 26.44 -31.50
C ILE C 174 -0.26 26.54 -32.40
N ASP C 175 0.15 27.77 -32.74
CA ASP C 175 1.37 27.99 -33.54
C ASP C 175 2.37 28.89 -32.85
N THR C 176 1.88 29.69 -31.90
CA THR C 176 2.71 30.62 -31.17
C THR C 176 2.37 30.59 -29.69
N LEU C 177 3.29 31.09 -28.87
CA LEU C 177 3.01 31.36 -27.48
C LEU C 177 1.83 32.30 -27.29
N ASP C 178 1.72 33.34 -28.13
CA ASP C 178 0.63 34.31 -27.98
C ASP C 178 -0.72 33.66 -28.17
N HIS C 179 -0.79 32.63 -28.99
CA HIS C 179 -2.02 31.86 -29.08
C HIS C 179 -2.32 31.31 -27.70
N ILE C 180 -1.29 30.84 -27.01
CA ILE C 180 -1.44 30.29 -25.66
C ILE C 180 -1.83 31.36 -24.65
N ARG C 181 -1.17 32.52 -24.72
CA ARG C 181 -1.46 33.61 -23.79
C ARG C 181 -2.93 34.06 -23.89
N ALA C 182 -3.52 33.84 -25.07
CA ALA C 182 -4.88 34.31 -25.35
C ALA C 182 -5.99 33.39 -24.82
N LEU C 183 -5.60 32.24 -24.27
CA LEU C 183 -6.56 31.24 -23.79
C LEU C 183 -7.15 31.67 -22.47
N ASP C 184 -8.30 31.12 -22.13
CA ASP C 184 -8.82 31.26 -20.77
C ASP C 184 -8.64 29.95 -20.03
N ARG C 185 -7.64 29.90 -19.14
CA ARG C 185 -7.30 28.66 -18.48
C ARG C 185 -8.11 28.35 -17.22
N LEU C 186 -8.80 29.36 -16.70
CA LEU C 186 -9.50 29.24 -15.43
C LEU C 186 -10.73 28.31 -15.48
N GLN C 187 -10.51 27.04 -15.85
CA GLN C 187 -11.62 26.09 -16.00
C GLN C 187 -11.18 24.64 -15.98
N GLU C 188 -12.13 23.72 -15.86
CA GLU C 188 -11.83 22.30 -16.00
C GLU C 188 -11.25 22.01 -17.38
N VAL C 189 -10.32 21.06 -17.44
CA VAL C 189 -9.66 20.72 -18.68
C VAL C 189 -10.74 20.21 -19.62
N PRO C 190 -10.90 20.88 -20.77
CA PRO C 190 -11.94 20.50 -21.71
C PRO C 190 -11.57 19.20 -22.41
N HIS C 191 -12.57 18.51 -22.96
CA HIS C 191 -12.35 17.24 -23.62
C HIS C 191 -11.65 17.38 -24.98
N GLU C 192 -11.72 18.56 -25.57
CA GLU C 192 -11.15 18.86 -26.87
C GLU C 192 -10.62 20.28 -26.81
N GLY C 193 -9.77 20.66 -27.78
CA GLY C 193 -9.35 22.04 -27.88
C GLY C 193 -7.89 22.19 -27.51
N PRO C 194 -7.33 23.40 -27.67
CA PRO C 194 -5.91 23.67 -27.40
C PRO C 194 -5.46 23.44 -25.94
N MET C 195 -6.24 23.95 -24.98
CA MET C 195 -5.91 23.73 -23.58
C MET C 195 -5.72 22.25 -23.30
N CYS C 196 -6.61 21.44 -23.85
CA CYS C 196 -6.56 19.99 -23.70
C CYS C 196 -5.33 19.35 -24.38
N ASP C 197 -5.01 19.81 -25.57
CA ASP C 197 -3.96 19.21 -26.37
C ASP C 197 -2.65 19.43 -25.66
N LEU C 198 -2.51 20.63 -25.10
CA LEU C 198 -1.30 21.01 -24.41
C LEU C 198 -1.02 20.14 -23.21
N LEU C 199 -2.08 19.63 -22.58
CA LEU C 199 -1.87 18.75 -21.44
C LEU C 199 -1.89 17.29 -21.83
N TRP C 200 -2.28 16.98 -23.06
CA TRP C 200 -2.46 15.57 -23.41
C TRP C 200 -1.56 14.99 -24.48
N SER C 201 -1.12 15.82 -25.42
CA SER C 201 -0.44 15.31 -26.62
C SER C 201 0.87 14.58 -26.32
N ASP C 202 1.33 13.75 -27.26
CA ASP C 202 2.64 13.08 -27.18
C ASP C 202 3.39 13.25 -28.47
N PRO C 203 4.71 13.45 -28.40
CA PRO C 203 5.49 13.37 -29.63
C PRO C 203 5.62 11.92 -30.04
N ASP C 204 5.81 11.67 -31.32
CA ASP C 204 6.10 10.31 -31.81
C ASP C 204 6.97 10.35 -33.06
N ASP C 205 7.08 9.19 -33.70
CA ASP C 205 7.97 8.97 -34.82
C ASP C 205 7.20 8.90 -36.15
N ARG C 206 5.98 9.44 -36.19
CA ARG C 206 5.13 9.40 -37.40
C ARG C 206 5.03 10.78 -38.10
N GLY C 207 6.05 11.58 -37.90
CA GLY C 207 6.25 12.82 -38.65
C GLY C 207 5.07 13.64 -39.10
N GLY C 208 4.11 13.89 -38.23
CA GLY C 208 2.97 14.74 -38.56
C GLY C 208 1.99 14.64 -37.41
N TRP C 209 0.86 15.34 -37.52
CA TRP C 209 -0.25 15.14 -36.60
C TRP C 209 -0.89 13.78 -36.80
N GLY C 210 -1.33 13.17 -35.70
CA GLY C 210 -1.89 11.82 -35.76
C GLY C 210 -2.80 11.55 -34.57
N ILE C 211 -3.62 10.52 -34.67
CA ILE C 211 -4.53 10.18 -33.57
C ILE C 211 -3.75 9.64 -32.36
N SER C 212 -4.00 10.24 -31.19
CA SER C 212 -3.43 9.73 -29.94
C SER C 212 -4.07 8.43 -29.51
N PRO C 213 -3.27 7.42 -29.17
CA PRO C 213 -3.80 6.21 -28.55
C PRO C 213 -4.50 6.48 -27.20
N ARG C 214 -4.17 7.60 -26.56
CA ARG C 214 -4.94 8.06 -25.40
C ARG C 214 -6.19 8.67 -26.01
N GLY C 215 -7.33 8.65 -25.34
CA GLY C 215 -8.53 9.16 -26.02
C GLY C 215 -8.57 10.67 -26.29
N ALA C 216 -7.41 11.34 -26.19
CA ALA C 216 -7.33 12.82 -26.15
C ALA C 216 -5.96 13.34 -26.58
N GLY C 217 -5.89 14.62 -26.95
CA GLY C 217 -4.69 15.22 -27.54
C GLY C 217 -4.37 14.62 -28.91
N TYR C 218 -3.20 14.96 -29.45
CA TYR C 218 -2.75 14.37 -30.70
C TYR C 218 -1.31 13.90 -30.57
N THR C 219 -0.91 12.93 -31.40
CA THR C 219 0.51 12.65 -31.56
C THR C 219 1.10 13.61 -32.57
N PHE C 220 2.39 13.88 -32.46
CA PHE C 220 3.05 14.78 -33.40
C PHE C 220 4.50 14.41 -33.65
N GLY C 221 4.94 14.51 -34.90
CA GLY C 221 6.29 14.11 -35.27
C GLY C 221 7.27 15.26 -35.38
N GLN C 222 8.49 14.92 -35.75
CA GLN C 222 9.60 15.89 -35.77
C GLN C 222 9.33 17.26 -36.42
N ASP C 223 8.60 17.25 -37.54
CA ASP C 223 8.40 18.46 -38.35
C ASP C 223 7.58 19.52 -37.68
N ILE C 224 6.62 19.10 -36.85
CA ILE C 224 5.85 20.04 -36.04
C ILE C 224 6.80 20.70 -35.04
N SER C 225 7.55 19.87 -34.31
CA SER C 225 8.51 20.35 -33.32
C SER C 225 9.45 21.37 -33.95
N GLU C 226 10.06 20.99 -35.08
CA GLU C 226 10.98 21.87 -35.78
C GLU C 226 10.34 23.20 -36.21
N THR C 227 9.13 23.14 -36.77
CA THR C 227 8.44 24.39 -37.12
C THR C 227 8.13 25.21 -35.87
N PHE C 228 7.55 24.55 -34.88
CA PHE C 228 7.13 25.21 -33.65
C PHE C 228 8.31 25.87 -32.95
N ASN C 229 9.43 25.16 -32.85
CA ASN C 229 10.63 25.74 -32.29
C ASN C 229 11.17 26.93 -33.09
N HIS C 230 11.24 26.78 -34.42
CA HIS C 230 11.78 27.83 -35.27
C HIS C 230 10.90 29.08 -35.26
N ALA C 231 9.58 28.87 -35.25
CA ALA C 231 8.63 29.96 -35.26
C ALA C 231 8.66 30.77 -33.97
N ASN C 232 9.04 30.13 -32.87
CA ASN C 232 8.99 30.80 -31.59
C ASN C 232 10.36 31.14 -31.01
N GLY C 233 11.41 30.67 -31.69
CA GLY C 233 12.77 30.98 -31.29
C GLY C 233 13.08 30.25 -30.01
N LEU C 234 12.67 28.99 -29.95
CA LEU C 234 12.93 28.12 -28.83
C LEU C 234 14.03 27.15 -29.19
N THR C 235 14.96 26.89 -28.27
CA THR C 235 15.99 25.92 -28.58
C THR C 235 15.54 24.50 -28.24
N LEU C 236 14.49 24.39 -27.44
CA LEU C 236 14.07 23.08 -26.93
C LEU C 236 12.65 23.11 -26.37
N VAL C 237 11.87 22.08 -26.68
CA VAL C 237 10.62 21.86 -25.98
C VAL C 237 10.85 20.83 -24.86
N SER C 238 10.51 21.22 -23.65
CA SER C 238 10.68 20.35 -22.51
C SER C 238 9.31 19.93 -21.99
N ARG C 239 9.09 18.63 -21.85
CA ARG C 239 7.75 18.09 -21.59
C ARG C 239 7.84 16.85 -20.67
N ALA C 240 6.78 16.32 -20.18
CA ALA C 240 6.81 15.42 -19.04
C ALA C 240 5.64 14.48 -18.85
N HIS C 241 4.78 14.18 -19.91
CA HIS C 241 3.69 13.33 -19.53
C HIS C 241 3.63 11.80 -19.73
N GLN C 242 4.76 11.27 -20.17
CA GLN C 242 4.89 9.92 -20.72
C GLN C 242 6.04 9.14 -20.04
N LEU C 243 5.73 8.00 -19.45
CA LEU C 243 6.77 7.19 -18.82
C LEU C 243 7.91 6.88 -19.78
N VAL C 244 9.13 7.16 -19.32
CA VAL C 244 10.34 6.75 -20.05
C VAL C 244 11.26 5.97 -19.10
N MET C 245 11.80 4.84 -19.58
CA MET C 245 12.50 3.91 -18.70
C MET C 245 13.84 4.42 -18.17
N GLU C 246 14.44 5.37 -18.88
CA GLU C 246 15.67 6.01 -18.41
C GLU C 246 15.38 7.29 -17.61
N GLY C 247 14.11 7.52 -17.28
CA GLY C 247 13.71 8.68 -16.53
C GLY C 247 13.70 9.96 -17.35
N TYR C 248 14.42 9.97 -18.47
CA TYR C 248 14.37 11.07 -19.42
C TYR C 248 14.74 10.56 -20.82
N ASN C 249 14.17 11.20 -21.85
CA ASN C 249 14.33 10.77 -23.24
C ASN C 249 14.34 11.89 -24.28
N TRP C 250 15.38 11.92 -25.09
CA TRP C 250 15.44 12.84 -26.21
C TRP C 250 14.68 12.28 -27.41
N CYS C 251 14.04 13.15 -28.19
CA CYS C 251 13.55 12.78 -29.53
C CYS C 251 13.41 13.99 -30.43
N HIS C 252 13.06 13.74 -31.70
CA HIS C 252 12.86 14.78 -32.71
C HIS C 252 14.12 15.61 -32.92
N ASP C 253 15.24 14.94 -33.17
CA ASP C 253 16.52 15.63 -33.37
C ASP C 253 16.74 16.63 -32.22
N ARG C 254 16.45 16.18 -31.00
CA ARG C 254 16.62 16.98 -29.77
C ARG C 254 15.84 18.29 -29.72
N ASN C 255 14.69 18.32 -30.36
CA ASN C 255 13.80 19.48 -30.26
C ASN C 255 12.90 19.33 -29.04
N VAL C 256 12.76 18.09 -28.59
CA VAL C 256 11.95 17.84 -27.42
C VAL C 256 12.59 16.87 -26.45
N VAL C 257 12.38 17.11 -25.17
CA VAL C 257 12.76 16.12 -24.17
C VAL C 257 11.59 15.76 -23.27
N THR C 258 11.48 14.47 -22.99
CA THR C 258 10.55 13.98 -22.01
C THR C 258 11.31 13.76 -20.72
N ILE C 259 10.85 14.40 -19.65
CA ILE C 259 11.38 14.17 -18.32
C ILE C 259 10.29 13.53 -17.46
N PHE C 260 10.65 12.52 -16.68
CA PHE C 260 9.69 11.77 -15.90
C PHE C 260 10.26 11.47 -14.52
N SER C 261 9.55 11.92 -13.48
CA SER C 261 10.14 12.00 -12.14
C SER C 261 9.55 11.05 -11.11
N ALA C 262 8.81 10.06 -11.56
CA ALA C 262 8.26 9.06 -10.66
C ALA C 262 8.93 7.70 -10.94
N PRO C 263 9.94 7.32 -10.11
CA PRO C 263 10.68 6.08 -10.36
C PRO C 263 9.81 4.90 -10.00
N ASN C 264 9.97 3.80 -10.74
CA ASN C 264 9.13 2.62 -10.57
C ASN C 264 7.67 3.04 -10.37
N TYR C 265 7.11 3.62 -11.42
CA TYR C 265 5.75 4.20 -11.44
C TYR C 265 4.66 3.25 -10.96
N CYS C 266 3.78 3.75 -10.09
CA CYS C 266 2.72 2.96 -9.43
C CYS C 266 3.32 1.80 -8.66
N TYR C 267 4.63 1.87 -8.46
CA TYR C 267 5.42 0.85 -7.78
C TYR C 267 5.45 -0.44 -8.59
N ARG C 268 5.13 -0.30 -9.87
CA ARG C 268 5.07 -1.44 -10.77
C ARG C 268 6.08 -1.31 -11.90
N CYS C 269 6.12 -0.15 -12.55
CA CYS C 269 6.78 -0.01 -13.85
C CYS C 269 8.27 -0.23 -13.97
N GLY C 270 9.02 -0.22 -12.87
CA GLY C 270 10.46 -0.47 -12.92
C GLY C 270 11.36 0.57 -13.61
N ASN C 271 10.76 1.69 -14.07
CA ASN C 271 11.52 2.79 -14.67
C ASN C 271 12.39 3.54 -13.67
N GLN C 272 13.47 4.13 -14.19
CA GLN C 272 14.26 5.12 -13.48
C GLN C 272 13.51 6.43 -13.55
N ALA C 273 13.82 7.36 -12.65
CA ALA C 273 13.27 8.70 -12.75
C ALA C 273 14.38 9.68 -13.10
N ALA C 274 14.00 10.89 -13.49
CA ALA C 274 14.97 11.91 -13.79
C ALA C 274 14.44 13.31 -13.55
N ILE C 275 15.38 14.25 -13.42
CA ILE C 275 15.10 15.68 -13.42
C ILE C 275 16.23 16.31 -14.22
N MET C 276 16.02 17.54 -14.69
CA MET C 276 16.98 18.23 -15.54
C MET C 276 17.37 19.55 -14.92
N GLU C 277 18.67 19.80 -14.76
CA GLU C 277 19.11 21.06 -14.17
C GLU C 277 19.53 22.03 -15.24
N LEU C 278 18.89 23.18 -15.27
CA LEU C 278 19.32 24.28 -16.12
C LEU C 278 20.15 25.25 -15.27
N ASP C 279 21.43 25.39 -15.60
CA ASP C 279 22.32 26.19 -14.74
C ASP C 279 22.24 27.69 -15.08
N ASP C 280 23.11 28.51 -14.49
CA ASP C 280 23.09 29.97 -14.71
C ASP C 280 23.16 30.36 -16.19
N THR C 281 23.85 29.58 -17.01
CA THR C 281 24.01 29.91 -18.41
C THR C 281 23.22 28.96 -19.27
N LEU C 282 22.21 28.35 -18.65
CA LEU C 282 21.23 27.51 -19.32
C LEU C 282 21.81 26.24 -19.95
N LYS C 283 22.98 25.78 -19.49
CA LYS C 283 23.50 24.48 -19.93
C LYS C 283 22.69 23.44 -19.19
N TYR C 284 22.39 22.30 -19.82
CA TYR C 284 21.58 21.29 -19.14
C TYR C 284 22.39 20.11 -18.62
N SER C 285 21.75 19.33 -17.76
CA SER C 285 22.29 18.08 -17.22
C SER C 285 21.16 17.35 -16.55
N PHE C 286 21.15 16.03 -16.71
CA PHE C 286 20.06 15.22 -16.20
C PHE C 286 20.56 14.42 -15.04
N LEU C 287 19.68 14.17 -14.08
CA LEU C 287 20.03 13.35 -12.94
C LEU C 287 19.00 12.23 -12.87
N GLN C 288 19.47 11.00 -13.01
CA GLN C 288 18.58 9.87 -12.89
C GLN C 288 18.63 9.39 -11.46
N PHE C 289 17.58 8.73 -10.99
CA PHE C 289 17.56 8.18 -9.64
C PHE C 289 16.53 7.09 -9.51
N ASP C 290 16.81 6.12 -8.63
CA ASP C 290 15.91 5.01 -8.38
C ASP C 290 14.90 5.38 -7.32
N PRO C 291 13.92 4.49 -7.04
CA PRO C 291 13.03 4.74 -5.91
C PRO C 291 13.77 4.70 -4.58
N ALA C 292 13.32 5.50 -3.63
CA ALA C 292 13.95 5.58 -2.31
C ALA C 292 13.75 4.29 -1.51
N PRO C 293 14.74 3.93 -0.66
CA PRO C 293 14.64 2.78 0.22
C PRO C 293 13.34 2.84 1.00
N ARG C 294 12.51 1.82 0.79
CA ARG C 294 11.25 1.77 1.49
C ARG C 294 11.53 0.85 2.68
N ARG C 295 11.45 1.45 3.86
CA ARG C 295 11.81 0.79 5.11
C ARG C 295 10.91 -0.41 5.48
N THR C 301 -1.50 -4.19 10.40
CA THR C 301 -2.74 -4.90 10.75
C THR C 301 -3.59 -5.19 9.50
N ARG C 302 -4.81 -5.68 9.72
CA ARG C 302 -5.85 -5.75 8.67
C ARG C 302 -6.56 -4.38 8.66
N ARG C 303 -6.68 -3.79 7.47
CA ARG C 303 -7.15 -2.42 7.30
C ARG C 303 -8.57 -2.22 7.86
N THR C 304 -8.98 -0.95 8.01
CA THR C 304 -10.37 -0.63 8.30
C THR C 304 -11.25 -0.96 7.08
N PRO C 305 -12.37 -1.68 7.28
CA PRO C 305 -13.31 -2.00 6.21
C PRO C 305 -13.73 -0.78 5.41
N ASP C 306 -13.89 -0.94 4.09
CA ASP C 306 -14.18 0.22 3.25
C ASP C 306 -15.60 0.73 3.40
N TYR C 307 -16.43 -0.02 4.14
CA TYR C 307 -17.79 0.42 4.48
C TYR C 307 -17.90 1.17 5.82
N PHE C 308 -16.76 1.53 6.38
CA PHE C 308 -16.70 2.36 7.59
C PHE C 308 -16.57 3.84 7.20
N LEU C 309 -17.19 4.71 7.99
CA LEU C 309 -17.05 6.18 7.92
C LEU C 309 -18.26 6.80 8.61
N PRO D 1 8.95 12.63 -56.10
CA PRO D 1 9.02 11.96 -54.80
C PRO D 1 8.84 12.95 -53.64
N SER D 2 9.25 14.19 -53.89
CA SER D 2 9.16 15.29 -52.92
C SER D 2 7.72 15.75 -52.76
N THR D 3 7.17 16.40 -53.79
CA THR D 3 5.84 17.01 -53.72
C THR D 3 4.78 16.08 -53.13
N LEU D 4 4.94 14.77 -53.34
CA LEU D 4 4.02 13.77 -52.79
C LEU D 4 3.92 13.85 -51.26
N LEU D 5 5.09 13.81 -50.61
CA LEU D 5 5.20 13.96 -49.17
C LEU D 5 4.69 15.34 -48.78
N LYS D 6 5.16 16.36 -49.47
CA LYS D 6 4.69 17.74 -49.28
C LYS D 6 3.16 17.86 -49.38
N ASN D 7 2.52 17.03 -50.21
CA ASN D 7 1.06 17.05 -50.33
C ASN D 7 0.39 16.45 -49.11
N TYR D 8 0.75 15.21 -48.77
CA TYR D 8 0.36 14.57 -47.51
C TYR D 8 0.50 15.48 -46.30
N GLN D 9 1.50 16.35 -46.34
CA GLN D 9 1.77 17.28 -45.26
C GLN D 9 0.65 18.29 -45.12
N ASP D 10 0.38 19.02 -46.20
CA ASP D 10 -0.69 20.01 -46.25
C ASP D 10 -2.05 19.36 -46.01
N ASN D 11 -2.25 18.21 -46.64
CA ASN D 11 -3.46 17.41 -46.42
C ASN D 11 -3.71 17.09 -44.96
N ASN D 12 -2.67 17.17 -44.13
CA ASN D 12 -2.84 16.80 -42.73
C ASN D 12 -3.12 17.93 -41.79
N LYS D 13 -2.45 19.05 -41.93
CA LYS D 13 -2.95 20.26 -41.28
C LYS D 13 -4.45 20.39 -41.57
N MET D 14 -4.80 20.18 -42.84
CA MET D 14 -6.16 20.28 -43.35
C MET D 14 -7.14 19.42 -42.57
N LEU D 15 -6.85 18.13 -42.51
CA LEU D 15 -7.77 17.19 -41.89
C LEU D 15 -7.86 17.35 -40.38
N VAL D 16 -6.70 17.58 -39.75
CA VAL D 16 -6.64 17.78 -38.32
C VAL D 16 -7.45 19.01 -37.95
N LEU D 17 -7.14 20.13 -38.58
CA LEU D 17 -7.90 21.37 -38.34
C LEU D 17 -9.40 21.13 -38.44
N ALA D 18 -9.80 20.31 -39.42
CA ALA D 18 -11.20 20.00 -39.63
C ALA D 18 -11.76 19.15 -38.50
N LEU D 19 -11.06 18.08 -38.12
CA LEU D 19 -11.41 17.24 -36.97
C LEU D 19 -11.61 18.10 -35.75
N GLU D 20 -10.69 19.02 -35.53
CA GLU D 20 -10.73 19.85 -34.35
C GLU D 20 -11.95 20.76 -34.42
N ASN D 21 -12.29 21.19 -35.63
CA ASN D 21 -13.49 22.01 -35.85
C ASN D 21 -14.80 21.24 -35.60
N GLU D 22 -14.90 20.01 -36.10
CA GLU D 22 -16.09 19.22 -35.83
C GLU D 22 -16.23 18.88 -34.36
N LYS D 23 -15.11 18.56 -33.69
CA LYS D 23 -15.10 18.26 -32.26
C LYS D 23 -15.65 19.45 -31.49
N SER D 24 -15.24 20.64 -31.91
CA SER D 24 -15.73 21.90 -31.38
C SER D 24 -17.26 21.98 -31.46
N LYS D 25 -17.79 21.44 -32.55
CA LYS D 25 -19.21 21.53 -32.94
C LYS D 25 -20.10 20.59 -32.16
N VAL D 26 -19.56 19.43 -31.79
CA VAL D 26 -20.28 18.45 -31.00
C VAL D 26 -20.48 19.02 -29.62
N LYS D 27 -19.50 19.78 -29.15
CA LYS D 27 -19.52 20.35 -27.80
C LYS D 27 -20.52 21.48 -27.72
N GLU D 28 -20.61 22.27 -28.78
CA GLU D 28 -21.56 23.37 -28.85
C GLU D 28 -22.98 22.84 -28.94
N ALA D 29 -23.15 21.72 -29.66
CA ALA D 29 -24.44 21.07 -29.78
C ALA D 29 -24.88 20.47 -28.45
N GLN D 30 -23.91 19.92 -27.71
CA GLN D 30 -24.14 19.41 -26.36
C GLN D 30 -24.65 20.47 -25.39
N ASP D 31 -24.20 21.71 -25.57
CA ASP D 31 -24.68 22.82 -24.76
C ASP D 31 -26.12 23.18 -25.11
N ILE D 32 -26.47 23.13 -26.39
CA ILE D 32 -27.85 23.37 -26.80
C ILE D 32 -28.73 22.31 -26.14
N ILE D 33 -28.29 21.05 -26.18
CA ILE D 33 -29.04 19.93 -25.61
C ILE D 33 -29.23 20.07 -24.11
N LEU D 34 -28.20 20.52 -23.41
CA LEU D 34 -28.32 20.73 -21.97
C LEU D 34 -29.33 21.84 -21.67
N GLN D 35 -29.25 22.96 -22.40
CA GLN D 35 -30.23 24.05 -22.23
C GLN D 35 -31.65 23.58 -22.45
N LEU D 36 -31.86 22.83 -23.51
CA LEU D 36 -33.20 22.40 -23.87
C LEU D 36 -33.73 21.43 -22.83
N ARG D 37 -32.85 20.54 -22.38
CA ARG D 37 -33.17 19.62 -21.29
C ARG D 37 -33.63 20.41 -20.06
N LYS D 38 -32.90 21.47 -19.73
CA LYS D 38 -33.30 22.38 -18.65
C LYS D 38 -34.67 23.01 -18.93
N GLU D 39 -34.92 23.35 -20.18
CA GLU D 39 -36.17 24.01 -20.49
C GLU D 39 -37.34 23.04 -20.39
N CYS D 40 -37.18 21.83 -20.90
CA CYS D 40 -38.19 20.80 -20.75
C CYS D 40 -38.56 20.61 -19.29
N TYR D 41 -37.56 20.66 -18.42
CA TYR D 41 -37.76 20.49 -16.99
C TYR D 41 -38.56 21.63 -16.41
N TYR D 42 -38.09 22.87 -16.61
CA TYR D 42 -38.81 24.04 -16.12
C TYR D 42 -40.27 24.10 -16.62
N LEU D 43 -40.51 23.64 -17.85
CA LEU D 43 -41.83 23.71 -18.45
C LEU D 43 -42.76 22.62 -17.95
N THR D 44 -42.20 21.45 -17.66
CA THR D 44 -43.01 20.36 -17.13
C THR D 44 -43.35 20.59 -15.66
N CYS D 45 -42.57 21.44 -15.00
CA CYS D 45 -42.78 21.87 -13.61
C CYS D 45 -44.06 22.66 -13.44
N GLN D 46 -44.49 23.31 -14.51
CA GLN D 46 -45.64 24.20 -14.46
C GLN D 46 -46.83 23.55 -15.14
N LEU D 47 -46.87 22.22 -15.11
CA LEU D 47 -47.98 21.50 -15.73
C LEU D 47 -49.11 21.16 -14.74
N DAL E 1 1.21 -0.03 -18.55
CA DAL E 1 0.35 -1.10 -19.08
CB DAL E 1 -0.10 -0.70 -20.50
C DAL E 1 -0.92 -1.29 -18.15
O DAL E 1 -1.76 -2.13 -18.38
N LEU E 2 -0.99 -0.43 -17.14
CA LEU E 2 -2.08 -0.43 -16.16
C LEU E 2 -3.40 0.12 -16.69
C ACB E 3 -5.05 3.31 -17.78
O ACB E 3 -6.25 3.74 -18.26
OXT ACB E 3 -4.25 4.02 -17.24
CA ACB E 3 -4.86 1.78 -18.01
N ACB E 3 -3.48 1.24 -17.45
CB ACB E 3 -5.01 1.49 -19.57
CG ACB E 3 -4.03 2.34 -20.40
OD1 ACB E 3 -2.81 2.22 -20.27
C4 ACB E 3 -4.82 -0.01 -19.90
N ARG E 4 -4.57 3.22 -21.24
CA ARG E 4 -3.74 4.06 -22.07
C ARG E 4 -3.46 5.45 -21.49
C1 1ZN E 5 -11.73 12.32 -23.19
O1 1ZN E 5 -11.58 11.48 -22.04
C2 1ZN E 5 -10.24 11.17 -21.77
C3 1ZN E 5 -9.84 11.78 -20.41
C4 1ZN E 5 -9.99 13.28 -20.34
C5 1ZN E 5 -9.16 14.14 -21.12
C6 1ZN E 5 -9.31 15.54 -21.05
C7 1ZN E 5 -10.29 16.10 -20.19
C8 1ZN E 5 -11.12 15.26 -19.43
C9 1ZN E 5 -10.97 13.85 -19.50
C10 1ZN E 5 -10.06 9.62 -21.76
C11 1ZN E 5 -10.46 9.00 -23.09
C12 1ZN E 5 -8.61 9.29 -21.47
C13 1ZN E 5 -8.12 8.20 -20.81
C14 1ZN E 5 -8.98 7.10 -20.23
C15 1ZN E 5 -6.67 8.06 -20.63
C16 1ZN E 5 -6.00 7.05 -20.05
CA 1ZN E 5 -4.50 7.06 -19.92
N 1ZN E 5 -3.95 5.71 -20.27
C18 1ZN E 5 -4.08 7.44 -18.49
C19 1ZN E 5 -4.56 8.84 -18.07
C 1ZN E 5 -2.56 7.41 -18.42
O 1ZN E 5 -1.89 8.45 -18.47
N FGA E 6 -2.01 6.20 -18.31
CA FGA E 6 -0.55 6.00 -18.13
C FGA E 6 -0.11 6.63 -16.75
O FGA E 6 0.90 7.54 -16.93
CB FGA E 6 -0.25 4.52 -18.18
CG FGA E 6 1.29 4.15 -18.03
CD FGA E 6 1.47 2.72 -17.45
OE1 FGA E 6 0.53 2.15 -16.88
OXT FGA E 6 -0.60 6.37 -15.66
N DAM E 7 2.67 2.14 -17.62
CM DAM E 7 3.70 2.73 -18.51
CA DAM E 7 2.92 0.83 -17.07
CB DAM E 7 4.19 0.38 -16.82
C DAM E 7 2.09 -0.29 -17.59
O DAM E 7 2.25 -1.42 -17.10
MN MN F . 1.39 11.00 -15.68
MN MN G . 0.27 13.09 -17.91
#